data_4G08
# 
_entry.id   4G08 
# 
_audit_conform.dict_name       mmcif_pdbx.dic 
_audit_conform.dict_version    5.387 
_audit_conform.dict_location   http://mmcif.pdb.org/dictionaries/ascii/mmcif_pdbx.dic 
# 
loop_
_database_2.database_id 
_database_2.database_code 
_database_2.pdbx_database_accession 
_database_2.pdbx_DOI 
PDB   4G08         pdb_00004g08 10.2210/pdb4g08/pdb 
RCSB  RCSB073573   ?            ?                   
WWPDB D_1000073573 ?            ?                   
# 
loop_
_pdbx_audit_revision_history.ordinal 
_pdbx_audit_revision_history.data_content_type 
_pdbx_audit_revision_history.major_revision 
_pdbx_audit_revision_history.minor_revision 
_pdbx_audit_revision_history.revision_date 
1 'Structure model' 1 0 2013-05-08 
2 'Structure model' 1 1 2013-05-22 
3 'Structure model' 1 2 2019-07-17 
4 'Structure model' 1 3 2024-02-28 
# 
_pdbx_audit_revision_details.ordinal             1 
_pdbx_audit_revision_details.revision_ordinal    1 
_pdbx_audit_revision_details.data_content_type   'Structure model' 
_pdbx_audit_revision_details.provider            repository 
_pdbx_audit_revision_details.type                'Initial release' 
_pdbx_audit_revision_details.description         ? 
_pdbx_audit_revision_details.details             ? 
# 
loop_
_pdbx_audit_revision_group.ordinal 
_pdbx_audit_revision_group.revision_ordinal 
_pdbx_audit_revision_group.data_content_type 
_pdbx_audit_revision_group.group 
1 2 'Structure model' 'Database references'    
2 3 'Structure model' 'Data collection'        
3 3 'Structure model' 'Refinement description' 
4 4 'Structure model' 'Data collection'        
5 4 'Structure model' 'Database references'    
# 
loop_
_pdbx_audit_revision_category.ordinal 
_pdbx_audit_revision_category.revision_ordinal 
_pdbx_audit_revision_category.data_content_type 
_pdbx_audit_revision_category.category 
1 3 'Structure model' software           
2 4 'Structure model' chem_comp_atom     
3 4 'Structure model' chem_comp_bond     
4 4 'Structure model' database_2         
5 4 'Structure model' struct_ref_seq_dif 
# 
loop_
_pdbx_audit_revision_item.ordinal 
_pdbx_audit_revision_item.revision_ordinal 
_pdbx_audit_revision_item.data_content_type 
_pdbx_audit_revision_item.item 
1 3 'Structure model' '_software.classification'            
2 3 'Structure model' '_software.name'                      
3 3 'Structure model' '_software.version'                   
4 4 'Structure model' '_database_2.pdbx_DOI'                
5 4 'Structure model' '_database_2.pdbx_database_accession' 
6 4 'Structure model' '_struct_ref_seq_dif.details'         
# 
_pdbx_database_status.status_code                     REL 
_pdbx_database_status.entry_id                        4G08 
_pdbx_database_status.recvd_initial_deposition_date   2012-07-09 
_pdbx_database_status.deposit_site                    RCSB 
_pdbx_database_status.process_site                    RCSB 
_pdbx_database_status.status_code_sf                  REL 
_pdbx_database_status.status_code_mr                  ? 
_pdbx_database_status.SG_entry                        ? 
_pdbx_database_status.status_code_cs                  ? 
_pdbx_database_status.methods_development_category    ? 
_pdbx_database_status.pdb_format_compatible           Y 
_pdbx_database_status.status_code_nmr_data            ? 
# 
loop_
_pdbx_database_related.db_name 
_pdbx_database_related.db_id 
_pdbx_database_related.details 
_pdbx_database_related.content_type 
PDB 3J1V . unspecified 
PDB 4G1I . unspecified 
PDB 4G2S . unspecified 
# 
loop_
_audit_author.name 
_audit_author.pdbx_ordinal 
'Bergeron, J.R.C.'  1 
'Strynadka, N.C.J.' 2 
# 
_citation.id                        primary 
_citation.title                     
'A Refined Model of the Prototypical Salmonella SPI-1 T3SS Basal Body Reveals the Molecular Basis for Its Assembly.' 
_citation.journal_abbrev            'Plos Pathog.' 
_citation.journal_volume            9 
_citation.page_first                e1003307 
_citation.page_last                 e1003307 
_citation.year                      2013 
_citation.journal_id_ASTM           ? 
_citation.country                   US 
_citation.journal_id_ISSN           1553-7366 
_citation.journal_id_CSD            ? 
_citation.book_publisher            ? 
_citation.pdbx_database_id_PubMed   23633951 
_citation.pdbx_database_id_DOI      10.1371/journal.ppat.1003307 
# 
loop_
_citation_author.citation_id 
_citation_author.name 
_citation_author.ordinal 
_citation_author.identifier_ORCID 
primary 'Bergeron, J.R.'  1  ? 
primary 'Worrall, L.J.'   2  ? 
primary 'Sgourakis, N.G.' 3  ? 
primary 'Dimaio, F.'      4  ? 
primary 'Pfuetzner, R.A.' 5  ? 
primary 'Felise, H.B.'    6  ? 
primary 'Vuckovic, M.'    7  ? 
primary 'Yu, A.C.'        8  ? 
primary 'Miller, S.I.'    9  ? 
primary 'Baker, D.'       10 ? 
primary 'Strynadka, N.C.' 11 ? 
# 
loop_
_entity.id 
_entity.type 
_entity.src_method 
_entity.pdbx_description 
_entity.formula_weight 
_entity.pdbx_number_of_molecules 
_entity.pdbx_ec 
_entity.pdbx_mutation 
_entity.pdbx_fragment 
_entity.details 
1 polymer man 'Protein InvG' 17838.301 1   ? ? 'UNP residues 22-179' ? 
2 water   nat water          18.015    112 ? ? ?                     ? 
# 
_entity_poly.entity_id                      1 
_entity_poly.type                           'polypeptide(L)' 
_entity_poly.nstd_linkage                   no 
_entity_poly.nstd_monomer                   no 
_entity_poly.pdbx_seq_one_letter_code       
;GSGYSSEKIPVTGSGFVAKDDSLRTFFDAMALQLKEPVIVSKMAARKKITGNFEFHDPNALLEKLSLQLGLIWYFDGQAI
YIYDASEMRNAVVSLRNVSLNEFNNFLKRSGLYNKNYPLRGDNRKGTFYVSGPPVYVDMVVNAATMMDKQNDGIELGRQ
;
_entity_poly.pdbx_seq_one_letter_code_can   
;GSGYSSEKIPVTGSGFVAKDDSLRTFFDAMALQLKEPVIVSKMAARKKITGNFEFHDPNALLEKLSLQLGLIWYFDGQAI
YIYDASEMRNAVVSLRNVSLNEFNNFLKRSGLYNKNYPLRGDNRKGTFYVSGPPVYVDMVVNAATMMDKQNDGIELGRQ
;
_entity_poly.pdbx_strand_id                 A 
_entity_poly.pdbx_target_identifier         ? 
# 
_pdbx_entity_nonpoly.entity_id   2 
_pdbx_entity_nonpoly.name        water 
_pdbx_entity_nonpoly.comp_id     HOH 
# 
loop_
_entity_poly_seq.entity_id 
_entity_poly_seq.num 
_entity_poly_seq.mon_id 
_entity_poly_seq.hetero 
1 1   GLY n 
1 2   SER n 
1 3   GLY n 
1 4   TYR n 
1 5   SER n 
1 6   SER n 
1 7   GLU n 
1 8   LYS n 
1 9   ILE n 
1 10  PRO n 
1 11  VAL n 
1 12  THR n 
1 13  GLY n 
1 14  SER n 
1 15  GLY n 
1 16  PHE n 
1 17  VAL n 
1 18  ALA n 
1 19  LYS n 
1 20  ASP n 
1 21  ASP n 
1 22  SER n 
1 23  LEU n 
1 24  ARG n 
1 25  THR n 
1 26  PHE n 
1 27  PHE n 
1 28  ASP n 
1 29  ALA n 
1 30  MET n 
1 31  ALA n 
1 32  LEU n 
1 33  GLN n 
1 34  LEU n 
1 35  LYS n 
1 36  GLU n 
1 37  PRO n 
1 38  VAL n 
1 39  ILE n 
1 40  VAL n 
1 41  SER n 
1 42  LYS n 
1 43  MET n 
1 44  ALA n 
1 45  ALA n 
1 46  ARG n 
1 47  LYS n 
1 48  LYS n 
1 49  ILE n 
1 50  THR n 
1 51  GLY n 
1 52  ASN n 
1 53  PHE n 
1 54  GLU n 
1 55  PHE n 
1 56  HIS n 
1 57  ASP n 
1 58  PRO n 
1 59  ASN n 
1 60  ALA n 
1 61  LEU n 
1 62  LEU n 
1 63  GLU n 
1 64  LYS n 
1 65  LEU n 
1 66  SER n 
1 67  LEU n 
1 68  GLN n 
1 69  LEU n 
1 70  GLY n 
1 71  LEU n 
1 72  ILE n 
1 73  TRP n 
1 74  TYR n 
1 75  PHE n 
1 76  ASP n 
1 77  GLY n 
1 78  GLN n 
1 79  ALA n 
1 80  ILE n 
1 81  TYR n 
1 82  ILE n 
1 83  TYR n 
1 84  ASP n 
1 85  ALA n 
1 86  SER n 
1 87  GLU n 
1 88  MET n 
1 89  ARG n 
1 90  ASN n 
1 91  ALA n 
1 92  VAL n 
1 93  VAL n 
1 94  SER n 
1 95  LEU n 
1 96  ARG n 
1 97  ASN n 
1 98  VAL n 
1 99  SER n 
1 100 LEU n 
1 101 ASN n 
1 102 GLU n 
1 103 PHE n 
1 104 ASN n 
1 105 ASN n 
1 106 PHE n 
1 107 LEU n 
1 108 LYS n 
1 109 ARG n 
1 110 SER n 
1 111 GLY n 
1 112 LEU n 
1 113 TYR n 
1 114 ASN n 
1 115 LYS n 
1 116 ASN n 
1 117 TYR n 
1 118 PRO n 
1 119 LEU n 
1 120 ARG n 
1 121 GLY n 
1 122 ASP n 
1 123 ASN n 
1 124 ARG n 
1 125 LYS n 
1 126 GLY n 
1 127 THR n 
1 128 PHE n 
1 129 TYR n 
1 130 VAL n 
1 131 SER n 
1 132 GLY n 
1 133 PRO n 
1 134 PRO n 
1 135 VAL n 
1 136 TYR n 
1 137 VAL n 
1 138 ASP n 
1 139 MET n 
1 140 VAL n 
1 141 VAL n 
1 142 ASN n 
1 143 ALA n 
1 144 ALA n 
1 145 THR n 
1 146 MET n 
1 147 MET n 
1 148 ASP n 
1 149 LYS n 
1 150 GLN n 
1 151 ASN n 
1 152 ASP n 
1 153 GLY n 
1 154 ILE n 
1 155 GLU n 
1 156 LEU n 
1 157 GLY n 
1 158 ARG n 
1 159 GLN n 
# 
_entity_src_gen.entity_id                          1 
_entity_src_gen.pdbx_src_id                        1 
_entity_src_gen.pdbx_alt_source_flag               sample 
_entity_src_gen.pdbx_seq_type                      ? 
_entity_src_gen.pdbx_beg_seq_num                   ? 
_entity_src_gen.pdbx_end_seq_num                   ? 
_entity_src_gen.gene_src_common_name               'Salmonella typhimurium' 
_entity_src_gen.gene_src_genus                     ? 
_entity_src_gen.pdbx_gene_src_gene                 'invG, STM2898' 
_entity_src_gen.gene_src_species                   ? 
_entity_src_gen.gene_src_strain                    ? 
_entity_src_gen.gene_src_tissue                    ? 
_entity_src_gen.gene_src_tissue_fraction           ? 
_entity_src_gen.gene_src_details                   ? 
_entity_src_gen.pdbx_gene_src_fragment             ? 
_entity_src_gen.pdbx_gene_src_scientific_name      'Salmonella enterica subsp. enterica serovar Typhimurium' 
_entity_src_gen.pdbx_gene_src_ncbi_taxonomy_id     90371 
_entity_src_gen.pdbx_gene_src_variant              ? 
_entity_src_gen.pdbx_gene_src_cell_line            ? 
_entity_src_gen.pdbx_gene_src_atcc                 ? 
_entity_src_gen.pdbx_gene_src_organ                ? 
_entity_src_gen.pdbx_gene_src_organelle            ? 
_entity_src_gen.pdbx_gene_src_cell                 ? 
_entity_src_gen.pdbx_gene_src_cellular_location    ? 
_entity_src_gen.host_org_common_name               ? 
_entity_src_gen.pdbx_host_org_scientific_name      'Escherichia coli' 
_entity_src_gen.pdbx_host_org_ncbi_taxonomy_id     469008 
_entity_src_gen.host_org_genus                     ? 
_entity_src_gen.pdbx_host_org_gene                 ? 
_entity_src_gen.pdbx_host_org_organ                ? 
_entity_src_gen.host_org_species                   ? 
_entity_src_gen.pdbx_host_org_tissue               ? 
_entity_src_gen.pdbx_host_org_tissue_fraction      ? 
_entity_src_gen.pdbx_host_org_strain               'BL21(DE3)' 
_entity_src_gen.pdbx_host_org_variant              ? 
_entity_src_gen.pdbx_host_org_cell_line            ? 
_entity_src_gen.pdbx_host_org_atcc                 ? 
_entity_src_gen.pdbx_host_org_culture_collection   ? 
_entity_src_gen.pdbx_host_org_cell                 ? 
_entity_src_gen.pdbx_host_org_organelle            ? 
_entity_src_gen.pdbx_host_org_cellular_location    ? 
_entity_src_gen.pdbx_host_org_vector_type          ? 
_entity_src_gen.pdbx_host_org_vector               ? 
_entity_src_gen.host_org_details                   ? 
_entity_src_gen.expression_system_id               ? 
_entity_src_gen.plasmid_name                       ? 
_entity_src_gen.plasmid_details                    ? 
_entity_src_gen.pdbx_description                   ? 
# 
loop_
_chem_comp.id 
_chem_comp.type 
_chem_comp.mon_nstd_flag 
_chem_comp.name 
_chem_comp.pdbx_synonyms 
_chem_comp.formula 
_chem_comp.formula_weight 
ALA 'L-peptide linking' y ALANINE         ? 'C3 H7 N O2'     89.093  
ARG 'L-peptide linking' y ARGININE        ? 'C6 H15 N4 O2 1' 175.209 
ASN 'L-peptide linking' y ASPARAGINE      ? 'C4 H8 N2 O3'    132.118 
ASP 'L-peptide linking' y 'ASPARTIC ACID' ? 'C4 H7 N O4'     133.103 
GLN 'L-peptide linking' y GLUTAMINE       ? 'C5 H10 N2 O3'   146.144 
GLU 'L-peptide linking' y 'GLUTAMIC ACID' ? 'C5 H9 N O4'     147.129 
GLY 'peptide linking'   y GLYCINE         ? 'C2 H5 N O2'     75.067  
HIS 'L-peptide linking' y HISTIDINE       ? 'C6 H10 N3 O2 1' 156.162 
HOH non-polymer         . WATER           ? 'H2 O'           18.015  
ILE 'L-peptide linking' y ISOLEUCINE      ? 'C6 H13 N O2'    131.173 
LEU 'L-peptide linking' y LEUCINE         ? 'C6 H13 N O2'    131.173 
LYS 'L-peptide linking' y LYSINE          ? 'C6 H15 N2 O2 1' 147.195 
MET 'L-peptide linking' y METHIONINE      ? 'C5 H11 N O2 S'  149.211 
PHE 'L-peptide linking' y PHENYLALANINE   ? 'C9 H11 N O2'    165.189 
PRO 'L-peptide linking' y PROLINE         ? 'C5 H9 N O2'     115.130 
SER 'L-peptide linking' y SERINE          ? 'C3 H7 N O3'     105.093 
THR 'L-peptide linking' y THREONINE       ? 'C4 H9 N O3'     119.119 
TRP 'L-peptide linking' y TRYPTOPHAN      ? 'C11 H12 N2 O2'  204.225 
TYR 'L-peptide linking' y TYROSINE        ? 'C9 H11 N O3'    181.189 
VAL 'L-peptide linking' y VALINE          ? 'C5 H11 N O2'    117.146 
# 
loop_
_pdbx_poly_seq_scheme.asym_id 
_pdbx_poly_seq_scheme.entity_id 
_pdbx_poly_seq_scheme.seq_id 
_pdbx_poly_seq_scheme.mon_id 
_pdbx_poly_seq_scheme.ndb_seq_num 
_pdbx_poly_seq_scheme.pdb_seq_num 
_pdbx_poly_seq_scheme.auth_seq_num 
_pdbx_poly_seq_scheme.pdb_mon_id 
_pdbx_poly_seq_scheme.auth_mon_id 
_pdbx_poly_seq_scheme.pdb_strand_id 
_pdbx_poly_seq_scheme.pdb_ins_code 
_pdbx_poly_seq_scheme.hetero 
A 1 1   GLY 1   20  ?   ?   ?   A . n 
A 1 2   SER 2   21  ?   ?   ?   A . n 
A 1 3   GLY 3   22  ?   ?   ?   A . n 
A 1 4   TYR 4   23  ?   ?   ?   A . n 
A 1 5   SER 5   24  ?   ?   ?   A . n 
A 1 6   SER 6   25  ?   ?   ?   A . n 
A 1 7   GLU 7   26  ?   ?   ?   A . n 
A 1 8   LYS 8   27  ?   ?   ?   A . n 
A 1 9   ILE 9   28  ?   ?   ?   A . n 
A 1 10  PRO 10  29  ?   ?   ?   A . n 
A 1 11  VAL 11  30  ?   ?   ?   A . n 
A 1 12  THR 12  31  ?   ?   ?   A . n 
A 1 13  GLY 13  32  ?   ?   ?   A . n 
A 1 14  SER 14  33  ?   ?   ?   A . n 
A 1 15  GLY 15  34  34  GLY GLY A . n 
A 1 16  PHE 16  35  35  PHE PHE A . n 
A 1 17  VAL 17  36  36  VAL VAL A . n 
A 1 18  ALA 18  37  37  ALA ALA A . n 
A 1 19  LYS 19  38  38  LYS LYS A . n 
A 1 20  ASP 20  39  39  ASP ASP A . n 
A 1 21  ASP 21  40  40  ASP ASP A . n 
A 1 22  SER 22  41  41  SER SER A . n 
A 1 23  LEU 23  42  42  LEU LEU A . n 
A 1 24  ARG 24  43  43  ARG ARG A . n 
A 1 25  THR 25  44  44  THR THR A . n 
A 1 26  PHE 26  45  45  PHE PHE A . n 
A 1 27  PHE 27  46  46  PHE PHE A . n 
A 1 28  ASP 28  47  47  ASP ASP A . n 
A 1 29  ALA 29  48  48  ALA ALA A . n 
A 1 30  MET 30  49  49  MET MET A . n 
A 1 31  ALA 31  50  50  ALA ALA A . n 
A 1 32  LEU 32  51  51  LEU LEU A . n 
A 1 33  GLN 33  52  52  GLN GLN A . n 
A 1 34  LEU 34  53  53  LEU LEU A . n 
A 1 35  LYS 35  54  54  LYS LYS A . n 
A 1 36  GLU 36  55  55  GLU GLU A . n 
A 1 37  PRO 37  56  56  PRO PRO A . n 
A 1 38  VAL 38  57  57  VAL VAL A . n 
A 1 39  ILE 39  58  58  ILE ILE A . n 
A 1 40  VAL 40  59  59  VAL VAL A . n 
A 1 41  SER 41  60  60  SER SER A . n 
A 1 42  LYS 42  61  61  LYS LYS A . n 
A 1 43  MET 43  62  62  MET MET A . n 
A 1 44  ALA 44  63  63  ALA ALA A . n 
A 1 45  ALA 45  64  64  ALA ALA A . n 
A 1 46  ARG 46  65  65  ARG ARG A . n 
A 1 47  LYS 47  66  66  LYS LYS A . n 
A 1 48  LYS 48  67  67  LYS LYS A . n 
A 1 49  ILE 49  68  68  ILE ILE A . n 
A 1 50  THR 50  69  69  THR THR A . n 
A 1 51  GLY 51  70  70  GLY GLY A . n 
A 1 52  ASN 52  71  71  ASN ASN A . n 
A 1 53  PHE 53  72  72  PHE PHE A . n 
A 1 54  GLU 54  73  73  GLU GLU A . n 
A 1 55  PHE 55  74  74  PHE PHE A . n 
A 1 56  HIS 56  75  75  HIS HIS A . n 
A 1 57  ASP 57  76  76  ASP ASP A . n 
A 1 58  PRO 58  77  77  PRO PRO A . n 
A 1 59  ASN 59  78  78  ASN ASN A . n 
A 1 60  ALA 60  79  79  ALA ALA A . n 
A 1 61  LEU 61  80  80  LEU LEU A . n 
A 1 62  LEU 62  81  81  LEU LEU A . n 
A 1 63  GLU 63  82  82  GLU GLU A . n 
A 1 64  LYS 64  83  83  LYS LYS A . n 
A 1 65  LEU 65  84  84  LEU LEU A . n 
A 1 66  SER 66  85  85  SER SER A . n 
A 1 67  LEU 67  86  86  LEU LEU A . n 
A 1 68  GLN 68  87  87  GLN GLN A . n 
A 1 69  LEU 69  88  88  LEU LEU A . n 
A 1 70  GLY 70  89  89  GLY GLY A . n 
A 1 71  LEU 71  90  90  LEU LEU A . n 
A 1 72  ILE 72  91  91  ILE ILE A . n 
A 1 73  TRP 73  92  92  TRP TRP A . n 
A 1 74  TYR 74  93  93  TYR TYR A . n 
A 1 75  PHE 75  94  94  PHE PHE A . n 
A 1 76  ASP 76  95  95  ASP ASP A . n 
A 1 77  GLY 77  96  96  GLY GLY A . n 
A 1 78  GLN 78  97  97  GLN GLN A . n 
A 1 79  ALA 79  98  98  ALA ALA A . n 
A 1 80  ILE 80  99  99  ILE ILE A . n 
A 1 81  TYR 81  100 100 TYR TYR A . n 
A 1 82  ILE 82  101 101 ILE ILE A . n 
A 1 83  TYR 83  102 102 TYR TYR A . n 
A 1 84  ASP 84  103 103 ASP ASP A . n 
A 1 85  ALA 85  104 104 ALA ALA A . n 
A 1 86  SER 86  105 105 SER SER A . n 
A 1 87  GLU 87  106 106 GLU GLU A . n 
A 1 88  MET 88  107 107 MET MET A . n 
A 1 89  ARG 89  108 108 ARG ARG A . n 
A 1 90  ASN 90  109 109 ASN ASN A . n 
A 1 91  ALA 91  110 110 ALA ALA A . n 
A 1 92  VAL 92  111 111 VAL VAL A . n 
A 1 93  VAL 93  112 112 VAL VAL A . n 
A 1 94  SER 94  113 113 SER SER A . n 
A 1 95  LEU 95  114 114 LEU LEU A . n 
A 1 96  ARG 96  115 115 ARG ARG A . n 
A 1 97  ASN 97  116 116 ASN ASN A . n 
A 1 98  VAL 98  117 117 VAL VAL A . n 
A 1 99  SER 99  118 118 SER SER A . n 
A 1 100 LEU 100 119 119 LEU LEU A . n 
A 1 101 ASN 101 120 120 ASN ASN A . n 
A 1 102 GLU 102 121 121 GLU GLU A . n 
A 1 103 PHE 103 122 122 PHE PHE A . n 
A 1 104 ASN 104 123 123 ASN ASN A . n 
A 1 105 ASN 105 124 124 ASN ASN A . n 
A 1 106 PHE 106 125 125 PHE PHE A . n 
A 1 107 LEU 107 126 126 LEU LEU A . n 
A 1 108 LYS 108 127 127 LYS LYS A . n 
A 1 109 ARG 109 128 128 ARG ARG A . n 
A 1 110 SER 110 129 129 SER SER A . n 
A 1 111 GLY 111 130 130 GLY GLY A . n 
A 1 112 LEU 112 131 131 LEU LEU A . n 
A 1 113 TYR 113 132 132 TYR TYR A . n 
A 1 114 ASN 114 133 133 ASN ASN A . n 
A 1 115 LYS 115 134 134 LYS LYS A . n 
A 1 116 ASN 116 135 135 ASN ASN A . n 
A 1 117 TYR 117 136 136 TYR TYR A . n 
A 1 118 PRO 118 137 137 PRO PRO A . n 
A 1 119 LEU 119 138 138 LEU LEU A . n 
A 1 120 ARG 120 139 139 ARG ARG A . n 
A 1 121 GLY 121 140 140 GLY GLY A . n 
A 1 122 ASP 122 141 141 ASP ASP A . n 
A 1 123 ASN 123 142 142 ASN ASN A . n 
A 1 124 ARG 124 143 143 ARG ARG A . n 
A 1 125 LYS 125 144 144 LYS LYS A . n 
A 1 126 GLY 126 145 145 GLY GLY A . n 
A 1 127 THR 127 146 146 THR THR A . n 
A 1 128 PHE 128 147 147 PHE PHE A . n 
A 1 129 TYR 129 148 148 TYR TYR A . n 
A 1 130 VAL 130 149 149 VAL VAL A . n 
A 1 131 SER 131 150 150 SER SER A . n 
A 1 132 GLY 132 151 151 GLY GLY A . n 
A 1 133 PRO 133 152 152 PRO PRO A . n 
A 1 134 PRO 134 153 153 PRO PRO A . n 
A 1 135 VAL 135 154 154 VAL VAL A . n 
A 1 136 TYR 136 155 155 TYR TYR A . n 
A 1 137 VAL 137 156 156 VAL VAL A . n 
A 1 138 ASP 138 157 157 ASP ASP A . n 
A 1 139 MET 139 158 158 MET MET A . n 
A 1 140 VAL 140 159 159 VAL VAL A . n 
A 1 141 VAL 141 160 160 VAL VAL A . n 
A 1 142 ASN 142 161 161 ASN ASN A . n 
A 1 143 ALA 143 162 162 ALA ALA A . n 
A 1 144 ALA 144 163 163 ALA ALA A . n 
A 1 145 THR 145 164 164 THR THR A . n 
A 1 146 MET 146 165 165 MET MET A . n 
A 1 147 MET 147 166 166 MET MET A . n 
A 1 148 ASP 148 167 167 ASP ASP A . n 
A 1 149 LYS 149 168 168 LYS LYS A . n 
A 1 150 GLN 150 169 169 GLN GLN A . n 
A 1 151 ASN 151 170 170 ASN ASN A . n 
A 1 152 ASP 152 171 171 ASP ASP A . n 
A 1 153 GLY 153 172 172 GLY GLY A . n 
A 1 154 ILE 154 173 173 ILE ILE A . n 
A 1 155 GLU 155 174 ?   ?   ?   A . n 
A 1 156 LEU 156 175 ?   ?   ?   A . n 
A 1 157 GLY 157 176 ?   ?   ?   A . n 
A 1 158 ARG 158 177 ?   ?   ?   A . n 
A 1 159 GLN 159 178 ?   ?   ?   A . n 
# 
loop_
_pdbx_nonpoly_scheme.asym_id 
_pdbx_nonpoly_scheme.entity_id 
_pdbx_nonpoly_scheme.mon_id 
_pdbx_nonpoly_scheme.ndb_seq_num 
_pdbx_nonpoly_scheme.pdb_seq_num 
_pdbx_nonpoly_scheme.auth_seq_num 
_pdbx_nonpoly_scheme.pdb_mon_id 
_pdbx_nonpoly_scheme.auth_mon_id 
_pdbx_nonpoly_scheme.pdb_strand_id 
_pdbx_nonpoly_scheme.pdb_ins_code 
B 2 HOH 1   201 1   HOH HOH A . 
B 2 HOH 2   202 2   HOH HOH A . 
B 2 HOH 3   203 3   HOH HOH A . 
B 2 HOH 4   204 4   HOH HOH A . 
B 2 HOH 5   205 5   HOH HOH A . 
B 2 HOH 6   206 6   HOH HOH A . 
B 2 HOH 7   207 7   HOH HOH A . 
B 2 HOH 8   208 8   HOH HOH A . 
B 2 HOH 9   209 9   HOH HOH A . 
B 2 HOH 10  210 10  HOH HOH A . 
B 2 HOH 11  211 11  HOH HOH A . 
B 2 HOH 12  212 12  HOH HOH A . 
B 2 HOH 13  213 13  HOH HOH A . 
B 2 HOH 14  214 14  HOH HOH A . 
B 2 HOH 15  215 15  HOH HOH A . 
B 2 HOH 16  216 16  HOH HOH A . 
B 2 HOH 17  217 17  HOH HOH A . 
B 2 HOH 18  218 18  HOH HOH A . 
B 2 HOH 19  219 19  HOH HOH A . 
B 2 HOH 20  220 20  HOH HOH A . 
B 2 HOH 21  221 21  HOH HOH A . 
B 2 HOH 22  222 22  HOH HOH A . 
B 2 HOH 23  223 23  HOH HOH A . 
B 2 HOH 24  224 24  HOH HOH A . 
B 2 HOH 25  225 25  HOH HOH A . 
B 2 HOH 26  226 26  HOH HOH A . 
B 2 HOH 27  227 27  HOH HOH A . 
B 2 HOH 28  228 28  HOH HOH A . 
B 2 HOH 29  229 29  HOH HOH A . 
B 2 HOH 30  230 30  HOH HOH A . 
B 2 HOH 31  231 31  HOH HOH A . 
B 2 HOH 32  232 32  HOH HOH A . 
B 2 HOH 33  233 33  HOH HOH A . 
B 2 HOH 34  234 34  HOH HOH A . 
B 2 HOH 35  235 35  HOH HOH A . 
B 2 HOH 36  236 36  HOH HOH A . 
B 2 HOH 37  237 37  HOH HOH A . 
B 2 HOH 38  238 38  HOH HOH A . 
B 2 HOH 39  239 39  HOH HOH A . 
B 2 HOH 40  240 40  HOH HOH A . 
B 2 HOH 41  241 41  HOH HOH A . 
B 2 HOH 42  242 42  HOH HOH A . 
B 2 HOH 43  243 43  HOH HOH A . 
B 2 HOH 44  244 44  HOH HOH A . 
B 2 HOH 45  245 45  HOH HOH A . 
B 2 HOH 46  246 46  HOH HOH A . 
B 2 HOH 47  247 47  HOH HOH A . 
B 2 HOH 48  248 48  HOH HOH A . 
B 2 HOH 49  249 49  HOH HOH A . 
B 2 HOH 50  250 50  HOH HOH A . 
B 2 HOH 51  251 51  HOH HOH A . 
B 2 HOH 52  252 52  HOH HOH A . 
B 2 HOH 53  253 53  HOH HOH A . 
B 2 HOH 54  254 54  HOH HOH A . 
B 2 HOH 55  255 55  HOH HOH A . 
B 2 HOH 56  256 56  HOH HOH A . 
B 2 HOH 57  257 57  HOH HOH A . 
B 2 HOH 58  258 58  HOH HOH A . 
B 2 HOH 59  259 59  HOH HOH A . 
B 2 HOH 60  260 60  HOH HOH A . 
B 2 HOH 61  261 61  HOH HOH A . 
B 2 HOH 62  262 62  HOH HOH A . 
B 2 HOH 63  263 63  HOH HOH A . 
B 2 HOH 64  264 64  HOH HOH A . 
B 2 HOH 65  265 65  HOH HOH A . 
B 2 HOH 66  266 66  HOH HOH A . 
B 2 HOH 67  267 67  HOH HOH A . 
B 2 HOH 68  268 68  HOH HOH A . 
B 2 HOH 69  269 69  HOH HOH A . 
B 2 HOH 70  270 70  HOH HOH A . 
B 2 HOH 71  271 71  HOH HOH A . 
B 2 HOH 72  272 72  HOH HOH A . 
B 2 HOH 73  273 73  HOH HOH A . 
B 2 HOH 74  274 74  HOH HOH A . 
B 2 HOH 75  275 75  HOH HOH A . 
B 2 HOH 76  276 76  HOH HOH A . 
B 2 HOH 77  277 77  HOH HOH A . 
B 2 HOH 78  278 78  HOH HOH A . 
B 2 HOH 79  279 79  HOH HOH A . 
B 2 HOH 80  280 80  HOH HOH A . 
B 2 HOH 81  281 81  HOH HOH A . 
B 2 HOH 82  282 82  HOH HOH A . 
B 2 HOH 83  283 83  HOH HOH A . 
B 2 HOH 84  284 84  HOH HOH A . 
B 2 HOH 85  285 85  HOH HOH A . 
B 2 HOH 86  286 86  HOH HOH A . 
B 2 HOH 87  287 87  HOH HOH A . 
B 2 HOH 88  288 88  HOH HOH A . 
B 2 HOH 89  289 89  HOH HOH A . 
B 2 HOH 90  290 90  HOH HOH A . 
B 2 HOH 91  291 91  HOH HOH A . 
B 2 HOH 92  292 92  HOH HOH A . 
B 2 HOH 93  293 93  HOH HOH A . 
B 2 HOH 94  294 94  HOH HOH A . 
B 2 HOH 95  295 95  HOH HOH A . 
B 2 HOH 96  296 96  HOH HOH A . 
B 2 HOH 97  297 97  HOH HOH A . 
B 2 HOH 98  298 98  HOH HOH A . 
B 2 HOH 99  299 99  HOH HOH A . 
B 2 HOH 100 300 100 HOH HOH A . 
B 2 HOH 101 301 101 HOH HOH A . 
B 2 HOH 102 302 102 HOH HOH A . 
B 2 HOH 103 303 103 HOH HOH A . 
B 2 HOH 104 304 104 HOH HOH A . 
B 2 HOH 105 305 105 HOH HOH A . 
B 2 HOH 106 306 106 HOH HOH A . 
B 2 HOH 107 307 107 HOH HOH A . 
B 2 HOH 108 308 108 HOH HOH A . 
B 2 HOH 109 309 109 HOH HOH A . 
B 2 HOH 110 310 110 HOH HOH A . 
B 2 HOH 111 311 111 HOH HOH A . 
B 2 HOH 112 312 112 HOH HOH A . 
# 
_pdbx_unobs_or_zero_occ_atoms.id               1 
_pdbx_unobs_or_zero_occ_atoms.PDB_model_num    1 
_pdbx_unobs_or_zero_occ_atoms.polymer_flag     Y 
_pdbx_unobs_or_zero_occ_atoms.occupancy_flag   1 
_pdbx_unobs_or_zero_occ_atoms.auth_asym_id     A 
_pdbx_unobs_or_zero_occ_atoms.auth_comp_id     THR 
_pdbx_unobs_or_zero_occ_atoms.auth_seq_id      146 
_pdbx_unobs_or_zero_occ_atoms.PDB_ins_code     ? 
_pdbx_unobs_or_zero_occ_atoms.auth_atom_id     CG2 
_pdbx_unobs_or_zero_occ_atoms.label_alt_id     ? 
_pdbx_unobs_or_zero_occ_atoms.label_asym_id    A 
_pdbx_unobs_or_zero_occ_atoms.label_comp_id    THR 
_pdbx_unobs_or_zero_occ_atoms.label_seq_id     127 
_pdbx_unobs_or_zero_occ_atoms.label_atom_id    CG2 
# 
loop_
_software.name 
_software.classification 
_software.version 
_software.citation_id 
_software.pdbx_ordinal 
PHENIX refinement        1.8.1_1168 ? 1 
SOLVE  phasing           .          ? 2 
REFMAC refinement        5.5.0109   ? 3 
MOSFLM 'data reduction'  .          ? 4 
SCALA  'data scaling'    .          ? 5 
MxDC   'data collection' .          ? 6 
# 
_cell.entry_id           4G08 
_cell.length_a           28.270 
_cell.length_b           56.660 
_cell.length_c           74.440 
_cell.angle_alpha        90.00 
_cell.angle_beta         90.00 
_cell.angle_gamma        90.00 
_cell.Z_PDB              4 
_cell.pdbx_unique_axis   ? 
_cell.length_a_esd       ? 
_cell.length_b_esd       ? 
_cell.length_c_esd       ? 
_cell.angle_alpha_esd    ? 
_cell.angle_beta_esd     ? 
_cell.angle_gamma_esd    ? 
# 
_symmetry.entry_id                         4G08 
_symmetry.space_group_name_H-M             'P 21 21 21' 
_symmetry.pdbx_full_space_group_name_H-M   ? 
_symmetry.cell_setting                     ? 
_symmetry.Int_Tables_number                19 
_symmetry.space_group_name_Hall            ? 
# 
_exptl.entry_id          4G08 
_exptl.method            'X-RAY DIFFRACTION' 
_exptl.crystals_number   1 
# 
_exptl_crystal.id                    1 
_exptl_crystal.density_meas          ? 
_exptl_crystal.density_Matthews      1.67 
_exptl_crystal.density_percent_sol   26.39 
_exptl_crystal.description           ? 
_exptl_crystal.F_000                 ? 
_exptl_crystal.preparation           ? 
# 
_exptl_crystal_grow.crystal_id      1 
_exptl_crystal_grow.method          'VAPOR DIFFUSION, SITTING DROP' 
_exptl_crystal_grow.temp            293 
_exptl_crystal_grow.temp_details    ? 
_exptl_crystal_grow.pH              8.0 
_exptl_crystal_grow.pdbx_pH_range   ? 
_exptl_crystal_grow.pdbx_details    '100 mM Tris, pH 8.0, 30% Jeffamine M-600, VAPOR DIFFUSION, SITTING DROP, temperature 293K' 
# 
_diffrn.id                     1 
_diffrn.ambient_temp           93 
_diffrn.ambient_temp_details   ? 
_diffrn.crystal_id             1 
# 
_diffrn_detector.diffrn_id              1 
_diffrn_detector.detector               CCD 
_diffrn_detector.type                   'RAYONIX MX300HE' 
_diffrn_detector.pdbx_collection_date   2010-12-07 
_diffrn_detector.details                ? 
# 
_diffrn_radiation.diffrn_id                        1 
_diffrn_radiation.wavelength_id                    1 
_diffrn_radiation.pdbx_monochromatic_or_laue_m_l   M 
_diffrn_radiation.monochromator                    'double crystal' 
_diffrn_radiation.pdbx_diffrn_protocol             MAD 
_diffrn_radiation.pdbx_scattering_type             x-ray 
# 
loop_
_diffrn_radiation_wavelength.id 
_diffrn_radiation_wavelength.wavelength 
_diffrn_radiation_wavelength.wt 
1 0.978170 1.0 
2 0.979310 1.0 
3 0.979100 1.0 
# 
_diffrn_source.diffrn_id                   1 
_diffrn_source.source                      SYNCHROTRON 
_diffrn_source.type                        'CLSI BEAMLINE 08B1-1' 
_diffrn_source.pdbx_synchrotron_site       CLSI 
_diffrn_source.pdbx_synchrotron_beamline   08B1-1 
_diffrn_source.pdbx_wavelength             ? 
_diffrn_source.pdbx_wavelength_list        '0.978170, 0.979310, 0.979100' 
# 
_reflns.pdbx_diffrn_id               1 
_reflns.pdbx_ordinal                 1 
_reflns.entry_id                     4G08 
_reflns.observed_criterion_sigma_I   ? 
_reflns.observed_criterion_sigma_F   ? 
_reflns.d_resolution_low             50 
_reflns.d_resolution_high            1.8 
_reflns.number_obs                   11517 
_reflns.number_all                   11629 
_reflns.percent_possible_obs         99.3 
_reflns.pdbx_Rmerge_I_obs            0.066 
_reflns.pdbx_Rsym_value              ? 
_reflns.pdbx_netI_over_sigmaI        18.7 
_reflns.B_iso_Wilson_estimate        ? 
_reflns.pdbx_redundancy              7.8 
_reflns.R_free_details               ? 
_reflns.limit_h_max                  ? 
_reflns.limit_h_min                  ? 
_reflns.limit_k_max                  ? 
_reflns.limit_k_min                  ? 
_reflns.limit_l_max                  ? 
_reflns.limit_l_min                  ? 
_reflns.observed_criterion_F_max     ? 
_reflns.observed_criterion_F_min     ? 
_reflns.pdbx_chi_squared             ? 
_reflns.pdbx_scaling_rejects         ? 
# 
_reflns_shell.pdbx_diffrn_id         1 
_reflns_shell.pdbx_ordinal           1 
_reflns_shell.d_res_high             1.80 
_reflns_shell.d_res_low              1.90 
_reflns_shell.percent_possible_all   97.4 
_reflns_shell.Rmerge_I_obs           0.256 
_reflns_shell.pdbx_Rsym_value        ? 
_reflns_shell.meanI_over_sigI_obs    7.3 
_reflns_shell.pdbx_redundancy        7.5 
_reflns_shell.percent_possible_obs   ? 
_reflns_shell.number_unique_all      ? 
_reflns_shell.number_measured_all    ? 
_reflns_shell.number_measured_obs    ? 
_reflns_shell.number_unique_obs      ? 
_reflns_shell.pdbx_chi_squared       ? 
# 
_refine.pdbx_refine_id                           'X-RAY DIFFRACTION' 
_refine.entry_id                                 4G08 
_refine.pdbx_diffrn_id                           1 
_refine.pdbx_TLS_residual_ADP_flag               ? 
_refine.ls_number_reflns_obs                     11516 
_refine.ls_number_reflns_all                     ? 
_refine.pdbx_ls_sigma_I                          ? 
_refine.pdbx_ls_sigma_F                          1.36 
_refine.pdbx_data_cutoff_high_absF               ? 
_refine.pdbx_data_cutoff_low_absF                ? 
_refine.pdbx_data_cutoff_high_rms_absF           ? 
_refine.ls_d_res_low                             45.086 
_refine.ls_d_res_high                            1.801 
_refine.ls_percent_reflns_obs                    99.03 
_refine.ls_R_factor_obs                          0.1920 
_refine.ls_R_factor_all                          ? 
_refine.ls_R_factor_R_work                       0.1903 
_refine.ls_R_factor_R_free                       0.2308 
_refine.ls_R_factor_R_free_error                 ? 
_refine.ls_R_factor_R_free_error_details         ? 
_refine.ls_percent_reflns_R_free                 4.75 
_refine.ls_number_reflns_R_free                  547 
_refine.ls_number_parameters                     ? 
_refine.ls_number_restraints                     ? 
_refine.occupancy_min                            ? 
_refine.occupancy_max                            ? 
_refine.correlation_coeff_Fo_to_Fc               0.953 
_refine.correlation_coeff_Fo_to_Fc_free          0.921 
_refine.B_iso_mean                               25.562 
_refine.aniso_B[1][1]                            -0.91 
_refine.aniso_B[2][2]                            0.64 
_refine.aniso_B[3][3]                            0.27 
_refine.aniso_B[1][2]                            0.00 
_refine.aniso_B[1][3]                            0.00 
_refine.aniso_B[2][3]                            0.00 
_refine.solvent_model_details                    'FLAT BULK SOLVENT MODEL' 
_refine.solvent_model_param_ksol                 ? 
_refine.solvent_model_param_bsol                 ? 
_refine.pdbx_solvent_vdw_probe_radii             1.11 
_refine.pdbx_solvent_ion_probe_radii             ? 
_refine.pdbx_solvent_shrinkage_radii             0.90 
_refine.pdbx_ls_cross_valid_method               ? 
_refine.details                                  
;HYDROGENS HAVE BEEN ADDED IN THE RIDING POSITIONS
U VALUES      : REFINED INDIVIDUALLY
;
_refine.pdbx_starting_model                      ? 
_refine.pdbx_method_to_determine_struct          MAD 
_refine.pdbx_isotropic_thermal_model             ? 
_refine.pdbx_stereochemistry_target_values       ML 
_refine.pdbx_stereochem_target_val_spec_case     ? 
_refine.pdbx_R_Free_selection_details            ? 
_refine.pdbx_overall_ESU_R                       ? 
_refine.pdbx_overall_ESU_R_Free                  ? 
_refine.overall_SU_ML                            0.20 
_refine.pdbx_overall_phase_error                 23.37 
_refine.overall_SU_B                             ? 
_refine.overall_SU_R_Cruickshank_DPI             ? 
_refine.pdbx_overall_SU_R_free_Cruickshank_DPI   ? 
_refine.pdbx_overall_SU_R_Blow_DPI               ? 
_refine.pdbx_overall_SU_R_free_Blow_DPI          ? 
_refine.ls_redundancy_reflns_obs                 ? 
_refine.B_iso_min                                ? 
_refine.B_iso_max                                ? 
_refine.overall_SU_R_free                        ? 
_refine.ls_wR_factor_R_free                      ? 
_refine.ls_wR_factor_R_work                      ? 
_refine.overall_FOM_free_R_set                   ? 
_refine.overall_FOM_work_R_set                   ? 
# 
_refine_hist.pdbx_refine_id                   'X-RAY DIFFRACTION' 
_refine_hist.cycle_id                         LAST 
_refine_hist.pdbx_number_atoms_protein        1117 
_refine_hist.pdbx_number_atoms_nucleic_acid   0 
_refine_hist.pdbx_number_atoms_ligand         0 
_refine_hist.number_atoms_solvent             112 
_refine_hist.number_atoms_total               1229 
_refine_hist.d_res_high                       1.801 
_refine_hist.d_res_low                        45.086 
# 
loop_
_refine_ls_restr.type 
_refine_ls_restr.dev_ideal 
_refine_ls_restr.dev_ideal_target 
_refine_ls_restr.weight 
_refine_ls_restr.number 
_refine_ls_restr.pdbx_refine_id 
_refine_ls_restr.pdbx_restraint_function 
f_bond_d           0.010  ? ? 1175 'X-RAY DIFFRACTION' ? 
f_angle_d          1.051  ? ? 1590 'X-RAY DIFFRACTION' ? 
f_dihedral_angle_d 15.763 ? ? 450  'X-RAY DIFFRACTION' ? 
f_chiral_restr     0.067  ? ? 170  'X-RAY DIFFRACTION' ? 
f_plane_restr      0.021  ? ? 208  'X-RAY DIFFRACTION' ? 
# 
loop_
_refine_ls_shell.pdbx_refine_id 
_refine_ls_shell.pdbx_total_number_of_bins_used 
_refine_ls_shell.d_res_high 
_refine_ls_shell.d_res_low 
_refine_ls_shell.number_reflns_R_work 
_refine_ls_shell.R_factor_R_work 
_refine_ls_shell.percent_reflns_obs 
_refine_ls_shell.R_factor_R_free 
_refine_ls_shell.R_factor_R_free_error 
_refine_ls_shell.percent_reflns_R_free 
_refine_ls_shell.number_reflns_R_free 
_refine_ls_shell.number_reflns_all 
_refine_ls_shell.R_factor_all 
_refine_ls_shell.redundancy_reflns_obs 
_refine_ls_shell.number_reflns_obs 
'X-RAY DIFFRACTION' . 1.801  1.9825  2630 0.2124 98.00  0.2673 . . 147 . . . . 
'X-RAY DIFFRACTION' . 1.9825 2.2693  2709 0.1975 99.00  0.2387 . . 132 . . . . 
'X-RAY DIFFRACTION' . 2.2693 2.8590  2754 0.2069 100.00 0.2449 . . 139 . . . . 
'X-RAY DIFFRACTION' . 2.8590 45.0997 2876 0.1772 99.00  0.2114 . . 129 . . . . 
# 
_struct.entry_id                  4G08 
_struct.title                     'Crystal structure of the periplasmic domain of InvG' 
_struct.pdbx_model_details        ? 
_struct.pdbx_CASP_flag            ? 
_struct.pdbx_model_type_details   ? 
# 
_struct_keywords.entry_id        4G08 
_struct_keywords.pdbx_keywords   'CELL INVASION' 
_struct_keywords.text            'Ring-building motif, protein secretion, PrgH, CELL INVASION' 
# 
loop_
_struct_asym.id 
_struct_asym.pdbx_blank_PDB_chainid_flag 
_struct_asym.pdbx_modified 
_struct_asym.entity_id 
_struct_asym.details 
A N N 1 ? 
B N N 2 ? 
# 
_struct_ref.id                         1 
_struct_ref.db_name                    UNP 
_struct_ref.db_code                    INVG_SALTY 
_struct_ref.pdbx_db_accession          P35672 
_struct_ref.entity_id                  1 
_struct_ref.pdbx_seq_one_letter_code   
;GYSSEKIPVTGSGFVAKDDSLRTFFDAMALQLKEPVIVSKMAARKKITGNFEFHDPNALLEKLSLQLGLIWYFDGQAIYI
YDASEMRNAVVSLRNVSLNEFNNFLKRSGLYNKNYPLRGDNRKGTFYVSGPPVYVDMVVNAATMMDKQNDGIELGRQ
;
_struct_ref.pdbx_align_begin           22 
_struct_ref.pdbx_db_isoform            ? 
# 
_struct_ref_seq.align_id                      1 
_struct_ref_seq.ref_id                        1 
_struct_ref_seq.pdbx_PDB_id_code              4G08 
_struct_ref_seq.pdbx_strand_id                A 
_struct_ref_seq.seq_align_beg                 3 
_struct_ref_seq.pdbx_seq_align_beg_ins_code   ? 
_struct_ref_seq.seq_align_end                 159 
_struct_ref_seq.pdbx_seq_align_end_ins_code   ? 
_struct_ref_seq.pdbx_db_accession             P35672 
_struct_ref_seq.db_align_beg                  22 
_struct_ref_seq.pdbx_db_align_beg_ins_code    ? 
_struct_ref_seq.db_align_end                  178 
_struct_ref_seq.pdbx_db_align_end_ins_code    ? 
_struct_ref_seq.pdbx_auth_seq_align_beg       22 
_struct_ref_seq.pdbx_auth_seq_align_end       178 
# 
loop_
_struct_ref_seq_dif.align_id 
_struct_ref_seq_dif.pdbx_pdb_id_code 
_struct_ref_seq_dif.mon_id 
_struct_ref_seq_dif.pdbx_pdb_strand_id 
_struct_ref_seq_dif.seq_num 
_struct_ref_seq_dif.pdbx_pdb_ins_code 
_struct_ref_seq_dif.pdbx_seq_db_name 
_struct_ref_seq_dif.pdbx_seq_db_accession_code 
_struct_ref_seq_dif.db_mon_id 
_struct_ref_seq_dif.pdbx_seq_db_seq_num 
_struct_ref_seq_dif.details 
_struct_ref_seq_dif.pdbx_auth_seq_num 
_struct_ref_seq_dif.pdbx_ordinal 
1 4G08 GLY A 1 ? UNP P35672 ? ? 'expression tag' 20 1 
1 4G08 SER A 2 ? UNP P35672 ? ? 'expression tag' 21 2 
# 
_pdbx_struct_assembly.id                   1 
_pdbx_struct_assembly.details              software_defined_assembly 
_pdbx_struct_assembly.method_details       PISA 
_pdbx_struct_assembly.oligomeric_details   monomeric 
_pdbx_struct_assembly.oligomeric_count     1 
# 
_pdbx_struct_assembly_gen.assembly_id       1 
_pdbx_struct_assembly_gen.oper_expression   1 
_pdbx_struct_assembly_gen.asym_id_list      A,B 
# 
_pdbx_struct_oper_list.id                   1 
_pdbx_struct_oper_list.type                 'identity operation' 
_pdbx_struct_oper_list.name                 1_555 
_pdbx_struct_oper_list.symmetry_operation   x,y,z 
_pdbx_struct_oper_list.matrix[1][1]         1.0000000000 
_pdbx_struct_oper_list.matrix[1][2]         0.0000000000 
_pdbx_struct_oper_list.matrix[1][3]         0.0000000000 
_pdbx_struct_oper_list.vector[1]            0.0000000000 
_pdbx_struct_oper_list.matrix[2][1]         0.0000000000 
_pdbx_struct_oper_list.matrix[2][2]         1.0000000000 
_pdbx_struct_oper_list.matrix[2][3]         0.0000000000 
_pdbx_struct_oper_list.vector[2]            0.0000000000 
_pdbx_struct_oper_list.matrix[3][1]         0.0000000000 
_pdbx_struct_oper_list.matrix[3][2]         0.0000000000 
_pdbx_struct_oper_list.matrix[3][3]         1.0000000000 
_pdbx_struct_oper_list.vector[3]            0.0000000000 
# 
_struct_biol.id        1 
_struct_biol.details   
'Though the cloned protein construct that was crystallized is a monomer, the full-length version of this protein forms a 15-mer.' 
# 
loop_
_struct_conf.conf_type_id 
_struct_conf.id 
_struct_conf.pdbx_PDB_helix_id 
_struct_conf.beg_label_comp_id 
_struct_conf.beg_label_asym_id 
_struct_conf.beg_label_seq_id 
_struct_conf.pdbx_beg_PDB_ins_code 
_struct_conf.end_label_comp_id 
_struct_conf.end_label_asym_id 
_struct_conf.end_label_seq_id 
_struct_conf.pdbx_end_PDB_ins_code 
_struct_conf.beg_auth_comp_id 
_struct_conf.beg_auth_asym_id 
_struct_conf.beg_auth_seq_id 
_struct_conf.end_auth_comp_id 
_struct_conf.end_auth_asym_id 
_struct_conf.end_auth_seq_id 
_struct_conf.pdbx_PDB_helix_class 
_struct_conf.details 
_struct_conf.pdbx_PDB_helix_length 
HELX_P HELX_P1 1 LEU A 23  ? ALA A 31  ? LEU A 42  ALA A 50  1 ? 9  
HELX_P HELX_P2 2 LEU A 32  ? LEU A 34  ? LEU A 51  LEU A 53  5 ? 3  
HELX_P HELX_P3 3 SER A 41  ? ARG A 46  ? SER A 60  ARG A 65  1 ? 6  
HELX_P HELX_P4 4 ASP A 57  ? GLY A 70  ? ASP A 76  GLY A 89  1 ? 14 
HELX_P HELX_P5 5 SER A 86  ? MET A 88  ? SER A 105 MET A 107 5 ? 3  
HELX_P HELX_P6 6 SER A 99  ? SER A 110 ? SER A 118 SER A 129 1 ? 12 
HELX_P HELX_P7 7 PRO A 133 ? ASN A 151 ? PRO A 152 ASN A 170 1 ? 19 
# 
_struct_conf_type.id          HELX_P 
_struct_conf_type.criteria    ? 
_struct_conf_type.reference   ? 
# 
loop_
_struct_sheet.id 
_struct_sheet.type 
_struct_sheet.number_strands 
_struct_sheet.details 
A ? 2 ? 
B ? 3 ? 
C ? 2 ? 
# 
loop_
_struct_sheet_order.sheet_id 
_struct_sheet_order.range_id_1 
_struct_sheet_order.range_id_2 
_struct_sheet_order.offset 
_struct_sheet_order.sense 
A 1 2 ? anti-parallel 
B 1 2 ? parallel      
B 2 3 ? anti-parallel 
C 1 2 ? anti-parallel 
# 
loop_
_struct_sheet_range.sheet_id 
_struct_sheet_range.id 
_struct_sheet_range.beg_label_comp_id 
_struct_sheet_range.beg_label_asym_id 
_struct_sheet_range.beg_label_seq_id 
_struct_sheet_range.pdbx_beg_PDB_ins_code 
_struct_sheet_range.end_label_comp_id 
_struct_sheet_range.end_label_asym_id 
_struct_sheet_range.end_label_seq_id 
_struct_sheet_range.pdbx_end_PDB_ins_code 
_struct_sheet_range.beg_auth_comp_id 
_struct_sheet_range.beg_auth_asym_id 
_struct_sheet_range.beg_auth_seq_id 
_struct_sheet_range.end_auth_comp_id 
_struct_sheet_range.end_auth_asym_id 
_struct_sheet_range.end_auth_seq_id 
A 1 PHE A 16  ? SER A 22  ? PHE A 35  SER A 41  
A 2 LYS A 48  ? PHE A 53  ? LYS A 67  PHE A 72  
B 1 VAL A 38  ? VAL A 40  ? VAL A 57  VAL A 59  
B 2 ILE A 80  ? ASP A 84  ? ILE A 99  ASP A 103 
B 3 LEU A 71  ? PHE A 75  ? LEU A 90  PHE A 94  
C 1 ARG A 89  ? SER A 94  ? ARG A 108 SER A 113 
C 2 THR A 127 ? GLY A 132 ? THR A 146 GLY A 151 
# 
loop_
_pdbx_struct_sheet_hbond.sheet_id 
_pdbx_struct_sheet_hbond.range_id_1 
_pdbx_struct_sheet_hbond.range_id_2 
_pdbx_struct_sheet_hbond.range_1_label_atom_id 
_pdbx_struct_sheet_hbond.range_1_label_comp_id 
_pdbx_struct_sheet_hbond.range_1_label_asym_id 
_pdbx_struct_sheet_hbond.range_1_label_seq_id 
_pdbx_struct_sheet_hbond.range_1_PDB_ins_code 
_pdbx_struct_sheet_hbond.range_1_auth_atom_id 
_pdbx_struct_sheet_hbond.range_1_auth_comp_id 
_pdbx_struct_sheet_hbond.range_1_auth_asym_id 
_pdbx_struct_sheet_hbond.range_1_auth_seq_id 
_pdbx_struct_sheet_hbond.range_2_label_atom_id 
_pdbx_struct_sheet_hbond.range_2_label_comp_id 
_pdbx_struct_sheet_hbond.range_2_label_asym_id 
_pdbx_struct_sheet_hbond.range_2_label_seq_id 
_pdbx_struct_sheet_hbond.range_2_PDB_ins_code 
_pdbx_struct_sheet_hbond.range_2_auth_atom_id 
_pdbx_struct_sheet_hbond.range_2_auth_comp_id 
_pdbx_struct_sheet_hbond.range_2_auth_asym_id 
_pdbx_struct_sheet_hbond.range_2_auth_seq_id 
A 1 2 N ALA A 18 ? N ALA A 37  O GLY A 51  ? O GLY A 70  
B 1 2 N ILE A 39 ? N ILE A 58  O ILE A 80  ? O ILE A 99  
B 2 3 O TYR A 81 ? O TYR A 100 N TYR A 74  ? N TYR A 93  
C 1 2 N ALA A 91 ? N ALA A 110 O VAL A 130 ? O VAL A 149 
# 
loop_
_pdbx_validate_close_contact.id 
_pdbx_validate_close_contact.PDB_model_num 
_pdbx_validate_close_contact.auth_atom_id_1 
_pdbx_validate_close_contact.auth_asym_id_1 
_pdbx_validate_close_contact.auth_comp_id_1 
_pdbx_validate_close_contact.auth_seq_id_1 
_pdbx_validate_close_contact.PDB_ins_code_1 
_pdbx_validate_close_contact.label_alt_id_1 
_pdbx_validate_close_contact.auth_atom_id_2 
_pdbx_validate_close_contact.auth_asym_id_2 
_pdbx_validate_close_contact.auth_comp_id_2 
_pdbx_validate_close_contact.auth_seq_id_2 
_pdbx_validate_close_contact.PDB_ins_code_2 
_pdbx_validate_close_contact.label_alt_id_2 
_pdbx_validate_close_contact.dist 
1 1 O   A HOH 293 ? ? O A HOH 298 ? ? 1.82 
2 1 NH2 A ARG 128 ? B O A HOH 289 ? ? 1.86 
3 1 O   A HOH 279 ? ? O A HOH 291 ? ? 1.87 
4 1 NH1 A ARG 43  ? ? O A HOH 206 ? ? 2.17 
# 
loop_
_pdbx_validate_torsion.id 
_pdbx_validate_torsion.PDB_model_num 
_pdbx_validate_torsion.auth_comp_id 
_pdbx_validate_torsion.auth_asym_id 
_pdbx_validate_torsion.auth_seq_id 
_pdbx_validate_torsion.PDB_ins_code 
_pdbx_validate_torsion.label_alt_id 
_pdbx_validate_torsion.phi 
_pdbx_validate_torsion.psi 
1 1 PHE A 35 ? ? -168.16 119.01 
2 1 PHE A 74 ? ? -109.01 44.54  
3 1 ASP A 76 ? ? -160.72 81.55  
# 
loop_
_pdbx_validate_planes.id 
_pdbx_validate_planes.PDB_model_num 
_pdbx_validate_planes.auth_comp_id 
_pdbx_validate_planes.auth_asym_id 
_pdbx_validate_planes.auth_seq_id 
_pdbx_validate_planes.PDB_ins_code 
_pdbx_validate_planes.label_alt_id 
_pdbx_validate_planes.rmsd 
_pdbx_validate_planes.type 
1 1 ARG A 108 ? ? 0.082 'SIDE CHAIN' 
2 1 GLN A 169 ? ? 0.073 'SIDE CHAIN' 
# 
loop_
_pdbx_unobs_or_zero_occ_residues.id 
_pdbx_unobs_or_zero_occ_residues.PDB_model_num 
_pdbx_unobs_or_zero_occ_residues.polymer_flag 
_pdbx_unobs_or_zero_occ_residues.occupancy_flag 
_pdbx_unobs_or_zero_occ_residues.auth_asym_id 
_pdbx_unobs_or_zero_occ_residues.auth_comp_id 
_pdbx_unobs_or_zero_occ_residues.auth_seq_id 
_pdbx_unobs_or_zero_occ_residues.PDB_ins_code 
_pdbx_unobs_or_zero_occ_residues.label_asym_id 
_pdbx_unobs_or_zero_occ_residues.label_comp_id 
_pdbx_unobs_or_zero_occ_residues.label_seq_id 
1  1 Y 1 A GLY 20  ? A GLY 1   
2  1 Y 1 A SER 21  ? A SER 2   
3  1 Y 1 A GLY 22  ? A GLY 3   
4  1 Y 1 A TYR 23  ? A TYR 4   
5  1 Y 1 A SER 24  ? A SER 5   
6  1 Y 1 A SER 25  ? A SER 6   
7  1 Y 1 A GLU 26  ? A GLU 7   
8  1 Y 1 A LYS 27  ? A LYS 8   
9  1 Y 1 A ILE 28  ? A ILE 9   
10 1 Y 1 A PRO 29  ? A PRO 10  
11 1 Y 1 A VAL 30  ? A VAL 11  
12 1 Y 1 A THR 31  ? A THR 12  
13 1 Y 1 A GLY 32  ? A GLY 13  
14 1 Y 1 A SER 33  ? A SER 14  
15 1 Y 1 A GLU 174 ? A GLU 155 
16 1 Y 1 A LEU 175 ? A LEU 156 
17 1 Y 1 A GLY 176 ? A GLY 157 
18 1 Y 1 A ARG 177 ? A ARG 158 
19 1 Y 1 A GLN 178 ? A GLN 159 
# 
loop_
_chem_comp_atom.comp_id 
_chem_comp_atom.atom_id 
_chem_comp_atom.type_symbol 
_chem_comp_atom.pdbx_aromatic_flag 
_chem_comp_atom.pdbx_stereo_config 
_chem_comp_atom.pdbx_ordinal 
ALA N    N N N 1   
ALA CA   C N S 2   
ALA C    C N N 3   
ALA O    O N N 4   
ALA CB   C N N 5   
ALA OXT  O N N 6   
ALA H    H N N 7   
ALA H2   H N N 8   
ALA HA   H N N 9   
ALA HB1  H N N 10  
ALA HB2  H N N 11  
ALA HB3  H N N 12  
ALA HXT  H N N 13  
ARG N    N N N 14  
ARG CA   C N S 15  
ARG C    C N N 16  
ARG O    O N N 17  
ARG CB   C N N 18  
ARG CG   C N N 19  
ARG CD   C N N 20  
ARG NE   N N N 21  
ARG CZ   C N N 22  
ARG NH1  N N N 23  
ARG NH2  N N N 24  
ARG OXT  O N N 25  
ARG H    H N N 26  
ARG H2   H N N 27  
ARG HA   H N N 28  
ARG HB2  H N N 29  
ARG HB3  H N N 30  
ARG HG2  H N N 31  
ARG HG3  H N N 32  
ARG HD2  H N N 33  
ARG HD3  H N N 34  
ARG HE   H N N 35  
ARG HH11 H N N 36  
ARG HH12 H N N 37  
ARG HH21 H N N 38  
ARG HH22 H N N 39  
ARG HXT  H N N 40  
ASN N    N N N 41  
ASN CA   C N S 42  
ASN C    C N N 43  
ASN O    O N N 44  
ASN CB   C N N 45  
ASN CG   C N N 46  
ASN OD1  O N N 47  
ASN ND2  N N N 48  
ASN OXT  O N N 49  
ASN H    H N N 50  
ASN H2   H N N 51  
ASN HA   H N N 52  
ASN HB2  H N N 53  
ASN HB3  H N N 54  
ASN HD21 H N N 55  
ASN HD22 H N N 56  
ASN HXT  H N N 57  
ASP N    N N N 58  
ASP CA   C N S 59  
ASP C    C N N 60  
ASP O    O N N 61  
ASP CB   C N N 62  
ASP CG   C N N 63  
ASP OD1  O N N 64  
ASP OD2  O N N 65  
ASP OXT  O N N 66  
ASP H    H N N 67  
ASP H2   H N N 68  
ASP HA   H N N 69  
ASP HB2  H N N 70  
ASP HB3  H N N 71  
ASP HD2  H N N 72  
ASP HXT  H N N 73  
GLN N    N N N 74  
GLN CA   C N S 75  
GLN C    C N N 76  
GLN O    O N N 77  
GLN CB   C N N 78  
GLN CG   C N N 79  
GLN CD   C N N 80  
GLN OE1  O N N 81  
GLN NE2  N N N 82  
GLN OXT  O N N 83  
GLN H    H N N 84  
GLN H2   H N N 85  
GLN HA   H N N 86  
GLN HB2  H N N 87  
GLN HB3  H N N 88  
GLN HG2  H N N 89  
GLN HG3  H N N 90  
GLN HE21 H N N 91  
GLN HE22 H N N 92  
GLN HXT  H N N 93  
GLU N    N N N 94  
GLU CA   C N S 95  
GLU C    C N N 96  
GLU O    O N N 97  
GLU CB   C N N 98  
GLU CG   C N N 99  
GLU CD   C N N 100 
GLU OE1  O N N 101 
GLU OE2  O N N 102 
GLU OXT  O N N 103 
GLU H    H N N 104 
GLU H2   H N N 105 
GLU HA   H N N 106 
GLU HB2  H N N 107 
GLU HB3  H N N 108 
GLU HG2  H N N 109 
GLU HG3  H N N 110 
GLU HE2  H N N 111 
GLU HXT  H N N 112 
GLY N    N N N 113 
GLY CA   C N N 114 
GLY C    C N N 115 
GLY O    O N N 116 
GLY OXT  O N N 117 
GLY H    H N N 118 
GLY H2   H N N 119 
GLY HA2  H N N 120 
GLY HA3  H N N 121 
GLY HXT  H N N 122 
HIS N    N N N 123 
HIS CA   C N S 124 
HIS C    C N N 125 
HIS O    O N N 126 
HIS CB   C N N 127 
HIS CG   C Y N 128 
HIS ND1  N Y N 129 
HIS CD2  C Y N 130 
HIS CE1  C Y N 131 
HIS NE2  N Y N 132 
HIS OXT  O N N 133 
HIS H    H N N 134 
HIS H2   H N N 135 
HIS HA   H N N 136 
HIS HB2  H N N 137 
HIS HB3  H N N 138 
HIS HD1  H N N 139 
HIS HD2  H N N 140 
HIS HE1  H N N 141 
HIS HE2  H N N 142 
HIS HXT  H N N 143 
HOH O    O N N 144 
HOH H1   H N N 145 
HOH H2   H N N 146 
ILE N    N N N 147 
ILE CA   C N S 148 
ILE C    C N N 149 
ILE O    O N N 150 
ILE CB   C N S 151 
ILE CG1  C N N 152 
ILE CG2  C N N 153 
ILE CD1  C N N 154 
ILE OXT  O N N 155 
ILE H    H N N 156 
ILE H2   H N N 157 
ILE HA   H N N 158 
ILE HB   H N N 159 
ILE HG12 H N N 160 
ILE HG13 H N N 161 
ILE HG21 H N N 162 
ILE HG22 H N N 163 
ILE HG23 H N N 164 
ILE HD11 H N N 165 
ILE HD12 H N N 166 
ILE HD13 H N N 167 
ILE HXT  H N N 168 
LEU N    N N N 169 
LEU CA   C N S 170 
LEU C    C N N 171 
LEU O    O N N 172 
LEU CB   C N N 173 
LEU CG   C N N 174 
LEU CD1  C N N 175 
LEU CD2  C N N 176 
LEU OXT  O N N 177 
LEU H    H N N 178 
LEU H2   H N N 179 
LEU HA   H N N 180 
LEU HB2  H N N 181 
LEU HB3  H N N 182 
LEU HG   H N N 183 
LEU HD11 H N N 184 
LEU HD12 H N N 185 
LEU HD13 H N N 186 
LEU HD21 H N N 187 
LEU HD22 H N N 188 
LEU HD23 H N N 189 
LEU HXT  H N N 190 
LYS N    N N N 191 
LYS CA   C N S 192 
LYS C    C N N 193 
LYS O    O N N 194 
LYS CB   C N N 195 
LYS CG   C N N 196 
LYS CD   C N N 197 
LYS CE   C N N 198 
LYS NZ   N N N 199 
LYS OXT  O N N 200 
LYS H    H N N 201 
LYS H2   H N N 202 
LYS HA   H N N 203 
LYS HB2  H N N 204 
LYS HB3  H N N 205 
LYS HG2  H N N 206 
LYS HG3  H N N 207 
LYS HD2  H N N 208 
LYS HD3  H N N 209 
LYS HE2  H N N 210 
LYS HE3  H N N 211 
LYS HZ1  H N N 212 
LYS HZ2  H N N 213 
LYS HZ3  H N N 214 
LYS HXT  H N N 215 
MET N    N N N 216 
MET CA   C N S 217 
MET C    C N N 218 
MET O    O N N 219 
MET CB   C N N 220 
MET CG   C N N 221 
MET SD   S N N 222 
MET CE   C N N 223 
MET OXT  O N N 224 
MET H    H N N 225 
MET H2   H N N 226 
MET HA   H N N 227 
MET HB2  H N N 228 
MET HB3  H N N 229 
MET HG2  H N N 230 
MET HG3  H N N 231 
MET HE1  H N N 232 
MET HE2  H N N 233 
MET HE3  H N N 234 
MET HXT  H N N 235 
PHE N    N N N 236 
PHE CA   C N S 237 
PHE C    C N N 238 
PHE O    O N N 239 
PHE CB   C N N 240 
PHE CG   C Y N 241 
PHE CD1  C Y N 242 
PHE CD2  C Y N 243 
PHE CE1  C Y N 244 
PHE CE2  C Y N 245 
PHE CZ   C Y N 246 
PHE OXT  O N N 247 
PHE H    H N N 248 
PHE H2   H N N 249 
PHE HA   H N N 250 
PHE HB2  H N N 251 
PHE HB3  H N N 252 
PHE HD1  H N N 253 
PHE HD2  H N N 254 
PHE HE1  H N N 255 
PHE HE2  H N N 256 
PHE HZ   H N N 257 
PHE HXT  H N N 258 
PRO N    N N N 259 
PRO CA   C N S 260 
PRO C    C N N 261 
PRO O    O N N 262 
PRO CB   C N N 263 
PRO CG   C N N 264 
PRO CD   C N N 265 
PRO OXT  O N N 266 
PRO H    H N N 267 
PRO HA   H N N 268 
PRO HB2  H N N 269 
PRO HB3  H N N 270 
PRO HG2  H N N 271 
PRO HG3  H N N 272 
PRO HD2  H N N 273 
PRO HD3  H N N 274 
PRO HXT  H N N 275 
SER N    N N N 276 
SER CA   C N S 277 
SER C    C N N 278 
SER O    O N N 279 
SER CB   C N N 280 
SER OG   O N N 281 
SER OXT  O N N 282 
SER H    H N N 283 
SER H2   H N N 284 
SER HA   H N N 285 
SER HB2  H N N 286 
SER HB3  H N N 287 
SER HG   H N N 288 
SER HXT  H N N 289 
THR N    N N N 290 
THR CA   C N S 291 
THR C    C N N 292 
THR O    O N N 293 
THR CB   C N R 294 
THR OG1  O N N 295 
THR CG2  C N N 296 
THR OXT  O N N 297 
THR H    H N N 298 
THR H2   H N N 299 
THR HA   H N N 300 
THR HB   H N N 301 
THR HG1  H N N 302 
THR HG21 H N N 303 
THR HG22 H N N 304 
THR HG23 H N N 305 
THR HXT  H N N 306 
TRP N    N N N 307 
TRP CA   C N S 308 
TRP C    C N N 309 
TRP O    O N N 310 
TRP CB   C N N 311 
TRP CG   C Y N 312 
TRP CD1  C Y N 313 
TRP CD2  C Y N 314 
TRP NE1  N Y N 315 
TRP CE2  C Y N 316 
TRP CE3  C Y N 317 
TRP CZ2  C Y N 318 
TRP CZ3  C Y N 319 
TRP CH2  C Y N 320 
TRP OXT  O N N 321 
TRP H    H N N 322 
TRP H2   H N N 323 
TRP HA   H N N 324 
TRP HB2  H N N 325 
TRP HB3  H N N 326 
TRP HD1  H N N 327 
TRP HE1  H N N 328 
TRP HE3  H N N 329 
TRP HZ2  H N N 330 
TRP HZ3  H N N 331 
TRP HH2  H N N 332 
TRP HXT  H N N 333 
TYR N    N N N 334 
TYR CA   C N S 335 
TYR C    C N N 336 
TYR O    O N N 337 
TYR CB   C N N 338 
TYR CG   C Y N 339 
TYR CD1  C Y N 340 
TYR CD2  C Y N 341 
TYR CE1  C Y N 342 
TYR CE2  C Y N 343 
TYR CZ   C Y N 344 
TYR OH   O N N 345 
TYR OXT  O N N 346 
TYR H    H N N 347 
TYR H2   H N N 348 
TYR HA   H N N 349 
TYR HB2  H N N 350 
TYR HB3  H N N 351 
TYR HD1  H N N 352 
TYR HD2  H N N 353 
TYR HE1  H N N 354 
TYR HE2  H N N 355 
TYR HH   H N N 356 
TYR HXT  H N N 357 
VAL N    N N N 358 
VAL CA   C N S 359 
VAL C    C N N 360 
VAL O    O N N 361 
VAL CB   C N N 362 
VAL CG1  C N N 363 
VAL CG2  C N N 364 
VAL OXT  O N N 365 
VAL H    H N N 366 
VAL H2   H N N 367 
VAL HA   H N N 368 
VAL HB   H N N 369 
VAL HG11 H N N 370 
VAL HG12 H N N 371 
VAL HG13 H N N 372 
VAL HG21 H N N 373 
VAL HG22 H N N 374 
VAL HG23 H N N 375 
VAL HXT  H N N 376 
# 
loop_
_chem_comp_bond.comp_id 
_chem_comp_bond.atom_id_1 
_chem_comp_bond.atom_id_2 
_chem_comp_bond.value_order 
_chem_comp_bond.pdbx_aromatic_flag 
_chem_comp_bond.pdbx_stereo_config 
_chem_comp_bond.pdbx_ordinal 
ALA N   CA   sing N N 1   
ALA N   H    sing N N 2   
ALA N   H2   sing N N 3   
ALA CA  C    sing N N 4   
ALA CA  CB   sing N N 5   
ALA CA  HA   sing N N 6   
ALA C   O    doub N N 7   
ALA C   OXT  sing N N 8   
ALA CB  HB1  sing N N 9   
ALA CB  HB2  sing N N 10  
ALA CB  HB3  sing N N 11  
ALA OXT HXT  sing N N 12  
ARG N   CA   sing N N 13  
ARG N   H    sing N N 14  
ARG N   H2   sing N N 15  
ARG CA  C    sing N N 16  
ARG CA  CB   sing N N 17  
ARG CA  HA   sing N N 18  
ARG C   O    doub N N 19  
ARG C   OXT  sing N N 20  
ARG CB  CG   sing N N 21  
ARG CB  HB2  sing N N 22  
ARG CB  HB3  sing N N 23  
ARG CG  CD   sing N N 24  
ARG CG  HG2  sing N N 25  
ARG CG  HG3  sing N N 26  
ARG CD  NE   sing N N 27  
ARG CD  HD2  sing N N 28  
ARG CD  HD3  sing N N 29  
ARG NE  CZ   sing N N 30  
ARG NE  HE   sing N N 31  
ARG CZ  NH1  sing N N 32  
ARG CZ  NH2  doub N N 33  
ARG NH1 HH11 sing N N 34  
ARG NH1 HH12 sing N N 35  
ARG NH2 HH21 sing N N 36  
ARG NH2 HH22 sing N N 37  
ARG OXT HXT  sing N N 38  
ASN N   CA   sing N N 39  
ASN N   H    sing N N 40  
ASN N   H2   sing N N 41  
ASN CA  C    sing N N 42  
ASN CA  CB   sing N N 43  
ASN CA  HA   sing N N 44  
ASN C   O    doub N N 45  
ASN C   OXT  sing N N 46  
ASN CB  CG   sing N N 47  
ASN CB  HB2  sing N N 48  
ASN CB  HB3  sing N N 49  
ASN CG  OD1  doub N N 50  
ASN CG  ND2  sing N N 51  
ASN ND2 HD21 sing N N 52  
ASN ND2 HD22 sing N N 53  
ASN OXT HXT  sing N N 54  
ASP N   CA   sing N N 55  
ASP N   H    sing N N 56  
ASP N   H2   sing N N 57  
ASP CA  C    sing N N 58  
ASP CA  CB   sing N N 59  
ASP CA  HA   sing N N 60  
ASP C   O    doub N N 61  
ASP C   OXT  sing N N 62  
ASP CB  CG   sing N N 63  
ASP CB  HB2  sing N N 64  
ASP CB  HB3  sing N N 65  
ASP CG  OD1  doub N N 66  
ASP CG  OD2  sing N N 67  
ASP OD2 HD2  sing N N 68  
ASP OXT HXT  sing N N 69  
GLN N   CA   sing N N 70  
GLN N   H    sing N N 71  
GLN N   H2   sing N N 72  
GLN CA  C    sing N N 73  
GLN CA  CB   sing N N 74  
GLN CA  HA   sing N N 75  
GLN C   O    doub N N 76  
GLN C   OXT  sing N N 77  
GLN CB  CG   sing N N 78  
GLN CB  HB2  sing N N 79  
GLN CB  HB3  sing N N 80  
GLN CG  CD   sing N N 81  
GLN CG  HG2  sing N N 82  
GLN CG  HG3  sing N N 83  
GLN CD  OE1  doub N N 84  
GLN CD  NE2  sing N N 85  
GLN NE2 HE21 sing N N 86  
GLN NE2 HE22 sing N N 87  
GLN OXT HXT  sing N N 88  
GLU N   CA   sing N N 89  
GLU N   H    sing N N 90  
GLU N   H2   sing N N 91  
GLU CA  C    sing N N 92  
GLU CA  CB   sing N N 93  
GLU CA  HA   sing N N 94  
GLU C   O    doub N N 95  
GLU C   OXT  sing N N 96  
GLU CB  CG   sing N N 97  
GLU CB  HB2  sing N N 98  
GLU CB  HB3  sing N N 99  
GLU CG  CD   sing N N 100 
GLU CG  HG2  sing N N 101 
GLU CG  HG3  sing N N 102 
GLU CD  OE1  doub N N 103 
GLU CD  OE2  sing N N 104 
GLU OE2 HE2  sing N N 105 
GLU OXT HXT  sing N N 106 
GLY N   CA   sing N N 107 
GLY N   H    sing N N 108 
GLY N   H2   sing N N 109 
GLY CA  C    sing N N 110 
GLY CA  HA2  sing N N 111 
GLY CA  HA3  sing N N 112 
GLY C   O    doub N N 113 
GLY C   OXT  sing N N 114 
GLY OXT HXT  sing N N 115 
HIS N   CA   sing N N 116 
HIS N   H    sing N N 117 
HIS N   H2   sing N N 118 
HIS CA  C    sing N N 119 
HIS CA  CB   sing N N 120 
HIS CA  HA   sing N N 121 
HIS C   O    doub N N 122 
HIS C   OXT  sing N N 123 
HIS CB  CG   sing N N 124 
HIS CB  HB2  sing N N 125 
HIS CB  HB3  sing N N 126 
HIS CG  ND1  sing Y N 127 
HIS CG  CD2  doub Y N 128 
HIS ND1 CE1  doub Y N 129 
HIS ND1 HD1  sing N N 130 
HIS CD2 NE2  sing Y N 131 
HIS CD2 HD2  sing N N 132 
HIS CE1 NE2  sing Y N 133 
HIS CE1 HE1  sing N N 134 
HIS NE2 HE2  sing N N 135 
HIS OXT HXT  sing N N 136 
HOH O   H1   sing N N 137 
HOH O   H2   sing N N 138 
ILE N   CA   sing N N 139 
ILE N   H    sing N N 140 
ILE N   H2   sing N N 141 
ILE CA  C    sing N N 142 
ILE CA  CB   sing N N 143 
ILE CA  HA   sing N N 144 
ILE C   O    doub N N 145 
ILE C   OXT  sing N N 146 
ILE CB  CG1  sing N N 147 
ILE CB  CG2  sing N N 148 
ILE CB  HB   sing N N 149 
ILE CG1 CD1  sing N N 150 
ILE CG1 HG12 sing N N 151 
ILE CG1 HG13 sing N N 152 
ILE CG2 HG21 sing N N 153 
ILE CG2 HG22 sing N N 154 
ILE CG2 HG23 sing N N 155 
ILE CD1 HD11 sing N N 156 
ILE CD1 HD12 sing N N 157 
ILE CD1 HD13 sing N N 158 
ILE OXT HXT  sing N N 159 
LEU N   CA   sing N N 160 
LEU N   H    sing N N 161 
LEU N   H2   sing N N 162 
LEU CA  C    sing N N 163 
LEU CA  CB   sing N N 164 
LEU CA  HA   sing N N 165 
LEU C   O    doub N N 166 
LEU C   OXT  sing N N 167 
LEU CB  CG   sing N N 168 
LEU CB  HB2  sing N N 169 
LEU CB  HB3  sing N N 170 
LEU CG  CD1  sing N N 171 
LEU CG  CD2  sing N N 172 
LEU CG  HG   sing N N 173 
LEU CD1 HD11 sing N N 174 
LEU CD1 HD12 sing N N 175 
LEU CD1 HD13 sing N N 176 
LEU CD2 HD21 sing N N 177 
LEU CD2 HD22 sing N N 178 
LEU CD2 HD23 sing N N 179 
LEU OXT HXT  sing N N 180 
LYS N   CA   sing N N 181 
LYS N   H    sing N N 182 
LYS N   H2   sing N N 183 
LYS CA  C    sing N N 184 
LYS CA  CB   sing N N 185 
LYS CA  HA   sing N N 186 
LYS C   O    doub N N 187 
LYS C   OXT  sing N N 188 
LYS CB  CG   sing N N 189 
LYS CB  HB2  sing N N 190 
LYS CB  HB3  sing N N 191 
LYS CG  CD   sing N N 192 
LYS CG  HG2  sing N N 193 
LYS CG  HG3  sing N N 194 
LYS CD  CE   sing N N 195 
LYS CD  HD2  sing N N 196 
LYS CD  HD3  sing N N 197 
LYS CE  NZ   sing N N 198 
LYS CE  HE2  sing N N 199 
LYS CE  HE3  sing N N 200 
LYS NZ  HZ1  sing N N 201 
LYS NZ  HZ2  sing N N 202 
LYS NZ  HZ3  sing N N 203 
LYS OXT HXT  sing N N 204 
MET N   CA   sing N N 205 
MET N   H    sing N N 206 
MET N   H2   sing N N 207 
MET CA  C    sing N N 208 
MET CA  CB   sing N N 209 
MET CA  HA   sing N N 210 
MET C   O    doub N N 211 
MET C   OXT  sing N N 212 
MET CB  CG   sing N N 213 
MET CB  HB2  sing N N 214 
MET CB  HB3  sing N N 215 
MET CG  SD   sing N N 216 
MET CG  HG2  sing N N 217 
MET CG  HG3  sing N N 218 
MET SD  CE   sing N N 219 
MET CE  HE1  sing N N 220 
MET CE  HE2  sing N N 221 
MET CE  HE3  sing N N 222 
MET OXT HXT  sing N N 223 
PHE N   CA   sing N N 224 
PHE N   H    sing N N 225 
PHE N   H2   sing N N 226 
PHE CA  C    sing N N 227 
PHE CA  CB   sing N N 228 
PHE CA  HA   sing N N 229 
PHE C   O    doub N N 230 
PHE C   OXT  sing N N 231 
PHE CB  CG   sing N N 232 
PHE CB  HB2  sing N N 233 
PHE CB  HB3  sing N N 234 
PHE CG  CD1  doub Y N 235 
PHE CG  CD2  sing Y N 236 
PHE CD1 CE1  sing Y N 237 
PHE CD1 HD1  sing N N 238 
PHE CD2 CE2  doub Y N 239 
PHE CD2 HD2  sing N N 240 
PHE CE1 CZ   doub Y N 241 
PHE CE1 HE1  sing N N 242 
PHE CE2 CZ   sing Y N 243 
PHE CE2 HE2  sing N N 244 
PHE CZ  HZ   sing N N 245 
PHE OXT HXT  sing N N 246 
PRO N   CA   sing N N 247 
PRO N   CD   sing N N 248 
PRO N   H    sing N N 249 
PRO CA  C    sing N N 250 
PRO CA  CB   sing N N 251 
PRO CA  HA   sing N N 252 
PRO C   O    doub N N 253 
PRO C   OXT  sing N N 254 
PRO CB  CG   sing N N 255 
PRO CB  HB2  sing N N 256 
PRO CB  HB3  sing N N 257 
PRO CG  CD   sing N N 258 
PRO CG  HG2  sing N N 259 
PRO CG  HG3  sing N N 260 
PRO CD  HD2  sing N N 261 
PRO CD  HD3  sing N N 262 
PRO OXT HXT  sing N N 263 
SER N   CA   sing N N 264 
SER N   H    sing N N 265 
SER N   H2   sing N N 266 
SER CA  C    sing N N 267 
SER CA  CB   sing N N 268 
SER CA  HA   sing N N 269 
SER C   O    doub N N 270 
SER C   OXT  sing N N 271 
SER CB  OG   sing N N 272 
SER CB  HB2  sing N N 273 
SER CB  HB3  sing N N 274 
SER OG  HG   sing N N 275 
SER OXT HXT  sing N N 276 
THR N   CA   sing N N 277 
THR N   H    sing N N 278 
THR N   H2   sing N N 279 
THR CA  C    sing N N 280 
THR CA  CB   sing N N 281 
THR CA  HA   sing N N 282 
THR C   O    doub N N 283 
THR C   OXT  sing N N 284 
THR CB  OG1  sing N N 285 
THR CB  CG2  sing N N 286 
THR CB  HB   sing N N 287 
THR OG1 HG1  sing N N 288 
THR CG2 HG21 sing N N 289 
THR CG2 HG22 sing N N 290 
THR CG2 HG23 sing N N 291 
THR OXT HXT  sing N N 292 
TRP N   CA   sing N N 293 
TRP N   H    sing N N 294 
TRP N   H2   sing N N 295 
TRP CA  C    sing N N 296 
TRP CA  CB   sing N N 297 
TRP CA  HA   sing N N 298 
TRP C   O    doub N N 299 
TRP C   OXT  sing N N 300 
TRP CB  CG   sing N N 301 
TRP CB  HB2  sing N N 302 
TRP CB  HB3  sing N N 303 
TRP CG  CD1  doub Y N 304 
TRP CG  CD2  sing Y N 305 
TRP CD1 NE1  sing Y N 306 
TRP CD1 HD1  sing N N 307 
TRP CD2 CE2  doub Y N 308 
TRP CD2 CE3  sing Y N 309 
TRP NE1 CE2  sing Y N 310 
TRP NE1 HE1  sing N N 311 
TRP CE2 CZ2  sing Y N 312 
TRP CE3 CZ3  doub Y N 313 
TRP CE3 HE3  sing N N 314 
TRP CZ2 CH2  doub Y N 315 
TRP CZ2 HZ2  sing N N 316 
TRP CZ3 CH2  sing Y N 317 
TRP CZ3 HZ3  sing N N 318 
TRP CH2 HH2  sing N N 319 
TRP OXT HXT  sing N N 320 
TYR N   CA   sing N N 321 
TYR N   H    sing N N 322 
TYR N   H2   sing N N 323 
TYR CA  C    sing N N 324 
TYR CA  CB   sing N N 325 
TYR CA  HA   sing N N 326 
TYR C   O    doub N N 327 
TYR C   OXT  sing N N 328 
TYR CB  CG   sing N N 329 
TYR CB  HB2  sing N N 330 
TYR CB  HB3  sing N N 331 
TYR CG  CD1  doub Y N 332 
TYR CG  CD2  sing Y N 333 
TYR CD1 CE1  sing Y N 334 
TYR CD1 HD1  sing N N 335 
TYR CD2 CE2  doub Y N 336 
TYR CD2 HD2  sing N N 337 
TYR CE1 CZ   doub Y N 338 
TYR CE1 HE1  sing N N 339 
TYR CE2 CZ   sing Y N 340 
TYR CE2 HE2  sing N N 341 
TYR CZ  OH   sing N N 342 
TYR OH  HH   sing N N 343 
TYR OXT HXT  sing N N 344 
VAL N   CA   sing N N 345 
VAL N   H    sing N N 346 
VAL N   H2   sing N N 347 
VAL CA  C    sing N N 348 
VAL CA  CB   sing N N 349 
VAL CA  HA   sing N N 350 
VAL C   O    doub N N 351 
VAL C   OXT  sing N N 352 
VAL CB  CG1  sing N N 353 
VAL CB  CG2  sing N N 354 
VAL CB  HB   sing N N 355 
VAL CG1 HG11 sing N N 356 
VAL CG1 HG12 sing N N 357 
VAL CG1 HG13 sing N N 358 
VAL CG2 HG21 sing N N 359 
VAL CG2 HG22 sing N N 360 
VAL CG2 HG23 sing N N 361 
VAL OXT HXT  sing N N 362 
# 
_atom_sites.entry_id                    4G08 
_atom_sites.fract_transf_matrix[1][1]   -0.01147936 
_atom_sites.fract_transf_matrix[1][2]   0.02668423 
_atom_sites.fract_transf_matrix[1][3]   0.02018478 
_atom_sites.fract_transf_matrix[2][1]   0.00981133 
_atom_sites.fract_transf_matrix[2][2]   0.01129892 
_atom_sites.fract_transf_matrix[2][3]   -0.00935731 
_atom_sites.fract_transf_matrix[3][1]   -0.01028069 
_atom_sites.fract_transf_matrix[3][2]   0.00195009 
_atom_sites.fract_transf_matrix[3][3]   -0.00842479 
_atom_sites.fract_transf_vector[1]      1.359715 
_atom_sites.fract_transf_vector[2]      0.912703 
_atom_sites.fract_transf_vector[3]      -0.120279 
# 
loop_
_atom_type.symbol 
C 
N 
O 
S 
# 
loop_
_atom_site.group_PDB 
_atom_site.id 
_atom_site.type_symbol 
_atom_site.label_atom_id 
_atom_site.label_alt_id 
_atom_site.label_comp_id 
_atom_site.label_asym_id 
_atom_site.label_entity_id 
_atom_site.label_seq_id 
_atom_site.pdbx_PDB_ins_code 
_atom_site.Cartn_x 
_atom_site.Cartn_y 
_atom_site.Cartn_z 
_atom_site.occupancy 
_atom_site.B_iso_or_equiv 
_atom_site.pdbx_formal_charge 
_atom_site.auth_seq_id 
_atom_site.auth_comp_id 
_atom_site.auth_asym_id 
_atom_site.auth_atom_id 
_atom_site.pdbx_PDB_model_num 
ATOM   1    N N   . GLY A 1 15  ? -10.367 -5.647  -22.249 1.00 41.69 ? 34  GLY A N   1 
ATOM   2    C CA  . GLY A 1 15  ? -9.362  -6.648  -22.694 1.00 44.92 ? 34  GLY A CA  1 
ATOM   3    C C   . GLY A 1 15  ? -8.259  -5.988  -23.489 1.00 47.34 ? 34  GLY A C   1 
ATOM   4    O O   . GLY A 1 15  ? -8.446  -4.918  -24.070 1.00 39.28 ? 34  GLY A O   1 
ATOM   5    N N   . PHE A 1 16  ? -7.107  -6.653  -23.530 1.00 42.84 ? 35  PHE A N   1 
ATOM   6    C CA  . PHE A 1 16  ? -5.886  -6.036  -23.972 1.00 33.19 ? 35  PHE A CA  1 
ATOM   7    C C   . PHE A 1 16  ? -4.755  -7.035  -24.215 1.00 29.88 ? 35  PHE A C   1 
ATOM   8    O O   . PHE A 1 16  ? -4.361  -7.693  -23.294 1.00 24.19 ? 35  PHE A O   1 
ATOM   9    C CB  . PHE A 1 16  ? -5.490  -5.114  -22.843 1.00 35.52 ? 35  PHE A CB  1 
ATOM   10   C CG  . PHE A 1 16  ? -4.340  -4.268  -23.137 1.00 31.36 ? 35  PHE A CG  1 
ATOM   11   C CD1 . PHE A 1 16  ? -4.099  -3.827  -24.393 1.00 30.78 ? 35  PHE A CD1 1 
ATOM   12   C CD2 . PHE A 1 16  ? -3.474  -3.916  -22.147 1.00 30.23 ? 35  PHE A CD2 1 
ATOM   13   C CE1 . PHE A 1 16  ? -3.026  -3.050  -24.623 1.00 37.49 ? 35  PHE A CE1 1 
ATOM   14   C CE2 . PHE A 1 16  ? -2.415  -3.168  -22.404 1.00 27.77 ? 35  PHE A CE2 1 
ATOM   15   C CZ  . PHE A 1 16  ? -2.190  -2.734  -23.626 1.00 31.46 ? 35  PHE A CZ  1 
ATOM   16   N N   . VAL A 1 17  ? -4.230  -7.139  -25.438 1.00 26.03 ? 36  VAL A N   1 
ATOM   17   C CA  . VAL A 1 17  ? -2.976  -7.890  -25.606 1.00 21.60 ? 36  VAL A CA  1 
ATOM   18   C C   . VAL A 1 17  ? -1.782  -6.949  -25.557 1.00 22.85 ? 36  VAL A C   1 
ATOM   19   O O   . VAL A 1 17  ? -1.502  -6.235  -26.520 1.00 23.69 ? 36  VAL A O   1 
ATOM   20   C CB  . VAL A 1 17  ? -2.903  -8.687  -26.925 1.00 25.46 ? 36  VAL A CB  1 
ATOM   21   C CG1 . VAL A 1 17  ? -1.601  -9.474  -26.987 1.00 19.53 ? 36  VAL A CG1 1 
ATOM   22   C CG2 . VAL A 1 17  ? -4.074  -9.643  -27.046 1.00 31.80 ? 36  VAL A CG2 1 
ATOM   23   N N   . ALA A 1 18  ? -1.007  -7.044  -24.488 1.00 19.87 ? 37  ALA A N   1 
ATOM   24   C CA  . ALA A 1 18  ? 0.147   -6.179  -24.317 1.00 17.08 ? 37  ALA A CA  1 
ATOM   25   C C   . ALA A 1 18  ? 1.343   -6.749  -25.070 1.00 18.71 ? 37  ALA A C   1 
ATOM   26   O O   . ALA A 1 18  ? 1.542   -7.959  -25.106 1.00 18.01 ? 37  ALA A O   1 
ATOM   27   C CB  . ALA A 1 18  ? 0.469   -6.039  -22.844 1.00 15.29 ? 37  ALA A CB  1 
ATOM   28   N N   . LYS A 1 19  ? 2.128   -5.866  -25.673 1.00 21.20 ? 38  LYS A N   1 
ATOM   29   C CA  A LYS A 1 19  ? 3.382   -6.269  -26.291 0.73 19.44 ? 38  LYS A CA  1 
ATOM   30   C CA  B LYS A 1 19  ? 3.372   -6.249  -26.321 0.27 19.54 ? 38  LYS A CA  1 
ATOM   31   C C   . LYS A 1 19  ? 4.489   -5.290  -25.951 1.00 20.03 ? 38  LYS A C   1 
ATOM   32   O O   . LYS A 1 19  ? 4.648   -4.253  -26.590 1.00 20.78 ? 38  LYS A O   1 
ATOM   33   C CB  A LYS A 1 19  ? 3.243   -6.402  -27.804 0.73 23.63 ? 38  LYS A CB  1 
ATOM   34   C CB  B LYS A 1 19  ? 3.175   -6.248  -27.831 0.27 23.50 ? 38  LYS A CB  1 
ATOM   35   C CG  A LYS A 1 19  ? 4.486   -6.997  -28.444 0.73 23.29 ? 38  LYS A CG  1 
ATOM   36   C CG  B LYS A 1 19  ? 2.283   -7.375  -28.302 0.27 24.22 ? 38  LYS A CG  1 
ATOM   37   C CD  A LYS A 1 19  ? 4.495   -6.868  -29.956 0.73 31.78 ? 38  LYS A CD  1 
ATOM   38   C CD  B LYS A 1 19  ? 2.918   -8.712  -27.964 0.27 26.09 ? 38  LYS A CD  1 
ATOM   39   C CE  A LYS A 1 19  ? 5.319   -7.988  -30.572 0.73 27.23 ? 38  LYS A CE  1 
ATOM   40   C CE  B LYS A 1 19  ? 1.885   -9.724  -27.508 0.27 19.83 ? 38  LYS A CE  1 
ATOM   41   N NZ  A LYS A 1 19  ? 5.964   -7.591  -31.852 0.73 48.05 ? 38  LYS A NZ  1 
ATOM   42   N NZ  B LYS A 1 19  ? 1.467   -10.616 -28.624 0.27 28.78 ? 38  LYS A NZ  1 
ATOM   43   N N   . ASP A 1 20  ? 5.179   -5.584  -24.861 1.00 18.62 ? 39  ASP A N   1 
ATOM   44   C CA  . ASP A 1 20  ? 6.241   -4.725  -24.362 1.00 22.73 ? 39  ASP A CA  1 
ATOM   45   C C   . ASP A 1 20  ? 5.757   -3.306  -24.144 1.00 24.29 ? 39  ASP A C   1 
ATOM   46   O O   . ASP A 1 20  ? 6.429   -2.343  -24.509 1.00 27.60 ? 39  ASP A O   1 
ATOM   47   C CB  . ASP A 1 20  ? 7.426   -4.730  -25.319 1.00 27.23 ? 39  ASP A CB  1 
ATOM   48   C CG  . ASP A 1 20  ? 8.512   -5.677  -24.875 1.00 43.67 ? 39  ASP A CG  1 
ATOM   49   O OD1 . ASP A 1 20  ? 8.361   -6.894  -25.128 1.00 45.92 ? 39  ASP A OD1 1 
ATOM   50   O OD2 . ASP A 1 20  ? 9.329   -5.267  -24.020 1.00 42.87 ? 39  ASP A OD2 1 
ATOM   51   N N   . ASP A 1 21  ? 4.577   -3.189  -23.554 1.00 20.66 ? 40  ASP A N   1 
ATOM   52   C CA  . ASP A 1 21  ? 4.019   -1.895  -23.230 1.00 18.81 ? 40  ASP A CA  1 
ATOM   53   C C   . ASP A 1 21  ? 4.504   -1.493  -21.852 1.00 18.94 ? 40  ASP A C   1 
ATOM   54   O O   . ASP A 1 21  ? 4.825   -2.345  -21.030 1.00 19.36 ? 40  ASP A O   1 
ATOM   55   C CB  . ASP A 1 21  ? 2.496   -1.960  -23.248 1.00 24.17 ? 40  ASP A CB  1 
ATOM   56   C CG  . ASP A 1 21  ? 1.949   -2.298  -24.615 1.00 23.89 ? 40  ASP A CG  1 
ATOM   57   O OD1 . ASP A 1 21  ? 2.131   -1.492  -25.553 1.00 23.65 ? 40  ASP A OD1 1 
ATOM   58   O OD2 . ASP A 1 21  ? 1.290   -3.349  -24.740 1.00 25.39 ? 40  ASP A OD2 1 
ATOM   59   N N   . SER A 1 22  ? 4.642   -0.197  -21.617 1.00 22.33 ? 41  SER A N   1 
ATOM   60   C CA  . SER A 1 22  ? 5.081   0.248   -20.305 1.00 22.49 ? 41  SER A CA  1 
ATOM   61   C C   . SER A 1 22  ? 3.984   -0.053  -19.295 1.00 14.91 ? 41  SER A C   1 
ATOM   62   O O   . SER A 1 22  ? 2.806   -0.086  -19.640 1.00 16.38 ? 41  SER A O   1 
ATOM   63   C CB  . SER A 1 22  ? 5.393   1.739   -20.312 1.00 23.46 ? 41  SER A CB  1 
ATOM   64   O OG  . SER A 1 22  ? 4.193   2.492   -20.266 1.00 32.44 ? 41  SER A OG  1 
ATOM   65   N N   . LEU A 1 23  ? 4.370   -0.251  -18.043 1.00 16.62 ? 42  LEU A N   1 
ATOM   66   C CA  . LEU A 1 23  ? 3.393   -0.479  -16.989 1.00 18.27 ? 42  LEU A CA  1 
ATOM   67   C C   . LEU A 1 23  ? 2.418   0.674   -16.896 1.00 18.04 ? 42  LEU A C   1 
ATOM   68   O O   . LEU A 1 23  ? 1.270   0.489   -16.501 1.00 20.69 ? 42  LEU A O   1 
ATOM   69   C CB  . LEU A 1 23  ? 4.080   -0.674  -15.646 1.00 16.99 ? 42  LEU A CB  1 
ATOM   70   C CG  . LEU A 1 23  ? 4.661   -2.069  -15.469 1.00 19.76 ? 42  LEU A CG  1 
ATOM   71   C CD1 . LEU A 1 23  ? 4.773   -2.451  -14.006 1.00 19.63 ? 42  LEU A CD1 1 
ATOM   72   C CD2 . LEU A 1 23  ? 3.804   -3.073  -16.212 1.00 24.70 ? 42  LEU A CD2 1 
ATOM   73   N N   . ARG A 1 24  ? 2.872   1.878   -17.224 1.00 15.77 ? 43  ARG A N   1 
ATOM   74   C CA  . ARG A 1 24  ? 1.978   3.020   -17.146 1.00 23.74 ? 43  ARG A CA  1 
ATOM   75   C C   . ARG A 1 24  ? 0.831   2.884   -18.129 1.00 19.91 ? 43  ARG A C   1 
ATOM   76   O O   . ARG A 1 24  ? -0.327  3.084   -17.778 1.00 26.72 ? 43  ARG A O   1 
ATOM   77   C CB  . ARG A 1 24  ? 2.703   4.337   -17.382 1.00 26.48 ? 43  ARG A CB  1 
ATOM   78   C CG  . ARG A 1 24  ? 1.851   5.527   -16.978 1.00 32.60 ? 43  ARG A CG  1 
ATOM   79   C CD  . ARG A 1 24  ? 2.600   6.841   -17.089 1.00 35.94 ? 43  ARG A CD  1 
ATOM   80   N NE  . ARG A 1 24  ? 3.832   6.849   -16.306 1.00 38.47 ? 43  ARG A NE  1 
ATOM   81   C CZ  . ARG A 1 24  ? 3.874   7.117   -15.008 1.00 35.58 ? 43  ARG A CZ  1 
ATOM   82   N NH1 . ARG A 1 24  ? 2.744   7.332   -14.353 1.00 41.45 ? 43  ARG A NH1 1 
ATOM   83   N NH2 . ARG A 1 24  ? 5.037   7.207   -14.374 1.00 33.83 ? 43  ARG A NH2 1 
ATOM   84   N N   . THR A 1 25  ? 1.150   2.513   -19.356 1.00 22.64 ? 44  THR A N   1 
ATOM   85   C CA  . THR A 1 25  ? 0.123   2.294   -20.354 1.00 20.37 ? 44  THR A CA  1 
ATOM   86   C C   . THR A 1 25  ? -0.797  1.158   -19.933 1.00 23.87 ? 44  THR A C   1 
ATOM   87   O O   . THR A 1 25  ? -2.023  1.298   -19.933 1.00 26.03 ? 44  THR A O   1 
ATOM   88   C CB  . THR A 1 25  ? 0.770   1.960   -21.696 1.00 27.42 ? 44  THR A CB  1 
ATOM   89   O OG1 . THR A 1 25  ? 1.455   3.119   -22.184 1.00 29.22 ? 44  THR A OG1 1 
ATOM   90   C CG2 . THR A 1 25  ? -0.271  1.522   -22.699 1.00 34.12 ? 44  THR A CG2 1 
ATOM   91   N N   . PHE A 1 26  ? -0.197  0.098   -19.417 1.00 18.07 ? 45  PHE A N   1 
ATOM   92   C CA  . PHE A 1 26  ? -0.955  -1.073  -19.021 1.00 20.06 ? 45  PHE A CA  1 
ATOM   93   C C   . PHE A 1 26  ? -1.950  -0.751  -17.913 1.00 16.27 ? 45  PHE A C   1 
ATOM   94   O O   . PHE A 1 26  ? -3.133  -1.069  -18.022 1.00 19.16 ? 45  PHE A O   1 
ATOM   95   C CB  . PHE A 1 26  ? -0.011  -2.168  -18.561 1.00 14.22 ? 45  PHE A CB  1 
ATOM   96   C CG  . PHE A 1 26  ? -0.711  -3.373  -18.036 1.00 20.01 ? 45  PHE A CG  1 
ATOM   97   C CD1 . PHE A 1 26  ? -1.271  -4.289  -18.902 1.00 19.66 ? 45  PHE A CD1 1 
ATOM   98   C CD2 . PHE A 1 26  ? -0.931  -3.510  -16.687 1.00 18.26 ? 45  PHE A CD2 1 
ATOM   99   C CE1 . PHE A 1 26  ? -1.980  -5.366  -18.418 1.00 22.77 ? 45  PHE A CE1 1 
ATOM   100  C CE2 . PHE A 1 26  ? -1.595  -4.603  -16.194 1.00 24.29 ? 45  PHE A CE2 1 
ATOM   101  C CZ  . PHE A 1 26  ? -2.142  -5.520  -17.063 1.00 18.83 ? 45  PHE A CZ  1 
ATOM   102  N N   . PHE A 1 27  ? -1.482  -0.113  -16.849 1.00 17.94 ? 46  PHE A N   1 
ATOM   103  C CA  . PHE A 1 27  ? -2.381  0.196   -15.742 1.00 18.67 ? 46  PHE A CA  1 
ATOM   104  C C   . PHE A 1 27  ? -3.390  1.281   -16.063 1.00 23.65 ? 46  PHE A C   1 
ATOM   105  O O   . PHE A 1 27  ? -4.516  1.226   -15.577 1.00 22.30 ? 46  PHE A O   1 
ATOM   106  C CB  . PHE A 1 27  ? -1.612  0.555   -14.484 1.00 14.49 ? 46  PHE A CB  1 
ATOM   107  C CG  . PHE A 1 27  ? -1.030  -0.623  -13.799 1.00 17.65 ? 46  PHE A CG  1 
ATOM   108  C CD1 . PHE A 1 27  ? -1.833  -1.668  -13.396 1.00 19.72 ? 46  PHE A CD1 1 
ATOM   109  C CD2 . PHE A 1 27  ? 0.335   -0.761  -13.710 1.00 19.06 ? 46  PHE A CD2 1 
ATOM   110  C CE1 . PHE A 1 27  ? -1.283  -2.798  -12.836 1.00 24.63 ? 46  PHE A CE1 1 
ATOM   111  C CE2 . PHE A 1 27  ? 0.895   -1.892  -13.163 1.00 20.88 ? 46  PHE A CE2 1 
ATOM   112  C CZ  . PHE A 1 27  ? 0.084   -2.908  -12.712 1.00 29.86 ? 46  PHE A CZ  1 
ATOM   113  N N   . ASP A 1 28  ? -3.063  2.158   -17.003 1.00 21.54 ? 47  ASP A N   1 
ATOM   114  C CA  . ASP A 1 28  ? -4.072  3.062   -17.540 1.00 25.09 ? 47  ASP A CA  1 
ATOM   115  C C   . ASP A 1 28  ? -5.192  2.274   -18.197 1.00 24.87 ? 47  ASP A C   1 
ATOM   116  O O   . ASP A 1 28  ? -6.368  2.587   -18.020 1.00 27.77 ? 47  ASP A O   1 
ATOM   117  C CB  . ASP A 1 28  ? -3.469  4.034   -18.548 1.00 29.05 ? 47  ASP A CB  1 
ATOM   118  C CG  . ASP A 1 28  ? -2.782  5.203   -17.881 1.00 37.54 ? 47  ASP A CG  1 
ATOM   119  O OD1 . ASP A 1 28  ? -2.938  5.367   -16.653 1.00 39.56 ? 47  ASP A OD1 1 
ATOM   120  O OD2 . ASP A 1 28  ? -2.040  5.930   -18.574 1.00 40.17 ? 47  ASP A OD2 1 
ATOM   121  N N   . ALA A 1 29  ? -4.826  1.220   -18.914 1.00 24.79 ? 48  ALA A N   1 
ATOM   122  C CA  . ALA A 1 29  ? -5.812  0.373   -19.569 1.00 24.36 ? 48  ALA A CA  1 
ATOM   123  C C   . ALA A 1 29  ? -6.703  -0.320  -18.545 1.00 26.98 ? 48  ALA A C   1 
ATOM   124  O O   . ALA A 1 29  ? -7.923  -0.363  -18.698 1.00 24.55 ? 48  ALA A O   1 
ATOM   125  C CB  . ALA A 1 29  ? -5.123  -0.653  -20.447 1.00 22.40 ? 48  ALA A CB  1 
ATOM   126  N N   . MET A 1 30  ? -6.098  -0.809  -17.473 1.00 25.02 ? 49  MET A N   1 
ATOM   127  C CA  . MET A 1 30  ? -6.862  -1.440  -16.407 1.00 23.56 ? 49  MET A CA  1 
ATOM   128  C C   . MET A 1 30  ? -7.858  -0.469  -15.770 1.00 25.92 ? 49  MET A C   1 
ATOM   129  O O   . MET A 1 30  ? -8.948  -0.861  -15.353 1.00 35.13 ? 49  MET A O   1 
ATOM   130  C CB  . MET A 1 30  ? -5.930  -1.988  -15.335 1.00 23.87 ? 49  MET A CB  1 
ATOM   131  C CG  . MET A 1 30  ? -6.666  -2.209  -14.030 1.00 32.98 ? 49  MET A CG  1 
ATOM   132  S SD  . MET A 1 30  ? -5.614  -2.694  -12.658 1.00 34.09 ? 49  MET A SD  1 
ATOM   133  C CE  . MET A 1 30  ? -4.955  -4.194  -13.360 1.00 26.29 ? 49  MET A CE  1 
ATOM   134  N N   . ALA A 1 31  ? -7.492  0.805   -15.734 1.00 29.51 ? 50  ALA A N   1 
ATOM   135  C CA  . ALA A 1 31  ? -8.244  1.799   -14.980 1.00 25.46 ? 50  ALA A CA  1 
ATOM   136  C C   . ALA A 1 31  ? -9.492  2.250   -15.723 1.00 26.53 ? 50  ALA A C   1 
ATOM   137  O O   . ALA A 1 31  ? -10.281 3.029   -15.200 1.00 21.67 ? 50  ALA A O   1 
ATOM   138  C CB  . ALA A 1 31  ? -7.365  2.993   -14.679 1.00 28.24 ? 50  ALA A CB  1 
ATOM   139  N N   . LEU A 1 32  ? -9.568  1.914   -17.006 1.00 30.60 ? 51  LEU A N   1 
ATOM   140  C CA  . LEU A 1 32  ? -10.696 2.340   -17.825 1.00 31.83 ? 51  LEU A CA  1 
ATOM   141  C C   . LEU A 1 32  ? -12.005 1.953   -17.184 1.00 33.78 ? 51  LEU A C   1 
ATOM   142  O O   . LEU A 1 32  ? -13.035 2.590   -17.411 1.00 40.52 ? 51  LEU A O   1 
ATOM   143  C CB  . LEU A 1 32  ? -10.606 1.695   -19.192 1.00 34.37 ? 51  LEU A CB  1 
ATOM   144  C CG  . LEU A 1 32  ? -9.451  2.335   -19.932 1.00 34.77 ? 51  LEU A CG  1 
ATOM   145  C CD1 . LEU A 1 32  ? -9.405  1.907   -21.378 1.00 34.15 ? 51  LEU A CD1 1 
ATOM   146  C CD2 . LEU A 1 32  ? -9.639  3.828   -19.830 1.00 35.62 ? 51  LEU A CD2 1 
ATOM   147  N N   . GLN A 1 33  ? -12.010 0.756   -16.617 1.00 26.11 ? 52  GLN A N   1 
ATOM   148  C CA  . GLN A 1 33  ? -13.224 0.183   -16.084 1.00 30.21 ? 52  GLN A CA  1 
ATOM   149  C C   . GLN A 1 33  ? -13.263 0.407   -14.583 1.00 31.17 ? 52  GLN A C   1 
ATOM   150  O O   . GLN A 1 33  ? -13.949 -0.311  -13.859 1.00 38.78 ? 52  GLN A O   1 
ATOM   151  C CB  . GLN A 1 33  ? -13.287 -1.308  -16.410 1.00 38.22 ? 52  GLN A CB  1 
ATOM   152  C CG  . GLN A 1 33  ? -13.075 -1.620  -17.887 1.00 43.72 ? 52  GLN A CG  1 
ATOM   153  C CD  . GLN A 1 33  ? -13.534 -3.015  -18.268 1.00 48.33 ? 52  GLN A CD  1 
ATOM   154  O OE1 . GLN A 1 33  ? -13.398 -3.963  -17.490 1.00 44.95 ? 52  GLN A OE1 1 
ATOM   155  N NE2 . GLN A 1 33  ? -14.072 -3.151  -19.475 1.00 53.62 ? 52  GLN A NE2 1 
ATOM   156  N N   . LEU A 1 34  ? -12.467 1.360   -14.115 1.00 29.23 ? 53  LEU A N   1 
ATOM   157  C CA  . LEU A 1 34  ? -12.448 1.713   -12.706 1.00 28.00 ? 53  LEU A CA  1 
ATOM   158  C C   . LEU A 1 34  ? -12.890 3.153   -12.526 1.00 29.19 ? 53  LEU A C   1 
ATOM   159  O O   . LEU A 1 34  ? -12.608 4.018   -13.356 1.00 34.05 ? 53  LEU A O   1 
ATOM   160  C CB  . LEU A 1 34  ? -11.045 1.543   -12.127 1.00 24.77 ? 53  LEU A CB  1 
ATOM   161  C CG  . LEU A 1 34  ? -10.462 0.133   -12.130 1.00 27.48 ? 53  LEU A CG  1 
ATOM   162  C CD1 . LEU A 1 34  ? -9.085  0.119   -11.492 1.00 27.08 ? 53  LEU A CD1 1 
ATOM   163  C CD2 . LEU A 1 34  ? -11.379 -0.842  -11.421 1.00 31.80 ? 53  LEU A CD2 1 
ATOM   164  N N   . LYS A 1 35  ? -13.466 3.419   -11.356 1.00 26.96 ? 54  LYS A N   1 
ATOM   165  C CA  . LYS A 1 35  ? -13.805 4.784   -10.959 1.00 35.25 ? 54  LYS A CA  1 
ATOM   166  C C   . LYS A 1 35  ? -12.570 5.558   -10.499 1.00 27.03 ? 54  LYS A C   1 
ATOM   167  O O   . LYS A 1 35  ? -12.470 6.771   -10.702 1.00 29.60 ? 54  LYS A O   1 
ATOM   168  C CB  . LYS A 1 35  ? -14.851 4.747   -9.845  1.00 35.52 ? 54  LYS A CB  1 
ATOM   169  C CG  . LYS A 1 35  ? -16.223 4.300   -10.320 1.00 35.40 ? 54  LYS A CG  1 
ATOM   170  C CD  . LYS A 1 35  ? -17.317 4.768   -9.374  1.00 48.86 ? 54  LYS A CD  1 
ATOM   171  C CE  . LYS A 1 35  ? -18.519 3.832   -9.397  1.00 59.34 ? 54  LYS A CE  1 
ATOM   172  N NZ  . LYS A 1 35  ? -19.645 4.296   -8.535  1.00 45.57 ? 54  LYS A NZ  1 
ATOM   173  N N   . GLU A 1 36  ? -11.615 4.840   -9.921  1.00 25.07 ? 55  GLU A N   1 
ATOM   174  C CA  . GLU A 1 36  ? -10.455 5.466   -9.305  1.00 21.07 ? 55  GLU A CA  1 
ATOM   175  C C   . GLU A 1 36  ? -9.316  5.556   -10.296 1.00 23.86 ? 55  GLU A C   1 
ATOM   176  O O   . GLU A 1 36  ? -9.074  4.625   -11.055 1.00 21.11 ? 55  GLU A O   1 
ATOM   177  C CB  . GLU A 1 36  ? -10.004 4.660   -8.101  1.00 26.31 ? 55  GLU A CB  1 
ATOM   178  C CG  . GLU A 1 36  ? -11.104 4.447   -7.090  1.00 26.29 ? 55  GLU A CG  1 
ATOM   179  C CD  . GLU A 1 36  ? -11.763 3.092   -7.228  1.00 40.74 ? 55  GLU A CD  1 
ATOM   180  O OE1 . GLU A 1 36  ? -11.234 2.241   -7.976  1.00 29.59 ? 55  GLU A OE1 1 
ATOM   181  O OE2 . GLU A 1 36  ? -12.809 2.880   -6.577  1.00 44.25 ? 55  GLU A OE2 1 
ATOM   182  N N   . PRO A 1 37  ? -8.562  6.655   -10.238 1.00 19.09 ? 56  PRO A N   1 
ATOM   183  C CA  . PRO A 1 37  ? -7.351  6.757   -11.022 1.00 21.93 ? 56  PRO A CA  1 
ATOM   184  C C   . PRO A 1 37  ? -6.275  5.858   -10.470 1.00 14.28 ? 56  PRO A C   1 
ATOM   185  O O   . PRO A 1 37  ? -6.315  5.472   -9.299  1.00 17.08 ? 56  PRO A O   1 
ATOM   186  C CB  . PRO A 1 37  ? -6.941  8.216   -10.856 1.00 23.77 ? 56  PRO A CB  1 
ATOM   187  C CG  . PRO A 1 37  ? -7.500  8.612   -9.551  1.00 20.94 ? 56  PRO A CG  1 
ATOM   188  C CD  . PRO A 1 37  ? -8.754  7.819   -9.362  1.00 19.41 ? 56  PRO A CD  1 
ATOM   189  N N   . VAL A 1 38  ? -5.315  5.545   -11.326 1.00 15.77 ? 57  VAL A N   1 
ATOM   190  C CA  . VAL A 1 38  ? -4.176  4.745   -10.944 1.00 14.22 ? 57  VAL A CA  1 
ATOM   191  C C   . VAL A 1 38  ? -2.927  5.581   -11.124 1.00 18.26 ? 57  VAL A C   1 
ATOM   192  O O   . VAL A 1 38  ? -2.805  6.332   -12.094 1.00 22.94 ? 57  VAL A O   1 
ATOM   193  C CB  . VAL A 1 38  ? -4.060  3.479   -11.806 1.00 20.07 ? 57  VAL A CB  1 
ATOM   194  C CG1 . VAL A 1 38  ? -2.890  2.635   -11.349 1.00 18.52 ? 57  VAL A CG1 1 
ATOM   195  C CG2 . VAL A 1 38  ? -5.342  2.675   -11.734 1.00 22.00 ? 57  VAL A CG2 1 
ATOM   196  N N   . ILE A 1 39  ? -2.145  5.649   -10.060 1.00 12.61 ? 58  ILE A N   1 
ATOM   197  C CA  . ILE A 1 39  ? -0.935  6.434   -10.046 1.00 15.17 ? 58  ILE A CA  1 
ATOM   198  C C   . ILE A 1 39  ? 0.253   5.497   -10.023 1.00 16.13 ? 58  ILE A C   1 
ATOM   199  O O   . ILE A 1 39  ? 0.436   4.737   -9.076  1.00 18.02 ? 58  ILE A O   1 
ATOM   200  C CB  . ILE A 1 39  ? -0.903  7.319   -8.805  1.00 17.32 ? 58  ILE A CB  1 
ATOM   201  C CG1 . ILE A 1 39  ? -2.152  8.182   -8.774  1.00 22.05 ? 58  ILE A CG1 1 
ATOM   202  C CG2 . ILE A 1 39  ? 0.343   8.178   -8.784  1.00 23.10 ? 58  ILE A CG2 1 
ATOM   203  C CD1 . ILE A 1 39  ? -2.616  8.456   -7.372  1.00 28.10 ? 58  ILE A CD1 1 
ATOM   204  N N   . VAL A 1 40  ? 1.020   5.520   -11.103 1.00 13.47 ? 59  VAL A N   1 
ATOM   205  C CA  . VAL A 1 40  ? 2.142   4.615   -11.268 1.00 13.79 ? 59  VAL A CA  1 
ATOM   206  C C   . VAL A 1 40  ? 3.464   5.351   -11.084 1.00 13.15 ? 59  VAL A C   1 
ATOM   207  O O   . VAL A 1 40  ? 3.673   6.428   -11.644 1.00 14.67 ? 59  VAL A O   1 
ATOM   208  C CB  . VAL A 1 40  ? 2.122   3.949   -12.651 1.00 15.43 ? 59  VAL A CB  1 
ATOM   209  C CG1 . VAL A 1 40  ? 3.300   3.012   -12.788 1.00 14.58 ? 59  VAL A CG1 1 
ATOM   210  C CG2 . VAL A 1 40  ? 0.828   3.176   -12.851 1.00 19.74 ? 59  VAL A CG2 1 
ATOM   211  N N   . SER A 1 41  ? 4.294   4.829   -10.195 1.00 12.26 ? 60  SER A N   1 
ATOM   212  C CA  . SER A 1 41  ? 5.533   5.494   -9.835  1.00 16.82 ? 60  SER A CA  1 
ATOM   213  C C   . SER A 1 41  ? 6.502   5.488   -11.001 1.00 20.60 ? 60  SER A C   1 
ATOM   214  O O   . SER A 1 41  ? 6.394   4.679   -11.913 1.00 13.62 ? 60  SER A O   1 
ATOM   215  C CB  . SER A 1 41  ? 6.175   4.795   -8.646  1.00 16.29 ? 60  SER A CB  1 
ATOM   216  O OG  . SER A 1 41  ? 6.850   3.625   -9.062  1.00 17.09 ? 60  SER A OG  1 
ATOM   217  N N   . LYS A 1 42  ? 7.559   6.274   -10.873 1.00 22.00 ? 61  LYS A N   1 
ATOM   218  C CA  . LYS A 1 42  ? 8.554   6.347   -11.919 1.00 19.77 ? 61  LYS A CA  1 
ATOM   219  C C   . LYS A 1 42  ? 9.171   4.976   -12.164 1.00 16.80 ? 61  LYS A C   1 
ATOM   220  O O   . LYS A 1 42  ? 9.224   4.503   -13.299 1.00 20.75 ? 61  LYS A O   1 
ATOM   221  C CB  . LYS A 1 42  ? 9.641   7.335   -11.523 1.00 20.18 ? 61  LYS A CB  1 
ATOM   222  C CG  . LYS A 1 42  ? 10.925  7.149   -12.304 1.00 20.92 ? 61  LYS A CG  1 
ATOM   223  C CD  . LYS A 1 42  ? 12.051  7.987   -11.735 1.00 18.34 ? 61  LYS A CD  1 
ATOM   224  C CE  . LYS A 1 42  ? 12.870  7.179   -10.753 1.00 18.12 ? 61  LYS A CE  1 
ATOM   225  N NZ  . LYS A 1 42  ? 13.638  8.078   -9.857  1.00 23.69 ? 61  LYS A NZ  1 
ATOM   226  N N   . MET A 1 43  ? 9.591   4.310   -11.091 1.00 18.42 ? 62  MET A N   1 
ATOM   227  C CA  . MET A 1 43  ? 10.254  3.018   -11.239 1.00 20.52 ? 62  MET A CA  1 
ATOM   228  C C   . MET A 1 43  ? 9.322   1.938   -11.765 1.00 15.29 ? 62  MET A C   1 
ATOM   229  O O   . MET A 1 43  ? 9.775   0.998   -12.414 1.00 23.57 ? 62  MET A O   1 
ATOM   230  C CB  . MET A 1 43  ? 10.879  2.552   -9.927  1.00 22.59 ? 62  MET A CB  1 
ATOM   231  C CG  . MET A 1 43  ? 12.077  3.372   -9.502  1.00 22.71 ? 62  MET A CG  1 
ATOM   232  S SD  . MET A 1 43  ? 13.437  3.206   -10.669 1.00 23.54 ? 62  MET A SD  1 
ATOM   233  C CE  . MET A 1 43  ? 13.896  1.498   -10.418 1.00 22.54 ? 62  MET A CE  1 
ATOM   234  N N   . ALA A 1 44  ? 8.049   1.981   -11.400 1.00 16.84 ? 63  ALA A N   1 
ATOM   235  C CA  . ALA A 1 44  ? 7.136   0.973   -11.924 1.00 15.65 ? 63  ALA A CA  1 
ATOM   236  C C   . ALA A 1 44  ? 6.940   1.195   -13.410 1.00 20.29 ? 63  ALA A C   1 
ATOM   237  O O   . ALA A 1 44  ? 6.844   0.245   -14.188 1.00 15.33 ? 63  ALA A O   1 
ATOM   238  C CB  . ALA A 1 44  ? 5.805   1.027   -11.213 1.00 16.37 ? 63  ALA A CB  1 
ATOM   239  N N   . ALA A 1 45  ? 6.837   2.462   -13.787 1.00 14.50 ? 64  ALA A N   1 
ATOM   240  C CA  . ALA A 1 45  ? 6.490   2.838   -15.146 1.00 20.73 ? 64  ALA A CA  1 
ATOM   241  C C   . ALA A 1 45  ? 7.561   2.452   -16.158 1.00 27.05 ? 64  ALA A C   1 
ATOM   242  O O   . ALA A 1 45  ? 7.277   2.364   -17.349 1.00 18.76 ? 64  ALA A O   1 
ATOM   243  C CB  . ALA A 1 45  ? 6.204   4.324   -15.224 1.00 20.91 ? 64  ALA A CB  1 
ATOM   244  N N   . ARG A 1 46  ? 8.788   2.220   -15.709 1.00 21.39 ? 65  ARG A N   1 
ATOM   245  C CA  . ARG A 1 46  ? 9.836   1.862   -16.657 1.00 21.75 ? 65  ARG A CA  1 
ATOM   246  C C   . ARG A 1 46  ? 9.869   0.367   -16.964 1.00 26.64 ? 65  ARG A C   1 
ATOM   247  O O   . ARG A 1 46  ? 10.533  -0.054  -17.911 1.00 20.97 ? 65  ARG A O   1 
ATOM   248  C CB  . ARG A 1 46  ? 11.202  2.334   -16.191 1.00 25.10 ? 65  ARG A CB  1 
ATOM   249  C CG  . ARG A 1 46  ? 11.719  1.626   -14.968 1.00 27.06 ? 65  ARG A CG  1 
ATOM   250  C CD  . ARG A 1 46  ? 12.890  2.407   -14.412 1.00 26.67 ? 65  ARG A CD  1 
ATOM   251  N NE  . ARG A 1 46  ? 14.096  2.214   -15.206 1.00 28.33 ? 65  ARG A NE  1 
ATOM   252  C CZ  . ARG A 1 46  ? 15.007  1.281   -14.962 1.00 27.77 ? 65  ARG A CZ  1 
ATOM   253  N NH1 . ARG A 1 46  ? 14.842  0.429   -13.961 1.00 29.11 ? 65  ARG A NH1 1 
ATOM   254  N NH2 . ARG A 1 46  ? 16.073  1.181   -15.742 1.00 30.14 ? 65  ARG A NH2 1 
ATOM   255  N N   . LYS A 1 47  ? 9.040   -0.407  -16.281 1.00 19.93 ? 66  LYS A N   1 
ATOM   256  C CA  . LYS A 1 47  ? 8.913   -1.823  -16.594 1.00 17.34 ? 66  LYS A CA  1 
ATOM   257  C C   . LYS A 1 47  ? 8.005   -2.021  -17.791 1.00 18.29 ? 66  LYS A C   1 
ATOM   258  O O   . LYS A 1 47  ? 7.191   -1.200  -18.094 1.00 18.64 ? 66  LYS A O   1 
ATOM   259  C CB  . LYS A 1 47  ? 8.401   -2.607  -15.398 1.00 18.28 ? 66  LYS A CB  1 
ATOM   260  C CG  . LYS A 1 47  ? 9.395   -2.782  -14.301 1.00 20.06 ? 66  LYS A CG  1 
ATOM   261  C CD  . LYS A 1 47  ? 8.780   -3.377  -13.092 1.00 25.63 ? 66  LYS A CD  1 
ATOM   262  C CE  . LYS A 1 47  ? 9.767   -4.054  -12.196 1.00 26.36 ? 66  LYS A CE  1 
ATOM   263  N NZ  . LYS A 1 47  ? 11.121  -3.618  -12.408 1.00 38.64 ? 66  LYS A NZ  1 
ATOM   264  N N   . LYS A 1 48  ? 8.190   -3.127  -18.478 1.00 19.42 ? 67  LYS A N   1 
ATOM   265  C CA  . LYS A 1 48  ? 7.351   -3.463  -19.607 1.00 17.63 ? 67  LYS A CA  1 
ATOM   266  C C   . LYS A 1 48  ? 6.574   -4.719  -19.290 1.00 16.70 ? 67  LYS A C   1 
ATOM   267  O O   . LYS A 1 48  ? 6.998   -5.536  -18.476 1.00 21.76 ? 67  LYS A O   1 
ATOM   268  C CB  . LYS A 1 48  ? 8.200   -3.702  -20.850 1.00 21.63 ? 67  LYS A CB  1 
ATOM   269  C CG  . LYS A 1 48  ? 9.215   -2.611  -21.115 1.00 25.44 ? 67  LYS A CG  1 
ATOM   270  C CD  . LYS A 1 48  ? 8.608   -1.528  -21.980 1.00 30.72 ? 67  LYS A CD  1 
ATOM   271  C CE  . LYS A 1 48  ? 9.604   -0.418  -22.248 1.00 34.43 ? 67  LYS A CE  1 
ATOM   272  N NZ  . LYS A 1 48  ? 8.899   0.876   -22.444 1.00 35.86 ? 67  LYS A NZ  1 
ATOM   273  N N   . ILE A 1 49  ? 5.527   -4.955  -20.060 1.00 18.74 ? 68  ILE A N   1 
ATOM   274  C CA  . ILE A 1 49  ? 4.703   -6.112  -19.825 1.00 16.64 ? 68  ILE A CA  1 
ATOM   275  C C   . ILE A 1 49  ? 4.161   -6.646  -21.137 1.00 16.78 ? 68  ILE A C   1 
ATOM   276  O O   . ILE A 1 49  ? 3.996   -5.903  -22.105 1.00 17.56 ? 68  ILE A O   1 
ATOM   277  C CB  . ILE A 1 49  ? 3.563   -5.791  -18.852 1.00 15.68 ? 68  ILE A CB  1 
ATOM   278  C CG1 . ILE A 1 49  ? 2.866   -7.074  -18.430 1.00 16.21 ? 68  ILE A CG1 1 
ATOM   279  C CG2 . ILE A 1 49  ? 2.594   -4.789  -19.460 1.00 17.33 ? 68  ILE A CG2 1 
ATOM   280  C CD1 . ILE A 1 49  ? 1.741   -6.824  -17.464 1.00 26.11 ? 68  ILE A CD1 1 
ATOM   281  N N   . THR A 1 50  ? 4.120   -7.968  -21.229 1.00 19.14 ? 69  THR A N   1 
ATOM   282  C CA  . THR A 1 50  ? 3.567   -8.626  -22.401 1.00 17.33 ? 69  THR A CA  1 
ATOM   283  C C   . THR A 1 50  ? 2.565   -9.667  -21.964 1.00 18.01 ? 69  THR A C   1 
ATOM   284  O O   . THR A 1 50  ? 2.748   -10.326 -20.945 1.00 20.38 ? 69  THR A O   1 
ATOM   285  C CB  . THR A 1 50  ? 4.658   -9.325  -23.218 1.00 19.10 ? 69  THR A CB  1 
ATOM   286  O OG1 . THR A 1 50  ? 5.503   -8.344  -23.829 1.00 19.43 ? 69  THR A OG1 1 
ATOM   287  C CG2 . THR A 1 50  ? 4.040   -10.160 -24.304 1.00 16.49 ? 69  THR A CG2 1 
ATOM   288  N N   . GLY A 1 51  ? 1.513   -9.828  -22.753 1.00 17.50 ? 70  GLY A N   1 
ATOM   289  C CA  . GLY A 1 51  ? 0.590   -10.930 -22.549 1.00 17.28 ? 70  GLY A CA  1 
ATOM   290  C C   . GLY A 1 51  ? -0.839  -10.612 -22.915 1.00 18.61 ? 70  GLY A C   1 
ATOM   291  O O   . GLY A 1 51  ? -1.205  -9.461  -23.152 1.00 18.12 ? 70  GLY A O   1 
ATOM   292  N N   . ASN A 1 52  ? -1.667  -11.646 -22.928 1.00 16.86 ? 71  ASN A N   1 
ATOM   293  C CA  . ASN A 1 52  ? -3.082  -11.450 -23.127 1.00 21.23 ? 71  ASN A CA  1 
ATOM   294  C C   . ASN A 1 52  ? -3.782  -11.198 -21.808 1.00 21.21 ? 71  ASN A C   1 
ATOM   295  O O   . ASN A 1 52  ? -3.691  -12.006 -20.881 1.00 22.24 ? 71  ASN A O   1 
ATOM   296  C CB  . ASN A 1 52  ? -3.686  -12.662 -23.819 1.00 23.33 ? 71  ASN A CB  1 
ATOM   297  C CG  . ASN A 1 52  ? -5.178  -12.536 -23.996 1.00 27.34 ? 71  ASN A CG  1 
ATOM   298  O OD1 . ASN A 1 52  ? -5.662  -11.575 -24.589 1.00 28.06 ? 71  ASN A OD1 1 
ATOM   299  N ND2 . ASN A 1 52  ? -5.918  -13.418 -23.346 1.00 34.59 ? 71  ASN A ND2 1 
ATOM   300  N N   . PHE A 1 53  ? -4.373  -10.016 -21.681 1.00 20.09 ? 72  PHE A N   1 
ATOM   301  C CA  . PHE A 1 53  ? -5.011  -9.636  -20.435 1.00 23.28 ? 72  PHE A CA  1 
ATOM   302  C C   . PHE A 1 53  ? -6.498  -9.423  -20.563 1.00 30.62 ? 72  PHE A C   1 
ATOM   303  O O   . PHE A 1 53  ? -6.980  -8.734  -21.467 1.00 28.25 ? 72  PHE A O   1 
ATOM   304  C CB  . PHE A 1 53  ? -4.375  -8.388  -19.848 1.00 20.96 ? 72  PHE A CB  1 
ATOM   305  C CG  . PHE A 1 53  ? -2.983  -8.594  -19.389 1.00 17.13 ? 72  PHE A CG  1 
ATOM   306  C CD1 . PHE A 1 53  ? -2.727  -9.090  -18.132 1.00 18.62 ? 72  PHE A CD1 1 
ATOM   307  C CD2 . PHE A 1 53  ? -1.933  -8.400  -20.260 1.00 17.81 ? 72  PHE A CD2 1 
ATOM   308  C CE1 . PHE A 1 53  ? -1.442  -9.362  -17.740 1.00 23.70 ? 72  PHE A CE1 1 
ATOM   309  C CE2 . PHE A 1 53  ? -0.646  -8.676  -19.879 1.00 18.28 ? 72  PHE A CE2 1 
ATOM   310  C CZ  . PHE A 1 53  ? -0.400  -9.163  -18.617 1.00 18.08 ? 72  PHE A CZ  1 
ATOM   311  N N   . GLU A 1 54  ? -7.191  -9.915  -19.549 1.00 34.77 ? 73  GLU A N   1 
ATOM   312  C CA  . GLU A 1 54  ? -8.589  -9.617  -19.326 1.00 38.39 ? 73  GLU A CA  1 
ATOM   313  C C   . GLU A 1 54  ? -8.700  -9.015  -17.939 1.00 34.81 ? 73  GLU A C   1 
ATOM   314  O O   . GLU A 1 54  ? -7.980  -9.402  -17.017 1.00 35.73 ? 73  GLU A O   1 
ATOM   315  C CB  . GLU A 1 54  ? -9.415  -10.902 -19.380 1.00 44.60 ? 73  GLU A CB  1 
ATOM   316  C CG  . GLU A 1 54  ? -9.634  -11.452 -20.780 1.00 47.31 ? 73  GLU A CG  1 
ATOM   317  C CD  . GLU A 1 54  ? -10.515 -10.563 -21.638 1.00 55.11 ? 73  GLU A CD  1 
ATOM   318  O OE1 . GLU A 1 54  ? -11.360 -9.834  -21.075 1.00 57.73 ? 73  GLU A OE1 1 
ATOM   319  O OE2 . GLU A 1 54  ? -10.409 -10.647 -22.881 1.00 56.81 ? 73  GLU A OE2 1 
ATOM   320  N N   . PHE A 1 55  ? -9.569  -8.027  -17.816 1.00 25.70 ? 74  PHE A N   1 
ATOM   321  C CA  . PHE A 1 55  ? -9.669  -7.259  -16.596 1.00 28.82 ? 74  PHE A CA  1 
ATOM   322  C C   . PHE A 1 55  ? -10.972 -7.601  -15.879 1.00 29.35 ? 74  PHE A C   1 
ATOM   323  O O   . PHE A 1 55  ? -11.666 -6.723  -15.376 1.00 34.61 ? 74  PHE A O   1 
ATOM   324  C CB  . PHE A 1 55  ? -9.590  -5.772  -16.923 1.00 27.65 ? 74  PHE A CB  1 
ATOM   325  C CG  . PHE A 1 55  ? -8.288  -5.362  -17.548 1.00 29.29 ? 74  PHE A CG  1 
ATOM   326  C CD1 . PHE A 1 55  ? -7.088  -5.777  -16.999 1.00 28.34 ? 74  PHE A CD1 1 
ATOM   327  C CD2 . PHE A 1 55  ? -8.261  -4.635  -18.723 1.00 32.64 ? 74  PHE A CD2 1 
ATOM   328  C CE1 . PHE A 1 55  ? -5.888  -5.433  -17.582 1.00 33.01 ? 74  PHE A CE1 1 
ATOM   329  C CE2 . PHE A 1 55  ? -7.061  -4.277  -19.304 1.00 27.79 ? 74  PHE A CE2 1 
ATOM   330  C CZ  . PHE A 1 55  ? -5.872  -4.709  -18.751 1.00 25.01 ? 74  PHE A CZ  1 
ATOM   331  N N   . HIS A 1 56  ? -11.277 -8.877  -15.807 1.00 34.80 ? 75  HIS A N   1 
ATOM   332  C CA  . HIS A 1 56  ? -12.508 -9.351  -15.175 1.00 36.63 ? 75  HIS A CA  1 
ATOM   333  C C   . HIS A 1 56  ? -12.401 -9.322  -13.659 1.00 37.50 ? 75  HIS A C   1 
ATOM   334  O O   . HIS A 1 56  ? -13.362 -9.536  -12.963 1.00 27.16 ? 75  HIS A O   1 
ATOM   335  C CB  . HIS A 1 56  ? -12.839 -10.771 -15.645 1.00 33.03 ? 75  HIS A CB  1 
ATOM   336  C CG  . HIS A 1 56  ? -11.696 -11.712 -15.541 1.00 40.46 ? 75  HIS A CG  1 
ATOM   337  N ND1 . HIS A 1 56  ? -10.755 -11.833 -16.532 1.00 44.72 ? 75  HIS A ND1 1 
ATOM   338  C CD2 . HIS A 1 56  ? -11.320 -12.554 -14.559 1.00 39.53 ? 75  HIS A CD2 1 
ATOM   339  C CE1 . HIS A 1 56  ? -9.833  -12.696 -16.158 1.00 44.78 ? 75  HIS A CE1 1 
ATOM   340  N NE2 . HIS A 1 56  ? -10.152 -13.147 -14.961 1.00 54.80 ? 75  HIS A NE2 1 
ATOM   341  N N   . ASP A 1 57  ? -11.195 -9.075  -13.160 1.00 31.00 ? 76  ASP A N   1 
ATOM   342  C CA  . ASP A 1 57  ? -10.964 -9.046  -11.720 1.00 28.49 ? 76  ASP A CA  1 
ATOM   343  C C   . ASP A 1 57  ? -9.678  -8.298  -11.406 1.00 27.61 ? 76  ASP A C   1 
ATOM   344  O O   . ASP A 1 57  ? -8.648  -8.909  -11.140 1.00 23.73 ? 76  ASP A O   1 
ATOM   345  C CB  . ASP A 1 57  ? -10.887 -10.466 -11.165 1.00 30.48 ? 76  ASP A CB  1 
ATOM   346  C CG  . ASP A 1 57  ? -10.837 -10.502 -9.649  1.00 37.29 ? 76  ASP A CG  1 
ATOM   347  O OD1 . ASP A 1 57  ? -10.673 -9.432  -9.020  1.00 35.09 ? 76  ASP A OD1 1 
ATOM   348  O OD2 . ASP A 1 57  ? -10.848 -11.620 -9.088  1.00 39.82 ? 76  ASP A OD2 1 
ATOM   349  N N   . PRO A 1 58  ? -9.756  -6.963  -11.378 1.00 29.44 ? 77  PRO A N   1 
ATOM   350  C CA  . PRO A 1 58  ? -8.573  -6.109  -11.330 1.00 30.22 ? 77  PRO A CA  1 
ATOM   351  C C   . PRO A 1 58  ? -7.734  -6.287  -10.066 1.00 30.00 ? 77  PRO A C   1 
ATOM   352  O O   . PRO A 1 58  ? -6.502  -6.278  -10.130 1.00 24.73 ? 77  PRO A O   1 
ATOM   353  C CB  . PRO A 1 58  ? -9.165  -4.705  -11.379 1.00 35.52 ? 77  PRO A CB  1 
ATOM   354  C CG  . PRO A 1 58  ? -10.439 -4.862  -12.133 1.00 33.81 ? 77  PRO A CG  1 
ATOM   355  C CD  . PRO A 1 58  ? -10.935 -6.256  -11.906 1.00 32.66 ? 77  PRO A CD  1 
ATOM   356  N N   . ASN A 1 59  ? -8.382  -6.412  -8.916  1.00 32.80 ? 78  ASN A N   1 
ATOM   357  C CA  . ASN A 1 59  ? -7.629  -6.560  -7.678  1.00 27.03 ? 78  ASN A CA  1 
ATOM   358  C C   . ASN A 1 59  ? -6.867  -7.873  -7.611  1.00 25.04 ? 78  ASN A C   1 
ATOM   359  O O   . ASN A 1 59  ? -5.743  -7.914  -7.120  1.00 23.53 ? 78  ASN A O   1 
ATOM   360  C CB  . ASN A 1 59  ? -8.532  -6.418  -6.464  1.00 32.60 ? 78  ASN A CB  1 
ATOM   361  C CG  . ASN A 1 59  ? -8.768  -4.975  -6.090  1.00 46.16 ? 78  ASN A CG  1 
ATOM   362  O OD1 . ASN A 1 59  ? -8.105  -4.073  -6.603  1.00 49.38 ? 78  ASN A OD1 1 
ATOM   363  N ND2 . ASN A 1 59  ? -9.575  -4.754  -5.057  1.00 59.15 ? 78  ASN A ND2 1 
ATOM   364  N N   . ALA A 1 60  ? -7.449  -8.933  -8.153  1.00 20.28 ? 79  ALA A N   1 
ATOM   365  C CA  . ALA A 1 60  ? -6.738  -10.198 -8.232  1.00 19.39 ? 79  ALA A CA  1 
ATOM   366  C C   . ALA A 1 60  ? -5.549  -10.097 -9.176  1.00 21.53 ? 79  ALA A C   1 
ATOM   367  O O   . ALA A 1 60  ? -4.486  -10.658 -8.914  1.00 21.66 ? 79  ALA A O   1 
ATOM   368  C CB  . ALA A 1 60  ? -7.673  -11.292 -8.685  1.00 25.34 ? 79  ALA A CB  1 
ATOM   369  N N   . LEU A 1 61  ? -5.742  -9.398  -10.287 1.00 16.72 ? 80  LEU A N   1 
ATOM   370  C CA  . LEU A 1 61  ? -4.671  -9.199  -11.252 1.00 22.44 ? 80  LEU A CA  1 
ATOM   371  C C   . LEU A 1 61  ? -3.532  -8.394  -10.653 1.00 18.13 ? 80  LEU A C   1 
ATOM   372  O O   . LEU A 1 61  ? -2.360  -8.694  -10.872 1.00 20.66 ? 80  LEU A O   1 
ATOM   373  C CB  . LEU A 1 61  ? -5.200  -8.480  -12.482 1.00 23.02 ? 80  LEU A CB  1 
ATOM   374  C CG  . LEU A 1 61  ? -4.178  -8.416  -13.607 1.00 21.62 ? 80  LEU A CG  1 
ATOM   375  C CD1 . LEU A 1 61  ? -3.666  -9.805  -13.926 1.00 25.74 ? 80  LEU A CD1 1 
ATOM   376  C CD2 . LEU A 1 61  ? -4.790  -7.773  -14.833 1.00 25.16 ? 80  LEU A CD2 1 
ATOM   377  N N   . LEU A 1 62  ? -3.882  -7.337  -9.936  1.00 20.33 ? 81  LEU A N   1 
ATOM   378  C CA  . LEU A 1 62  ? -2.884  -6.521  -9.274  1.00 20.74 ? 81  LEU A CA  1 
ATOM   379  C C   . LEU A 1 62  ? -2.042  -7.342  -8.320  1.00 23.08 ? 81  LEU A C   1 
ATOM   380  O O   . LEU A 1 62  ? -0.835  -7.127  -8.208  1.00 19.10 ? 81  LEU A O   1 
ATOM   381  C CB  . LEU A 1 62  ? -3.557  -5.397  -8.510  1.00 24.78 ? 81  LEU A CB  1 
ATOM   382  C CG  . LEU A 1 62  ? -3.788  -4.148  -9.343  1.00 23.66 ? 81  LEU A CG  1 
ATOM   383  C CD1 . LEU A 1 62  ? -4.723  -3.227  -8.600  1.00 25.64 ? 81  LEU A CD1 1 
ATOM   384  C CD2 . LEU A 1 62  ? -2.474  -3.448  -9.610  1.00 28.37 ? 81  LEU A CD2 1 
ATOM   385  N N   . GLU A 1 63  ? -2.685  -8.219  -7.562  1.00 20.48 ? 82  GLU A N   1 
ATOM   386  C CA  . GLU A 1 63  ? -1.948  -9.044  -6.624  1.00 19.38 ? 82  GLU A CA  1 
ATOM   387  C C   . GLU A 1 63  ? -1.004  -9.978  -7.355  1.00 18.24 ? 82  GLU A C   1 
ATOM   388  O O   . GLU A 1 63  ? 0.146   -10.134 -6.964  1.00 18.58 ? 82  GLU A O   1 
ATOM   389  C CB  . GLU A 1 63  ? -2.894  -9.846  -5.743  1.00 24.23 ? 82  GLU A CB  1 
ATOM   390  C CG  . GLU A 1 63  ? -3.736  -8.980  -4.832  1.00 34.83 ? 82  GLU A CG  1 
ATOM   391  C CD  . GLU A 1 63  ? -3.320  -9.080  -3.377  1.00 53.15 ? 82  GLU A CD  1 
ATOM   392  O OE1 . GLU A 1 63  ? -3.821  -8.274  -2.563  1.00 47.28 ? 82  GLU A OE1 1 
ATOM   393  O OE2 . GLU A 1 63  ? -2.533  -9.992  -3.035  1.00 55.18 ? 82  GLU A OE2 1 
ATOM   394  N N   . LYS A 1 64  ? -1.478  -10.588 -8.434  1.00 17.79 ? 83  LYS A N   1 
ATOM   395  C CA  . LYS A 1 64  ? -0.647  -11.528 -9.160  1.00 14.35 ? 83  LYS A CA  1 
ATOM   396  C C   . LYS A 1 64  ? 0.519   -10.829 -9.852  1.00 14.76 ? 83  LYS A C   1 
ATOM   397  O O   . LYS A 1 64  ? 1.663   -11.282 -9.776  1.00 18.41 ? 83  LYS A O   1 
ATOM   398  C CB  . LYS A 1 64  ? -1.478  -12.274 -10.188 1.00 19.04 ? 83  LYS A CB  1 
ATOM   399  C CG  . LYS A 1 64  ? -0.765  -13.494 -10.718 1.00 22.76 ? 83  LYS A CG  1 
ATOM   400  C CD  . LYS A 1 64  ? -1.689  -14.345 -11.553 1.00 34.70 ? 83  LYS A CD  1 
ATOM   401  C CE  . LYS A 1 64  ? -1.508  -14.002 -13.013 1.00 40.24 ? 83  LYS A CE  1 
ATOM   402  N NZ  . LYS A 1 64  ? -2.132  -15.019 -13.895 1.00 34.17 ? 83  LYS A NZ  1 
ATOM   403  N N   . LEU A 1 65  ? 0.236   -9.721  -10.523 1.00 14.82 ? 84  LEU A N   1 
ATOM   404  C CA  . LEU A 1 65  ? 1.291   -8.995  -11.218 1.00 14.65 ? 84  LEU A CA  1 
ATOM   405  C C   . LEU A 1 65  ? 2.303   -8.422  -10.241 1.00 17.95 ? 84  LEU A C   1 
ATOM   406  O O   . LEU A 1 65  ? 3.470   -8.244  -10.580 1.00 18.50 ? 84  LEU A O   1 
ATOM   407  C CB  . LEU A 1 65  ? 0.717   -7.875  -12.079 1.00 19.50 ? 84  LEU A CB  1 
ATOM   408  C CG  . LEU A 1 65  ? -0.099  -8.352  -13.273 1.00 21.90 ? 84  LEU A CG  1 
ATOM   409  C CD1 . LEU A 1 65  ? -0.610  -7.178  -14.086 1.00 19.06 ? 84  LEU A CD1 1 
ATOM   410  C CD2 . LEU A 1 65  ? 0.709   -9.300  -14.142 1.00 21.62 ? 84  LEU A CD2 1 
ATOM   411  N N   . SER A 1 66  ? 1.859   -8.052  -9.050  1.00 17.11 ? 85  SER A N   1 
ATOM   412  C CA  . SER A 1 66  ? 2.803   -7.519  -8.088  1.00 16.15 ? 85  SER A CA  1 
ATOM   413  C C   . SER A 1 66  ? 3.815   -8.594  -7.715  1.00 21.36 ? 85  SER A C   1 
ATOM   414  O O   . SER A 1 66  ? 5.011   -8.323  -7.634  1.00 22.60 ? 85  SER A O   1 
ATOM   415  C CB  . SER A 1 66  ? 2.099   -6.978  -6.849  1.00 21.20 ? 85  SER A CB  1 
ATOM   416  O OG  . SER A 1 66  ? 1.343   -5.824  -7.175  1.00 22.12 ? 85  SER A OG  1 
ATOM   417  N N   . LEU A 1 67  ? 3.379   -9.831  -7.622  1.00 14.24 ? 86  LEU A N   1 
ATOM   418  C CA  . LEU A 1 67  ? 4.307   -10.918 -7.388  1.00 20.72 ? 86  LEU A CA  1 
ATOM   419  C C   . LEU A 1 67  ? 5.148   -11.276 -8.609  1.00 26.48 ? 86  LEU A C   1 
ATOM   420  O O   . LEU A 1 67  ? 6.315   -11.569 -8.483  1.00 26.27 ? 86  LEU A O   1 
ATOM   421  C CB  . LEU A 1 67  ? 3.591   -12.155 -6.950  1.00 24.77 ? 86  LEU A CB  1 
ATOM   422  C CG  . LEU A 1 67  ? 3.254   -12.530 -5.526  1.00 32.78 ? 86  LEU A CG  1 
ATOM   423  C CD1 . LEU A 1 67  ? 3.213   -14.011 -5.539  1.00 34.25 ? 86  LEU A CD1 1 
ATOM   424  C CD2 . LEU A 1 67  ? 4.217   -12.050 -4.508  1.00 30.49 ? 86  LEU A CD2 1 
ATOM   425  N N   . GLN A 1 68  ? 4.554   -11.266 -9.790  1.00 17.47 ? 87  GLN A N   1 
ATOM   426  C CA  . GLN A 1 68  ? 5.302   -11.607 -10.994 1.00 19.11 ? 87  GLN A CA  1 
ATOM   427  C C   . GLN A 1 68  ? 6.343   -10.560 -11.333 1.00 26.10 ? 87  GLN A C   1 
ATOM   428  O O   . GLN A 1 68  ? 7.476   -10.896 -11.669 1.00 23.71 ? 87  GLN A O   1 
ATOM   429  C CB  . GLN A 1 68  ? 4.369   -11.797 -12.176 1.00 21.64 ? 87  GLN A CB  1 
ATOM   430  C CG  . GLN A 1 68  ? 3.417   -12.955 -11.989 1.00 28.67 ? 87  GLN A CG  1 
ATOM   431  C CD  . GLN A 1 68  ? 2.654   -13.283 -13.251 1.00 33.37 ? 87  GLN A CD  1 
ATOM   432  O OE1 . GLN A 1 68  ? 2.170   -12.391 -13.948 1.00 32.03 ? 87  GLN A OE1 1 
ATOM   433  N NE2 . GLN A 1 68  ? 2.549   -14.571 -13.560 1.00 32.46 ? 87  GLN A NE2 1 
ATOM   434  N N   . LEU A 1 69  ? 5.961   -9.292  -11.234 1.00 19.84 ? 88  LEU A N   1 
ATOM   435  C CA  . LEU A 1 69  ? 6.793   -8.204  -11.744 1.00 18.27 ? 88  LEU A CA  1 
ATOM   436  C C   . LEU A 1 69  ? 7.554   -7.423  -10.687 1.00 22.84 ? 88  LEU A C   1 
ATOM   437  O O   . LEU A 1 69  ? 8.352   -6.553  -11.026 1.00 21.84 ? 88  LEU A O   1 
ATOM   438  C CB  . LEU A 1 69  ? 5.953   -7.230  -12.554 1.00 21.66 ? 88  LEU A CB  1 
ATOM   439  C CG  . LEU A 1 69  ? 5.305   -7.827  -13.792 1.00 20.26 ? 88  LEU A CG  1 
ATOM   440  C CD1 . LEU A 1 69  ? 4.674   -6.711  -14.585 1.00 22.54 ? 88  LEU A CD1 1 
ATOM   441  C CD2 . LEU A 1 69  ? 6.313   -8.556  -14.657 1.00 25.08 ? 88  LEU A CD2 1 
ATOM   442  N N   . GLY A 1 70  ? 7.378   -7.772  -9.420  1.00 16.57 ? 89  GLY A N   1 
ATOM   443  C CA  . GLY A 1 70  ? 8.052   -7.044  -8.348  1.00 21.01 ? 89  GLY A CA  1 
ATOM   444  C C   . GLY A 1 70  ? 7.477   -5.652  -8.170  1.00 19.49 ? 89  GLY A C   1 
ATOM   445  O O   . GLY A 1 70  ? 8.180   -4.651  -8.321  1.00 21.52 ? 89  GLY A O   1 
ATOM   446  N N   . LEU A 1 71  ? 6.202   -5.612  -7.797  1.00 14.55 ? 90  LEU A N   1 
ATOM   447  C CA  . LEU A 1 71  ? 5.481   -4.375  -7.522  1.00 16.93 ? 90  LEU A CA  1 
ATOM   448  C C   . LEU A 1 71  ? 4.913   -4.390  -6.106  1.00 14.77 ? 90  LEU A C   1 
ATOM   449  O O   . LEU A 1 71  ? 4.638   -5.453  -5.537  1.00 16.15 ? 90  LEU A O   1 
ATOM   450  C CB  . LEU A 1 71  ? 4.325   -4.203  -8.511  1.00 14.94 ? 90  LEU A CB  1 
ATOM   451  C CG  . LEU A 1 71  ? 4.628   -4.317  -10.000 1.00 16.85 ? 90  LEU A CG  1 
ATOM   452  C CD1 . LEU A 1 71  ? 3.364   -4.108  -10.818 1.00 19.86 ? 90  LEU A CD1 1 
ATOM   453  C CD2 . LEU A 1 71  ? 5.684   -3.305  -10.387 1.00 18.87 ? 90  LEU A CD2 1 
ATOM   454  N N   . ILE A 1 72  ? 4.545   -3.209  -5.631  1.00 12.32 ? 91  ILE A N   1 
ATOM   455  C CA  . ILE A 1 72  ? 3.709   -3.092  -4.455  1.00 12.21 ? 91  ILE A CA  1 
ATOM   456  C C   . ILE A 1 72  ? 2.640   -2.042  -4.722  1.00 17.07 ? 91  ILE A C   1 
ATOM   457  O O   . ILE A 1 72  ? 2.849   -1.128  -5.516  1.00 13.92 ? 91  ILE A O   1 
ATOM   458  C CB  . ILE A 1 72  ? 4.552   -2.683  -3.233  1.00 20.00 ? 91  ILE A CB  1 
ATOM   459  C CG1 . ILE A 1 72  ? 5.296   -1.379  -3.521  1.00 16.59 ? 91  ILE A CG1 1 
ATOM   460  C CG2 . ILE A 1 72  ? 5.573   -3.762  -2.924  1.00 18.00 ? 91  ILE A CG2 1 
ATOM   461  C CD1 . ILE A 1 72  ? 6.255   -0.945  -2.429  1.00 16.16 ? 91  ILE A CD1 1 
ATOM   462  N N   . TRP A 1 73  ? 1.454   -2.256  -4.172  1.00 17.42 ? 92  TRP A N   1 
ATOM   463  C CA  . TRP A 1 73  ? 0.328   -1.384  -4.468  1.00 15.98 ? 92  TRP A CA  1 
ATOM   464  C C   . TRP A 1 73  ? -0.550  -1.139  -3.259  1.00 16.25 ? 92  TRP A C   1 
ATOM   465  O O   . TRP A 1 73  ? -0.502  -1.873  -2.275  1.00 15.20 ? 92  TRP A O   1 
ATOM   466  C CB  . TRP A 1 73  ? -0.507  -1.951  -5.607  1.00 15.57 ? 92  TRP A CB  1 
ATOM   467  C CG  . TRP A 1 73  ? -1.205  -3.187  -5.256  1.00 16.17 ? 92  TRP A CG  1 
ATOM   468  C CD1 . TRP A 1 73  ? -0.656  -4.419  -5.114  1.00 20.21 ? 92  TRP A CD1 1 
ATOM   469  C CD2 . TRP A 1 73  ? -2.604  -3.336  -5.024  1.00 19.08 ? 92  TRP A CD2 1 
ATOM   470  N NE1 . TRP A 1 73  ? -1.621  -5.328  -4.776  1.00 26.40 ? 92  TRP A NE1 1 
ATOM   471  C CE2 . TRP A 1 73  ? -2.834  -4.693  -4.747  1.00 25.82 ? 92  TRP A CE2 1 
ATOM   472  C CE3 . TRP A 1 73  ? -3.688  -2.457  -5.054  1.00 25.67 ? 92  TRP A CE3 1 
ATOM   473  C CZ2 . TRP A 1 73  ? -4.107  -5.199  -4.516  1.00 28.40 ? 92  TRP A CZ2 1 
ATOM   474  C CZ3 . TRP A 1 73  ? -4.947  -2.952  -4.785  1.00 32.89 ? 92  TRP A CZ3 1 
ATOM   475  C CH2 . TRP A 1 73  ? -5.148  -4.313  -4.533  1.00 36.63 ? 92  TRP A CH2 1 
ATOM   476  N N   . TYR A 1 74  ? -1.292  -0.041  -3.326  1.00 17.57 ? 93  TYR A N   1 
ATOM   477  C CA  . TYR A 1 74  ? -2.175  0.371   -2.254  1.00 14.23 ? 93  TYR A CA  1 
ATOM   478  C C   . TYR A 1 74  ? -3.403  1.039   -2.860  1.00 15.00 ? 93  TYR A C   1 
ATOM   479  O O   . TYR A 1 74  ? -3.289  1.819   -3.799  1.00 16.38 ? 93  TYR A O   1 
ATOM   480  C CB  . TYR A 1 74  ? -1.442  1.353   -1.340  1.00 16.02 ? 93  TYR A CB  1 
ATOM   481  C CG  . TYR A 1 74  ? -2.226  1.762   -0.128  1.00 14.33 ? 93  TYR A CG  1 
ATOM   482  C CD1 . TYR A 1 74  ? -2.694  0.816   0.769   1.00 13.63 ? 93  TYR A CD1 1 
ATOM   483  C CD2 . TYR A 1 74  ? -2.568  3.085   0.081   1.00 17.26 ? 93  TYR A CD2 1 
ATOM   484  C CE1 . TYR A 1 74  ? -3.409  1.188   1.884   1.00 19.28 ? 93  TYR A CE1 1 
ATOM   485  C CE2 . TYR A 1 74  ? -3.306  3.466   1.180   1.00 20.91 ? 93  TYR A CE2 1 
ATOM   486  C CZ  . TYR A 1 74  ? -3.759  2.509   2.053   1.00 24.83 ? 93  TYR A CZ  1 
ATOM   487  O OH  . TYR A 1 74  ? -4.575  2.876   3.099   1.00 25.79 ? 93  TYR A OH  1 
ATOM   488  N N   . PHE A 1 75  ? -4.577  0.676   -2.367  1.00 13.11 ? 94  PHE A N   1 
ATOM   489  C CA  . PHE A 1 75  ? -5.807  1.394   -2.685  1.00 12.64 ? 94  PHE A CA  1 
ATOM   490  C C   . PHE A 1 75  ? -6.225  2.167   -1.450  1.00 20.01 ? 94  PHE A C   1 
ATOM   491  O O   . PHE A 1 75  ? -6.391  1.575   -0.384  1.00 19.88 ? 94  PHE A O   1 
ATOM   492  C CB  . PHE A 1 75  ? -6.905  0.395   -3.053  1.00 17.11 ? 94  PHE A CB  1 
ATOM   493  C CG  . PHE A 1 75  ? -8.263  1.012   -3.204  1.00 16.76 ? 94  PHE A CG  1 
ATOM   494  C CD1 . PHE A 1 75  ? -8.497  1.975   -4.162  1.00 13.92 ? 94  PHE A CD1 1 
ATOM   495  C CD2 . PHE A 1 75  ? -9.329  0.534   -2.467  1.00 20.53 ? 94  PHE A CD2 1 
ATOM   496  C CE1 . PHE A 1 75  ? -9.755  2.517   -4.319  1.00 22.82 ? 94  PHE A CE1 1 
ATOM   497  C CE2 . PHE A 1 75  ? -10.587 1.070   -2.617  1.00 23.04 ? 94  PHE A CE2 1 
ATOM   498  C CZ  . PHE A 1 75  ? -10.801 2.064   -3.543  1.00 25.43 ? 94  PHE A CZ  1 
ATOM   499  N N   . ASP A 1 76  ? -6.295  3.491   -1.553  1.00 15.29 ? 95  ASP A N   1 
ATOM   500  C CA  . ASP A 1 76  ? -6.534  4.320   -0.369  1.00 18.71 ? 95  ASP A CA  1 
ATOM   501  C C   . ASP A 1 76  ? -8.004  4.700   -0.232  1.00 22.36 ? 95  ASP A C   1 
ATOM   502  O O   . ASP A 1 76  ? -8.384  5.469   0.656   1.00 21.52 ? 95  ASP A O   1 
ATOM   503  C CB  . ASP A 1 76  ? -5.659  5.573   -0.379  1.00 18.46 ? 95  ASP A CB  1 
ATOM   504  C CG  . ASP A 1 76  ? -6.094  6.580   -1.412  1.00 24.93 ? 95  ASP A CG  1 
ATOM   505  O OD1 . ASP A 1 76  ? -7.034  6.276   -2.177  1.00 21.99 ? 95  ASP A OD1 1 
ATOM   506  O OD2 . ASP A 1 76  ? -5.492  7.672   -1.465  1.00 21.12 ? 95  ASP A OD2 1 
ATOM   507  N N   . GLY A 1 77  ? -8.833  4.062   -1.052  1.00 17.70 ? 96  GLY A N   1 
ATOM   508  C CA  . GLY A 1 77  ? -10.271 4.295   -1.062  1.00 17.17 ? 96  GLY A CA  1 
ATOM   509  C C   . GLY A 1 77  ? -10.704 5.225   -2.176  1.00 21.67 ? 96  GLY A C   1 
ATOM   510  O O   . GLY A 1 77  ? -11.857 5.190   -2.606  1.00 17.65 ? 96  GLY A O   1 
ATOM   511  N N   . GLN A 1 78  ? -9.752  5.984   -2.715  1.00 21.18 ? 97  GLN A N   1 
ATOM   512  C CA  . GLN A 1 78  ? -10.060 6.922   -3.792  1.00 18.32 ? 97  GLN A CA  1 
ATOM   513  C C   . GLN A 1 78  ? -9.161  6.766   -5.002  1.00 15.73 ? 97  GLN A C   1 
ATOM   514  O O   . GLN A 1 78  ? -9.481  7.261   -6.080  1.00 18.21 ? 97  GLN A O   1 
ATOM   515  C CB  . GLN A 1 78  ? -9.975  8.350   -3.285  1.00 18.50 ? 97  GLN A CB  1 
ATOM   516  C CG  . GLN A 1 78  ? -10.988 8.642   -2.208  1.00 22.21 ? 97  GLN A CG  1 
ATOM   517  C CD  . GLN A 1 78  ? -10.417 8.451   -0.824  1.00 25.09 ? 97  GLN A CD  1 
ATOM   518  O OE1 . GLN A 1 78  ? -9.226  8.656   -0.592  1.00 29.94 ? 97  GLN A OE1 1 
ATOM   519  N NE2 . GLN A 1 78  ? -11.254 7.999   0.093   1.00 27.89 ? 97  GLN A NE2 1 
ATOM   520  N N   . ALA A 1 79  ? -7.990  6.179   -4.799  1.00 13.72 ? 98  ALA A N   1 
ATOM   521  C CA  . ALA A 1 79  ? -7.026  6.016   -5.876  1.00 15.50 ? 98  ALA A CA  1 
ATOM   522  C C   . ALA A 1 79  ? -6.144  4.809   -5.615  1.00 16.32 ? 98  ALA A C   1 
ATOM   523  O O   . ALA A 1 79  ? -5.979  4.388   -4.472  1.00 13.96 ? 98  ALA A O   1 
ATOM   524  C CB  . ALA A 1 79  ? -6.173  7.265   -6.004  1.00 18.79 ? 98  ALA A CB  1 
ATOM   525  N N   . ILE A 1 80  ? -5.611  4.238   -6.688  1.00 11.47 ? 99  ILE A N   1 
ATOM   526  C CA  . ILE A 1 80  ? -4.719  3.090   -6.588  1.00 11.87 ? 99  ILE A CA  1 
ATOM   527  C C   . ILE A 1 80  ? -3.291  3.519   -6.903  1.00 15.74 ? 99  ILE A C   1 
ATOM   528  O O   . ILE A 1 80  ? -3.040  4.175   -7.916  1.00 13.92 ? 99  ILE A O   1 
ATOM   529  C CB  . ILE A 1 80  ? -5.136  1.969   -7.557  1.00 13.05 ? 99  ILE A CB  1 
ATOM   530  C CG1 . ILE A 1 80  ? -6.531  1.455   -7.197  1.00 19.61 ? 99  ILE A CG1 1 
ATOM   531  C CG2 . ILE A 1 80  ? -4.128  0.830   -7.525  1.00 15.52 ? 99  ILE A CG2 1 
ATOM   532  C CD1 . ILE A 1 80  ? -7.071  0.421   -8.159  1.00 20.70 ? 99  ILE A CD1 1 
ATOM   533  N N   . TYR A 1 81  ? -2.365  3.193   -6.018  1.00 13.39 ? 100 TYR A N   1 
ATOM   534  C CA  . TYR A 1 81  ? -0.967  3.560   -6.175  1.00 11.10 ? 100 TYR A CA  1 
ATOM   535  C C   . TYR A 1 81  ? -0.153  2.313   -6.430  1.00 13.35 ? 100 TYR A C   1 
ATOM   536  O O   . TYR A 1 81  ? -0.251  1.368   -5.743  1.00 13.48 ? 100 TYR A O   1 
ATOM   537  C CB  . TYR A 1 81  ? -0.422  4.286   -4.934  1.00 12.69 ? 100 TYR A CB  1 
ATOM   538  C CG  . TYR A 1 81  ? -1.194  5.502   -4.522  1.00 18.56 ? 100 TYR A CG  1 
ATOM   539  C CD1 . TYR A 1 81  ? -2.388  5.377   -3.865  1.00 17.59 ? 100 TYR A CD1 1 
ATOM   540  C CD2 . TYR A 1 81  ? -0.725  6.764   -4.749  1.00 23.43 ? 100 TYR A CD2 1 
ATOM   541  C CE1 . TYR A 1 81  ? -3.087  6.433   -3.496  1.00 25.05 ? 100 TYR A CE1 1 
ATOM   542  C CE2 . TYR A 1 81  ? -1.448  7.840   -4.363  1.00 22.56 ? 100 TYR A CE2 1 
ATOM   543  C CZ  . TYR A 1 81  ? -2.628  7.664   -3.739  1.00 26.06 ? 100 TYR A CZ  1 
ATOM   544  O OH  . TYR A 1 81  ? -3.396  8.712   -3.309  1.00 42.60 ? 100 TYR A OH  1 
ATOM   545  N N   . ILE A 1 82  ? 0.675   2.374   -7.440  1.00 10.37 ? 101 ILE A N   1 
ATOM   546  C CA  . ILE A 1 82  ? 1.538   1.266   -7.822  1.00 8.93  ? 101 ILE A CA  1 
ATOM   547  C C   . ILE A 1 82  ? 2.997   1.711   -7.841  1.00 9.65  ? 101 ILE A C   1 
ATOM   548  O O   . ILE A 1 82  ? 3.340   2.751   -8.405  1.00 12.95 ? 101 ILE A O   1 
ATOM   549  C CB  . ILE A 1 82  ? 1.153   0.709   -9.205  1.00 11.50 ? 101 ILE A CB  1 
ATOM   550  C CG1 . ILE A 1 82  ? -0.278  0.162   -9.164  1.00 15.78 ? 101 ILE A CG1 1 
ATOM   551  C CG2 . ILE A 1 82  ? 2.124   -0.385  -9.627  1.00 15.42 ? 101 ILE A CG2 1 
ATOM   552  C CD1 . ILE A 1 82  ? -0.913  0.007   -10.525 1.00 20.78 ? 101 ILE A CD1 1 
ATOM   553  N N   . TYR A 1 83  ? 3.835   0.939   -7.158  1.00 12.43 ? 102 TYR A N   1 
ATOM   554  C CA  . TYR A 1 83  ? 5.263   1.216   -7.068  1.00 14.77 ? 102 TYR A CA  1 
ATOM   555  C C   . TYR A 1 83  ? 6.051   -0.020  -7.440  1.00 10.83 ? 102 TYR A C   1 
ATOM   556  O O   . TYR A 1 83  ? 5.574   -1.135  -7.264  1.00 12.19 ? 102 TYR A O   1 
ATOM   557  C CB  . TYR A 1 83  ? 5.659   1.588   -5.643  1.00 12.46 ? 102 TYR A CB  1 
ATOM   558  C CG  . TYR A 1 83  ? 4.911   2.750   -5.067  1.00 10.98 ? 102 TYR A CG  1 
ATOM   559  C CD1 . TYR A 1 83  ? 3.727   2.547   -4.385  1.00 13.06 ? 102 TYR A CD1 1 
ATOM   560  C CD2 . TYR A 1 83  ? 5.499   4.003   -5.002  1.00 11.92 ? 102 TYR A CD2 1 
ATOM   561  C CE1 . TYR A 1 83  ? 3.073   3.584   -3.774  1.00 15.84 ? 102 TYR A CE1 1 
ATOM   562  C CE2 . TYR A 1 83  ? 4.868   5.043   -4.364  1.00 15.82 ? 102 TYR A CE2 1 
ATOM   563  C CZ  . TYR A 1 83  ? 3.653   4.824   -3.753  1.00 17.23 ? 102 TYR A CZ  1 
ATOM   564  O OH  . TYR A 1 83  ? 3.007   5.839   -3.095  1.00 23.84 ? 102 TYR A OH  1 
ATOM   565  N N   . ASP A 1 84  ? 7.327   0.187   -7.746  1.00 14.74 ? 103 ASP A N   1 
ATOM   566  C CA  . ASP A 1 84  ? 8.297   -0.894  -7.841  1.00 15.34 ? 103 ASP A CA  1 
ATOM   567  C C   . ASP A 1 84  ? 8.618   -1.376  -6.438  1.00 15.47 ? 103 ASP A C   1 
ATOM   568  O O   . ASP A 1 84  ? 8.671   -0.582  -5.505  1.00 14.96 ? 103 ASP A O   1 
ATOM   569  C CB  . ASP A 1 84  ? 9.570   -0.384  -8.525  1.00 16.04 ? 103 ASP A CB  1 
ATOM   570  C CG  . ASP A 1 84  ? 10.519  -1.504  -8.908  1.00 34.71 ? 103 ASP A CG  1 
ATOM   571  O OD1 . ASP A 1 84  ? 10.252  -2.184  -9.928  1.00 32.85 ? 103 ASP A OD1 1 
ATOM   572  O OD2 . ASP A 1 84  ? 11.640  -1.537  -8.358  1.00 25.92 ? 103 ASP A OD2 1 
ATOM   573  N N   . ALA A 1 85  ? 8.951   -2.646  -6.296  1.00 17.02 ? 104 ALA A N   1 
ATOM   574  C CA  . ALA A 1 85  ? 9.289   -3.157  -4.981  1.00 20.87 ? 104 ALA A CA  1 
ATOM   575  C C   . ALA A 1 85  ? 10.481  -2.396  -4.414  1.00 26.59 ? 104 ALA A C   1 
ATOM   576  O O   . ALA A 1 85  ? 10.601  -2.233  -3.199  1.00 22.79 ? 104 ALA A O   1 
ATOM   577  C CB  . ALA A 1 85  ? 9.587   -4.642  -5.048  1.00 21.47 ? 104 ALA A CB  1 
ATOM   578  N N   . SER A 1 86  ? 11.258  -1.781  -5.301  1.00 23.36 ? 105 SER A N   1 
ATOM   579  C CA  . SER A 1 86  ? 12.473  -1.079  -4.894  1.00 25.04 ? 105 SER A CA  1 
ATOM   580  C C   . SER A 1 86  ? 12.164  0.239   -4.177  1.00 28.76 ? 105 SER A C   1 
ATOM   581  O O   . SER A 1 86  ? 13.049  0.859   -3.589  1.00 24.86 ? 105 SER A O   1 
ATOM   582  C CB  . SER A 1 86  ? 13.366  -0.820  -6.111  1.00 24.83 ? 105 SER A CB  1 
ATOM   583  O OG  . SER A 1 86  ? 12.906  0.289   -6.864  1.00 21.51 ? 105 SER A OG  1 
ATOM   584  N N   . GLU A 1 87  ? 10.909  0.673   -4.253  1.00 16.79 ? 106 GLU A N   1 
ATOM   585  C CA  . GLU A 1 87  ? 10.483  1.930   -3.647  1.00 19.81 ? 106 GLU A CA  1 
ATOM   586  C C   . GLU A 1 87  ? 9.817   1.690   -2.296  1.00 18.15 ? 106 GLU A C   1 
ATOM   587  O O   . GLU A 1 87  ? 9.239   2.593   -1.703  1.00 18.36 ? 106 GLU A O   1 
ATOM   588  C CB  . GLU A 1 87  ? 9.521   2.663   -4.578  1.00 16.37 ? 106 GLU A CB  1 
ATOM   589  C CG  . GLU A 1 87  ? 10.201  3.235   -5.808  1.00 20.35 ? 106 GLU A CG  1 
ATOM   590  C CD  . GLU A 1 87  ? 9.223   3.741   -6.852  1.00 22.91 ? 106 GLU A CD  1 
ATOM   591  O OE1 . GLU A 1 87  ? 9.400   4.890   -7.310  1.00 38.63 ? 106 GLU A OE1 1 
ATOM   592  O OE2 . GLU A 1 87  ? 8.476   2.913   -7.418  1.00 15.72 ? 106 GLU A OE2 1 
ATOM   593  N N   . MET A 1 88  ? 9.850   0.447   -1.850  1.00 18.04 ? 107 MET A N   1 
ATOM   594  C CA  . MET A 1 88  ? 9.259   0.091   -0.582  1.00 19.28 ? 107 MET A CA  1 
ATOM   595  C C   . MET A 1 88  ? 9.852   0.968   0.505   1.00 23.02 ? 107 MET A C   1 
ATOM   596  O O   . MET A 1 88  ? 11.063  1.189   0.540   1.00 19.98 ? 107 MET A O   1 
ATOM   597  C CB  . MET A 1 88  ? 9.561   -1.366  -0.286  1.00 19.90 ? 107 MET A CB  1 
ATOM   598  C CG  . MET A 1 88  ? 9.191   -1.789  1.113   1.00 20.88 ? 107 MET A CG  1 
ATOM   599  S SD  . MET A 1 88  ? 7.911   -3.055  1.161   1.00 31.24 ? 107 MET A SD  1 
ATOM   600  C CE  . MET A 1 88  ? 8.492   -4.267  -0.018  1.00 39.90 ? 107 MET A CE  1 
ATOM   601  N N   . ARG A 1 89  ? 8.991   1.513   1.355   1.00 17.08 ? 108 ARG A N   1 
ATOM   602  C CA  . ARG A 1 89  ? 9.457   2.243   2.526   1.00 22.04 ? 108 ARG A CA  1 
ATOM   603  C C   . ARG A 1 89  ? 9.502   1.325   3.732   1.00 23.95 ? 108 ARG A C   1 
ATOM   604  O O   . ARG A 1 89  ? 8.552   0.592   4.007   1.00 18.07 ? 108 ARG A O   1 
ATOM   605  C CB  . ARG A 1 89  ? 8.571   3.458   2.826   1.00 25.24 ? 108 ARG A CB  1 
ATOM   606  C CG  . ARG A 1 89  ? 8.965   4.169   4.121   1.00 28.83 ? 108 ARG A CG  1 
ATOM   607  C CD  . ARG A 1 89  ? 8.668   5.667   4.172   1.00 43.64 ? 108 ARG A CD  1 
ATOM   608  N NE  . ARG A 1 89  ? 9.276   6.269   5.380   1.00 45.64 ? 108 ARG A NE  1 
ATOM   609  C CZ  . ARG A 1 89  ? 8.586   6.959   6.304   1.00 50.96 ? 108 ARG A CZ  1 
ATOM   610  N NH1 . ARG A 1 89  ? 7.404   7.483   6.012   1.00 46.30 ? 108 ARG A NH1 1 
ATOM   611  N NH2 . ARG A 1 89  ? 9.131   7.208   7.490   1.00 49.16 ? 108 ARG A NH2 1 
ATOM   612  N N   . ASN A 1 90  ? 10.669  1.253   4.358   1.00 23.30 ? 109 ASN A N   1 
ATOM   613  C CA  . ASN A 1 90  ? 10.820  0.483   5.576   1.00 21.02 ? 109 ASN A CA  1 
ATOM   614  C C   . ASN A 1 90  ? 10.934  1.406   6.772   1.00 24.57 ? 109 ASN A C   1 
ATOM   615  O O   . ASN A 1 90  ? 11.859  2.212   6.859   1.00 25.72 ? 109 ASN A O   1 
ATOM   616  C CB  . ASN A 1 90  ? 12.059  -0.399  5.492   1.00 22.59 ? 109 ASN A CB  1 
ATOM   617  C CG  . ASN A 1 90  ? 11.975  -1.416  4.377   1.00 31.15 ? 109 ASN A CG  1 
ATOM   618  O OD1 . ASN A 1 90  ? 11.285  -2.424  4.490   1.00 27.25 ? 109 ASN A OD1 1 
ATOM   619  N ND2 . ASN A 1 90  ? 12.640  -1.130  3.272   1.00 33.28 ? 109 ASN A ND2 1 
ATOM   620  N N   . ALA A 1 91  ? 9.941   1.352   7.645   1.00 19.27 ? 110 ALA A N   1 
ATOM   621  C CA  . ALA A 1 91  ? 9.852   2.308   8.726   1.00 22.63 ? 110 ALA A CA  1 
ATOM   622  C C   . ALA A 1 91  ? 9.882   1.630   10.072  1.00 20.74 ? 110 ALA A C   1 
ATOM   623  O O   . ALA A 1 91  ? 9.478   0.477   10.220  1.00 22.55 ? 110 ALA A O   1 
ATOM   624  C CB  . ALA A 1 91  ? 8.591   3.126   8.588   1.00 29.83 ? 110 ALA A CB  1 
ATOM   625  N N   . VAL A 1 92  ? 10.466  2.327   11.031  1.00 22.58 ? 111 VAL A N   1 
ATOM   626  C CA  . VAL A 1 92  ? 10.313  2.001   12.426  1.00 18.68 ? 111 VAL A CA  1 
ATOM   627  C C   . VAL A 1 92  ? 9.593   3.161   13.087  1.00 17.45 ? 111 VAL A C   1 
ATOM   628  O O   . VAL A 1 92  ? 9.805   4.317   12.715  1.00 22.88 ? 111 VAL A O   1 
ATOM   629  C CB  . VAL A 1 92  ? 11.678  1.860   13.095  1.00 26.88 ? 111 VAL A CB  1 
ATOM   630  C CG1 . VAL A 1 92  ? 12.378  3.208   13.126  1.00 25.89 ? 111 VAL A CG1 1 
ATOM   631  C CG2 . VAL A 1 92  ? 11.524  1.283   14.490  1.00 27.54 ? 111 VAL A CG2 1 
ATOM   632  N N   . VAL A 1 93  ? 8.573   2.829   13.863  1.00 18.78 ? 112 VAL A N   1 
ATOM   633  C CA  . VAL A 1 93  ? 7.597   3.807   14.306  1.00 18.52 ? 112 VAL A CA  1 
ATOM   634  C C   . VAL A 1 93  ? 7.413   3.657   15.799  1.00 19.65 ? 112 VAL A C   1 
ATOM   635  O O   . VAL A 1 93  ? 7.346   2.541   16.314  1.00 20.39 ? 112 VAL A O   1 
ATOM   636  C CB  . VAL A 1 93  ? 6.237   3.585   13.632  1.00 17.43 ? 112 VAL A CB  1 
ATOM   637  C CG1 . VAL A 1 93  ? 5.289   4.720   13.952  1.00 17.45 ? 112 VAL A CG1 1 
ATOM   638  C CG2 . VAL A 1 93  ? 6.410   3.454   12.133  1.00 23.85 ? 112 VAL A CG2 1 
ATOM   639  N N   . SER A 1 94  ? 7.467   4.782   16.499  1.00 18.17 ? 113 SER A N   1 
ATOM   640  C CA  . SER A 1 94  ? 7.235   4.794   17.934  1.00 18.94 ? 113 SER A CA  1 
ATOM   641  C C   . SER A 1 94  ? 5.761   4.627   18.218  1.00 21.63 ? 113 SER A C   1 
ATOM   642  O O   . SER A 1 94  ? 4.907   5.184   17.529  1.00 19.20 ? 113 SER A O   1 
ATOM   643  C CB  . SER A 1 94  ? 7.736   6.094   18.566  1.00 20.96 ? 113 SER A CB  1 
ATOM   644  O OG  . SER A 1 94  ? 9.147   6.190   18.475  1.00 31.00 ? 113 SER A OG  1 
ATOM   645  N N   . LEU A 1 95  ? 5.476   3.811   19.220  1.00 18.51 ? 114 LEU A N   1 
ATOM   646  C CA  . LEU A 1 95  ? 4.128   3.655   19.725  1.00 20.20 ? 114 LEU A CA  1 
ATOM   647  C C   . LEU A 1 95  ? 4.171   3.429   21.226  1.00 22.60 ? 114 LEU A C   1 
ATOM   648  O O   . LEU A 1 95  ? 4.139   2.288   21.679  1.00 24.98 ? 114 LEU A O   1 
ATOM   649  C CB  . LEU A 1 95  ? 3.461   2.455   19.058  1.00 17.00 ? 114 LEU A CB  1 
ATOM   650  C CG  . LEU A 1 95  ? 1.947   2.431   19.199  1.00 22.71 ? 114 LEU A CG  1 
ATOM   651  C CD1 . LEU A 1 95  ? 1.347   3.550   18.373  1.00 22.91 ? 114 LEU A CD1 1 
ATOM   652  C CD2 . LEU A 1 95  ? 1.387   1.094   18.768  1.00 18.12 ? 114 LEU A CD2 1 
ATOM   653  N N   . ARG A 1 96  ? 4.314   4.503   21.994  1.00 18.22 ? 115 ARG A N   1 
ATOM   654  C CA  . ARG A 1 96  ? 4.593   4.374   23.427  1.00 17.47 ? 115 ARG A CA  1 
ATOM   655  C C   . ARG A 1 96  ? 3.350   4.289   24.319  1.00 26.23 ? 115 ARG A C   1 
ATOM   656  O O   . ARG A 1 96  ? 3.439   3.787   25.439  1.00 22.41 ? 115 ARG A O   1 
ATOM   657  C CB  . ARG A 1 96  ? 5.464   5.530   23.907  1.00 20.13 ? 115 ARG A CB  1 
ATOM   658  C CG  . ARG A 1 96  ? 6.546   5.950   22.933  1.00 23.50 ? 115 ARG A CG  1 
ATOM   659  C CD  . ARG A 1 96  ? 7.740   5.040   23.109  1.00 27.19 ? 115 ARG A CD  1 
ATOM   660  N NE  . ARG A 1 96  ? 8.814   5.305   22.170  1.00 20.16 ? 115 ARG A NE  1 
ATOM   661  C CZ  . ARG A 1 96  ? 9.858   4.504   22.028  1.00 25.63 ? 115 ARG A CZ  1 
ATOM   662  N NH1 . ARG A 1 96  ? 9.980   3.441   22.810  1.00 21.75 ? 115 ARG A NH1 1 
ATOM   663  N NH2 . ARG A 1 96  ? 10.782  4.770   21.125  1.00 19.91 ? 115 ARG A NH2 1 
ATOM   664  N N   . ASN A 1 97  ? 2.279   4.983   23.937  1.00 19.35 ? 116 ASN A N   1 
ATOM   665  C CA  . ASN A 1 97  ? 1.158   5.236   24.859  1.00 19.49 ? 116 ASN A CA  1 
ATOM   666  C C   . ASN A 1 97  ? -0.131  4.514   24.498  1.00 20.47 ? 116 ASN A C   1 
ATOM   667  O O   . ASN A 1 97  ? -1.166  4.713   25.137  1.00 19.28 ? 116 ASN A O   1 
ATOM   668  C CB  . ASN A 1 97  ? 0.881   6.732   24.971  1.00 21.40 ? 116 ASN A CB  1 
ATOM   669  C CG  . ASN A 1 97  ? 2.122   7.519   25.319  1.00 24.52 ? 116 ASN A CG  1 
ATOM   670  O OD1 . ASN A 1 97  ? 2.898   7.112   26.178  1.00 25.05 ? 116 ASN A OD1 1 
ATOM   671  N ND2 . ASN A 1 97  ? 2.416   8.537   24.522  1.00 23.55 ? 116 ASN A ND2 1 
ATOM   672  N N   . VAL A 1 98  ? -0.043  3.628   23.518  1.00 21.74 ? 117 VAL A N   1 
ATOM   673  C CA  . VAL A 1 98  ? -1.179  2.834   23.087  1.00 19.04 ? 117 VAL A CA  1 
ATOM   674  C C   . VAL A 1 98  ? -0.715  1.423   22.780  1.00 24.23 ? 117 VAL A C   1 
ATOM   675  O O   . VAL A 1 98  ? 0.436   1.220   22.404  1.00 22.62 ? 117 VAL A O   1 
ATOM   676  C CB  . VAL A 1 98  ? -1.784  3.442   21.824  1.00 28.37 ? 117 VAL A CB  1 
ATOM   677  C CG1 . VAL A 1 98  ? -2.517  2.394   21.013  1.00 32.79 ? 117 VAL A CG1 1 
ATOM   678  C CG2 . VAL A 1 98  ? -2.708  4.576   22.207  1.00 22.50 ? 117 VAL A CG2 1 
ATOM   679  N N   . SER A 1 99  ? -1.574  0.442   23.026  1.00 26.42 ? 118 SER A N   1 
ATOM   680  C CA  . SER A 1 99  ? -1.216  -0.939  22.735  1.00 24.06 ? 118 SER A CA  1 
ATOM   681  C C   . SER A 1 99  ? -1.168  -1.140  21.240  1.00 26.09 ? 118 SER A C   1 
ATOM   682  O O   . SER A 1 99  ? -1.929  -0.530  20.492  1.00 21.34 ? 118 SER A O   1 
ATOM   683  C CB  . SER A 1 99  ? -2.199  -1.929  23.359  1.00 26.34 ? 118 SER A CB  1 
ATOM   684  O OG  . SER A 1 99  ? -3.496  -1.805  22.801  1.00 30.55 ? 118 SER A OG  1 
ATOM   685  N N   . LEU A 1 100 ? -0.256  -1.998  20.814  1.00 22.63 ? 119 LEU A N   1 
ATOM   686  C CA  . LEU A 1 100 ? -0.126  -2.289  19.412  1.00 22.53 ? 119 LEU A CA  1 
ATOM   687  C C   . LEU A 1 100 ? -1.446  -2.834  18.908  1.00 24.18 ? 119 LEU A C   1 
ATOM   688  O O   . LEU A 1 100 ? -1.885  -2.507  17.841  1.00 19.80 ? 119 LEU A O   1 
ATOM   689  C CB  . LEU A 1 100 ? 0.999   -3.270  19.164  1.00 22.90 ? 119 LEU A CB  1 
ATOM   690  C CG  . LEU A 1 100 ? 1.175   -3.722  17.717  1.00 27.56 ? 119 LEU A CG  1 
ATOM   691  C CD1 . LEU A 1 100 ? 1.324   -2.572  16.783  1.00 32.24 ? 119 LEU A CD1 1 
ATOM   692  C CD2 . LEU A 1 100 ? 2.349   -4.680  17.559  1.00 36.82 ? 119 LEU A CD2 1 
ATOM   693  N N   . ASN A 1 101 ? -2.089  -3.636  19.737  1.00 26.67 ? 120 ASN A N   1 
ATOM   694  C CA  . ASN A 1 101 ? -3.357  -4.202  19.355  1.00 29.04 ? 120 ASN A CA  1 
ATOM   695  C C   . ASN A 1 101 ? -4.461  -3.170  19.178  1.00 21.50 ? 120 ASN A C   1 
ATOM   696  O O   . ASN A 1 101 ? -5.209  -3.250  18.253  1.00 24.04 ? 120 ASN A O   1 
ATOM   697  C CB  . ASN A 1 101 ? -3.771  -5.353  20.281  1.00 33.18 ? 120 ASN A CB  1 
ATOM   698  C CG  . ASN A 1 101 ? -4.813  -6.244  19.667  1.00 32.97 ? 120 ASN A CG  1 
ATOM   699  O OD1 . ASN A 1 101 ? -4.515  -7.061  18.829  1.00 41.41 ? 120 ASN A OD1 1 
ATOM   700  N ND2 . ASN A 1 101 ? -6.041  -6.054  20.055  1.00 42.48 ? 120 ASN A ND2 1 
ATOM   701  N N   . GLU A 1 102 ? -4.515  -2.190  20.050  1.00 24.88 ? 121 GLU A N   1 
ATOM   702  C CA  . GLU A 1 102 ? -5.453  -1.071  19.937  1.00 27.30 ? 121 GLU A CA  1 
ATOM   703  C C   . GLU A 1 102 ? -5.191  -0.270  18.664  1.00 25.16 ? 121 GLU A C   1 
ATOM   704  O O   . GLU A 1 102 ? -6.123  0.173   17.999  1.00 22.55 ? 121 GLU A O   1 
ATOM   705  C CB  . GLU A 1 102 ? -5.285  -0.168  21.167  1.00 30.44 ? 121 GLU A CB  1 
ATOM   706  C CG  . GLU A 1 102 ? -6.304  0.948   21.354  1.00 41.31 ? 121 GLU A CG  1 
ATOM   707  C CD  . GLU A 1 102 ? -5.958  1.848   22.539  1.00 50.45 ? 121 GLU A CD  1 
ATOM   708  O OE1 . GLU A 1 102 ? -5.015  1.512   23.295  1.00 45.18 ? 121 GLU A OE1 1 
ATOM   709  O OE2 . GLU A 1 102 ? -6.586  2.922   22.676  1.00 51.30 ? 121 GLU A OE2 1 
ATOM   710  N N   . PHE A 1 103 ? -3.921  -0.037  18.365  1.00 21.97 ? 122 PHE A N   1 
ATOM   711  C CA  . PHE A 1 103 ? -3.551  0.736   17.187  1.00 15.55 ? 122 PHE A CA  1 
ATOM   712  C C   . PHE A 1 103 ? -3.868  -0.003  15.887  1.00 17.25 ? 122 PHE A C   1 
ATOM   713  O O   . PHE A 1 103 ? -4.512  0.542   14.992  1.00 19.43 ? 122 PHE A O   1 
ATOM   714  C CB  . PHE A 1 103 ? -2.073  1.082   17.240  1.00 18.60 ? 122 PHE A CB  1 
ATOM   715  C CG  . PHE A 1 103 ? -1.615  1.907   16.091  1.00 18.44 ? 122 PHE A CG  1 
ATOM   716  C CD1 . PHE A 1 103 ? -2.151  3.161   15.879  1.00 17.55 ? 122 PHE A CD1 1 
ATOM   717  C CD2 . PHE A 1 103 ? -0.752  1.382   15.155  1.00 16.57 ? 122 PHE A CD2 1 
ATOM   718  C CE1 . PHE A 1 103 ? -1.758  3.916   14.802  1.00 16.00 ? 122 PHE A CE1 1 
ATOM   719  C CE2 . PHE A 1 103 ? -0.393  2.111   14.048  1.00 16.21 ? 122 PHE A CE2 1 
ATOM   720  C CZ  . PHE A 1 103 ? -0.894  3.383   13.874  1.00 14.65 ? 122 PHE A CZ  1 
ATOM   721  N N   . ASN A 1 104 ? -3.572  -1.295  15.874  1.00 18.61 ? 123 ASN A N   1 
ATOM   722  C CA  . ASN A 1 104 ? -3.934  -2.164  14.766  1.00 19.81 ? 123 ASN A CA  1 
ATOM   723  C C   . ASN A 1 104 ? -5.420  -2.107  14.478  1.00 20.56 ? 123 ASN A C   1 
ATOM   724  O O   . ASN A 1 104 ? -5.837  -1.937  13.334  1.00 22.28 ? 123 ASN A O   1 
ATOM   725  C CB  . ASN A 1 104 ? -3.579  -3.599  15.114  1.00 23.93 ? 123 ASN A CB  1 
ATOM   726  C CG  . ASN A 1 104 ? -2.354  -4.084  14.390  1.00 29.30 ? 123 ASN A CG  1 
ATOM   727  O OD1 . ASN A 1 104 ? -2.306  -4.107  13.159  1.00 34.29 ? 123 ASN A OD1 1 
ATOM   728  N ND2 . ASN A 1 104 ? -1.394  -4.582  15.151  1.00 37.19 ? 123 ASN A ND2 1 
ATOM   729  N N   . ASN A 1 105 ? -6.221  -2.351  15.506  1.00 23.27 ? 124 ASN A N   1 
ATOM   730  C CA  . ASN A 1 105 ? -7.663  -2.329  15.335  1.00 24.14 ? 124 ASN A CA  1 
ATOM   731  C C   . ASN A 1 105 ? -8.140  -0.990  14.829  1.00 21.52 ? 124 ASN A C   1 
ATOM   732  O O   . ASN A 1 105 ? -9.043  -0.915  14.003  1.00 26.46 ? 124 ASN A O   1 
ATOM   733  C CB  . ASN A 1 105 ? -8.354  -2.644  16.643  1.00 23.85 ? 124 ASN A CB  1 
ATOM   734  C CG  . ASN A 1 105 ? -8.181  -4.081  17.044  1.00 29.98 ? 124 ASN A CG  1 
ATOM   735  O OD1 . ASN A 1 105 ? -7.773  -4.915  16.237  1.00 33.58 ? 124 ASN A OD1 1 
ATOM   736  N ND2 . ASN A 1 105 ? -8.413  -4.369  18.314  1.00 35.59 ? 124 ASN A ND2 1 
ATOM   737  N N   . PHE A 1 106 ? -7.489  0.067   15.281  1.00 21.53 ? 125 PHE A N   1 
ATOM   738  C CA  . PHE A 1 106 ? -7.860  1.391   14.853  1.00 21.85 ? 125 PHE A CA  1 
ATOM   739  C C   . PHE A 1 106 ? -7.645  1.541   13.350  1.00 24.09 ? 125 PHE A C   1 
ATOM   740  O O   . PHE A 1 106 ? -8.516  2.044   12.638  1.00 24.54 ? 125 PHE A O   1 
ATOM   741  C CB  . PHE A 1 106 ? -7.042  2.418   15.615  1.00 22.16 ? 125 PHE A CB  1 
ATOM   742  C CG  . PHE A 1 106 ? -7.188  3.803   15.095  1.00 21.45 ? 125 PHE A CG  1 
ATOM   743  C CD1 . PHE A 1 106 ? -8.369  4.498   15.273  1.00 29.32 ? 125 PHE A CD1 1 
ATOM   744  C CD2 . PHE A 1 106 ? -6.202  4.357   14.318  1.00 25.21 ? 125 PHE A CD2 1 
ATOM   745  C CE1 . PHE A 1 106 ? -8.518  5.772   14.777  1.00 32.05 ? 125 PHE A CE1 1 
ATOM   746  C CE2 . PHE A 1 106 ? -6.353  5.620   13.792  1.00 33.44 ? 125 PHE A CE2 1 
ATOM   747  C CZ  . PHE A 1 106 ? -7.513  6.329   14.020  1.00 32.37 ? 125 PHE A CZ  1 
ATOM   748  N N   . LEU A 1 107 ? -6.505  1.068   12.857  1.00 17.54 ? 126 LEU A N   1 
ATOM   749  C CA  . LEU A 1 107 ? -6.233  1.136   11.426  1.00 17.17 ? 126 LEU A CA  1 
ATOM   750  C C   . LEU A 1 107 ? -7.243  0.300   10.660  1.00 23.21 ? 126 LEU A C   1 
ATOM   751  O O   . LEU A 1 107 ? -7.604  0.635   9.532   1.00 24.36 ? 126 LEU A O   1 
ATOM   752  C CB  . LEU A 1 107 ? -4.833  0.631   11.108  1.00 20.65 ? 126 LEU A CB  1 
ATOM   753  C CG  . LEU A 1 107 ? -3.692  1.454   11.685  1.00 18.52 ? 126 LEU A CG  1 
ATOM   754  C CD1 . LEU A 1 107 ? -2.384  0.832   11.244  1.00 20.26 ? 126 LEU A CD1 1 
ATOM   755  C CD2 . LEU A 1 107 ? -3.791  2.893   11.217  1.00 22.77 ? 126 LEU A CD2 1 
ATOM   756  N N   . LYS A 1 108 ? -7.590  -0.851  11.217  1.00 21.74 ? 127 LYS A N   1 
ATOM   757  C CA  . LYS A 1 108 ? -8.498  -1.777  10.551  1.00 26.21 ? 127 LYS A CA  1 
ATOM   758  C C   . LYS A 1 108 ? -9.903  -1.200  10.437  1.00 26.14 ? 127 LYS A C   1 
ATOM   759  O O   . LYS A 1 108 ? -10.481 -1.172  9.348   1.00 26.14 ? 127 LYS A O   1 
ATOM   760  C CB  . LYS A 1 108 ? -8.533  -3.095  11.314  1.00 19.26 ? 127 LYS A CB  1 
ATOM   761  C CG  . LYS A 1 108 ? -7.330  -3.957  11.005  1.00 21.93 ? 127 LYS A CG  1 
ATOM   762  C CD  . LYS A 1 108 ? -7.209  -5.140  11.937  1.00 24.31 ? 127 LYS A CD  1 
ATOM   763  C CE  . LYS A 1 108 ? -6.054  -6.014  11.487  1.00 27.64 ? 127 LYS A CE  1 
ATOM   764  N NZ  . LYS A 1 108 ? -5.820  -7.170  12.388  1.00 36.62 ? 127 LYS A NZ  1 
ATOM   765  N N   . ARG A 1 109 ? -10.454 -0.756  11.565  1.00 27.52 ? 128 ARG A N   1 
ATOM   766  C CA  A ARG A 1 109 ? -11.810 -0.216  11.599  0.56 25.21 ? 128 ARG A CA  1 
ATOM   767  C CA  B ARG A 1 109 ? -11.810 -0.220  11.587  0.44 25.24 ? 128 ARG A CA  1 
ATOM   768  C C   . ARG A 1 109 ? -11.926 0.885   10.575  1.00 33.15 ? 128 ARG A C   1 
ATOM   769  O O   . ARG A 1 109 ? -13.022 1.200   10.116  1.00 36.34 ? 128 ARG A O   1 
ATOM   770  C CB  A ARG A 1 109 ? -12.138 0.359   12.978  0.56 26.06 ? 128 ARG A CB  1 
ATOM   771  C CB  B ARG A 1 109 ? -12.151 0.341   12.962  0.44 26.07 ? 128 ARG A CB  1 
ATOM   772  C CG  A ARG A 1 109 ? -13.496 1.045   13.045  0.56 22.60 ? 128 ARG A CG  1 
ATOM   773  C CG  B ARG A 1 109 ? -11.437 -0.368  14.089  0.44 28.13 ? 128 ARG A CG  1 
ATOM   774  C CD  A ARG A 1 109 ? -14.626 0.042   12.876  0.56 25.27 ? 128 ARG A CD  1 
ATOM   775  C CD  B ARG A 1 109 ? -11.877 0.181   15.429  0.44 31.96 ? 128 ARG A CD  1 
ATOM   776  N NE  A ARG A 1 109 ? -15.942 0.675   12.876  0.56 25.67 ? 128 ARG A NE  1 
ATOM   777  N NE  B ARG A 1 109 ? -10.796 0.160   16.406  0.44 30.87 ? 128 ARG A NE  1 
ATOM   778  C CZ  A ARG A 1 109 ? -16.637 0.952   11.776  0.56 29.60 ? 128 ARG A CZ  1 
ATOM   779  C CZ  B ARG A 1 109 ? -10.632 1.080   17.349  0.44 28.28 ? 128 ARG A CZ  1 
ATOM   780  N NH1 A ARG A 1 109 ? -16.109 0.728   10.581  0.56 30.53 ? 128 ARG A NH1 1 
ATOM   781  N NH1 B ARG A 1 109 ? -11.492 2.084   17.452  0.44 32.14 ? 128 ARG A NH1 1 
ATOM   782  N NH2 A ARG A 1 109 ? -17.837 1.509   11.870  0.56 24.56 ? 128 ARG A NH2 1 
ATOM   783  N NH2 B ARG A 1 109 ? -9.625  0.982   18.203  0.44 29.68 ? 128 ARG A NH2 1 
ATOM   784  N N   . SER A 1 110 ? -10.850 1.644   10.456  1.00 31.14 ? 129 SER A N   1 
ATOM   785  C CA  . SER A 1 110 ? -10.847 2.795   9.587   1.00 31.35 ? 129 SER A CA  1 
ATOM   786  C C   . SER A 1 110 ? -10.674 2.396   8.130   1.00 28.77 ? 129 SER A C   1 
ATOM   787  O O   . SER A 1 110 ? -10.763 3.237   7.238   1.00 30.28 ? 129 SER A O   1 
ATOM   788  C CB  . SER A 1 110 ? -9.736  3.755   9.992   1.00 31.83 ? 129 SER A CB  1 
ATOM   789  O OG  . SER A 1 110 ? -8.637  3.658   9.103   1.00 40.28 ? 129 SER A OG  1 
ATOM   790  N N   . GLY A 1 111 ? -10.397 1.124   7.886   1.00 28.90 ? 130 GLY A N   1 
ATOM   791  C CA  . GLY A 1 111 ? -10.281 0.643   6.517   1.00 28.52 ? 130 GLY A CA  1 
ATOM   792  C C   . GLY A 1 111 ? -9.065  1.186   5.793   1.00 36.50 ? 130 GLY A C   1 
ATOM   793  O O   . GLY A 1 111 ? -9.010  1.153   4.564   1.00 35.34 ? 130 GLY A O   1 
ATOM   794  N N   . LEU A 1 112 ? -8.048  1.607   6.533   1.00 28.77 ? 131 LEU A N   1 
ATOM   795  C CA  . LEU A 1 112 ? -6.815  2.026   5.878   1.00 32.92 ? 131 LEU A CA  1 
ATOM   796  C C   . LEU A 1 112 ? -5.779  0.926   5.887   1.00 27.09 ? 131 LEU A C   1 
ATOM   797  O O   . LEU A 1 112 ? -4.760  1.012   5.200   1.00 27.08 ? 131 LEU A O   1 
ATOM   798  C CB  . LEU A 1 112 ? -6.242  3.273   6.529   1.00 28.24 ? 131 LEU A CB  1 
ATOM   799  C CG  . LEU A 1 112 ? -7.244  4.393   6.749   1.00 33.35 ? 131 LEU A CG  1 
ATOM   800  C CD1 . LEU A 1 112 ? -6.917  5.028   8.083   1.00 31.29 ? 131 LEU A CD1 1 
ATOM   801  C CD2 . LEU A 1 112 ? -7.156  5.411   5.628   1.00 34.04 ? 131 LEU A CD2 1 
ATOM   802  N N   . TYR A 1 113 ? -5.990  -0.042  6.765   1.00 26.59 ? 132 TYR A N   1 
ATOM   803  C CA  . TYR A 1 113 ? -5.057  -1.133  6.946   1.00 25.57 ? 132 TYR A CA  1 
ATOM   804  C C   . TYR A 1 113 ? -5.021  -2.002  5.693   1.00 27.39 ? 132 TYR A C   1 
ATOM   805  O O   . TYR A 1 113 ? -5.998  -2.063  4.940   1.00 24.86 ? 132 TYR A O   1 
ATOM   806  C CB  . TYR A 1 113 ? -5.472  -1.960  8.159   1.00 24.31 ? 132 TYR A CB  1 
ATOM   807  C CG  . TYR A 1 113 ? -4.601  -3.151  8.411   1.00 23.66 ? 132 TYR A CG  1 
ATOM   808  C CD1 . TYR A 1 113 ? -3.396  -3.018  9.066   1.00 17.51 ? 132 TYR A CD1 1 
ATOM   809  C CD2 . TYR A 1 113 ? -5.004  -4.417  8.026   1.00 26.52 ? 132 TYR A CD2 1 
ATOM   810  C CE1 . TYR A 1 113 ? -2.619  -4.115  9.347   1.00 29.61 ? 132 TYR A CE1 1 
ATOM   811  C CE2 . TYR A 1 113 ? -4.228  -5.521  8.288   1.00 25.90 ? 132 TYR A CE2 1 
ATOM   812  C CZ  . TYR A 1 113 ? -3.029  -5.361  8.937   1.00 24.06 ? 132 TYR A CZ  1 
ATOM   813  O OH  . TYR A 1 113 ? -2.236  -6.456  9.183   1.00 33.92 ? 132 TYR A OH  1 
ATOM   814  N N   . ASN A 1 114 ? -3.822  -2.451  5.342   1.00 20.18 ? 133 ASN A N   1 
ATOM   815  C CA  . ASN A 1 114 ? -3.651  -3.366  4.227   1.00 21.38 ? 133 ASN A CA  1 
ATOM   816  C C   . ASN A 1 114 ? -2.955  -4.608  4.720   1.00 21.74 ? 133 ASN A C   1 
ATOM   817  O O   . ASN A 1 114 ? -1.823  -4.528  5.183   1.00 19.80 ? 133 ASN A O   1 
ATOM   818  C CB  . ASN A 1 114 ? -2.779  -2.723  3.159   1.00 20.36 ? 133 ASN A CB  1 
ATOM   819  C CG  . ASN A 1 114 ? -2.685  -3.561  1.913   1.00 21.11 ? 133 ASN A CG  1 
ATOM   820  O OD1 . ASN A 1 114 ? -2.300  -4.730  1.961   1.00 23.73 ? 133 ASN A OD1 1 
ATOM   821  N ND2 . ASN A 1 114 ? -3.050  -2.976  0.785   1.00 26.81 ? 133 ASN A ND2 1 
ATOM   822  N N   . LYS A 1 115 ? -3.600  -5.760  4.569   1.00 18.58 ? 134 LYS A N   1 
ATOM   823  C CA  . LYS A 1 115 ? -3.067  -6.987  5.126   1.00 20.14 ? 134 LYS A CA  1 
ATOM   824  C C   . LYS A 1 115 ? -1.714  -7.425  4.554   1.00 21.98 ? 134 LYS A C   1 
ATOM   825  O O   . LYS A 1 115 ? -1.007  -8.181  5.155   1.00 17.69 ? 134 LYS A O   1 
ATOM   826  C CB  . LYS A 1 115 ? -4.059  -8.132  5.000   1.00 24.96 ? 134 LYS A CB  1 
ATOM   827  C CG  . LYS A 1 115 ? -4.346  -8.530  3.614   1.00 33.38 ? 134 LYS A CG  1 
ATOM   828  C CD  . LYS A 1 115 ? -4.904  -9.917  3.556   1.00 44.85 ? 134 LYS A CD  1 
ATOM   829  C CE  . LYS A 1 115 ? -5.760  -10.098 2.336   1.00 46.30 ? 134 LYS A CE  1 
ATOM   830  N NZ  . LYS A 1 115 ? -5.128  -10.873 1.272   1.00 49.15 ? 134 LYS A NZ  1 
ATOM   831  N N   . ASN A 1 116 ? -1.406  -6.920  3.377   1.00 17.80 ? 135 ASN A N   1 
ATOM   832  C CA  . ASN A 1 116 ? -0.158  -7.270  2.714   1.00 16.48 ? 135 ASN A CA  1 
ATOM   833  C C   . ASN A 1 116 ? 1.040   -6.587  3.364   1.00 16.64 ? 135 ASN A C   1 
ATOM   834  O O   . ASN A 1 116 ? 2.179   -7.023  3.192   1.00 15.75 ? 135 ASN A O   1 
ATOM   835  C CB  . ASN A 1 116 ? -0.235  -6.902  1.237   1.00 21.28 ? 135 ASN A CB  1 
ATOM   836  C CG  . ASN A 1 116 ? -1.325  -7.666  0.509   1.00 38.43 ? 135 ASN A CG  1 
ATOM   837  O OD1 . ASN A 1 116 ? -1.324  -8.895  0.487   1.00 30.91 ? 135 ASN A OD1 1 
ATOM   838  N ND2 . ASN A 1 116 ? -2.330  -6.945  0.032   1.00 40.81 ? 135 ASN A ND2 1 
ATOM   839  N N   . TYR A 1 117 ? 0.769   -5.545  4.140   1.00 13.54 ? 136 TYR A N   1 
ATOM   840  C CA  . TYR A 1 117 ? 1.829   -4.758  4.766   1.00 17.24 ? 136 TYR A CA  1 
ATOM   841  C C   . TYR A 1 117 ? 1.565   -4.572  6.253   1.00 15.71 ? 136 TYR A C   1 
ATOM   842  O O   . TYR A 1 117 ? 1.243   -3.474  6.705   1.00 16.46 ? 136 TYR A O   1 
ATOM   843  C CB  . TYR A 1 117 ? 1.973   -3.404  4.078   1.00 13.27 ? 136 TYR A CB  1 
ATOM   844  C CG  . TYR A 1 117 ? 1.973   -3.496  2.573   1.00 12.99 ? 136 TYR A CG  1 
ATOM   845  C CD1 . TYR A 1 117 ? 3.005   -4.121  1.891   1.00 15.90 ? 136 TYR A CD1 1 
ATOM   846  C CD2 . TYR A 1 117 ? 0.919   -2.993  1.838   1.00 15.56 ? 136 TYR A CD2 1 
ATOM   847  C CE1 . TYR A 1 117 ? 2.969   -4.260  0.516   1.00 16.66 ? 136 TYR A CE1 1 
ATOM   848  C CE2 . TYR A 1 117 ? 0.864   -3.144  0.473   1.00 15.04 ? 136 TYR A CE2 1 
ATOM   849  C CZ  . TYR A 1 117 ? 1.873   -3.804  -0.181  1.00 18.86 ? 136 TYR A CZ  1 
ATOM   850  O OH  . TYR A 1 117 ? 1.788   -3.944  -1.549  1.00 18.15 ? 136 TYR A OH  1 
ATOM   851  N N   . PRO A 1 118 ? 1.664   -5.667  7.014   1.00 18.31 ? 137 PRO A N   1 
ATOM   852  C CA  . PRO A 1 118 ? 1.227   -5.692  8.395   1.00 15.49 ? 137 PRO A CA  1 
ATOM   853  C C   . PRO A 1 118 ? 2.195   -4.980  9.322   1.00 15.09 ? 137 PRO A C   1 
ATOM   854  O O   . PRO A 1 118 ? 3.360   -4.780  8.980   1.00 15.78 ? 137 PRO A O   1 
ATOM   855  C CB  . PRO A 1 118 ? 1.189   -7.186  8.717   1.00 16.23 ? 137 PRO A CB  1 
ATOM   856  C CG  . PRO A 1 118 ? 2.240   -7.768  7.850   1.00 13.88 ? 137 PRO A CG  1 
ATOM   857  C CD  . PRO A 1 118 ? 2.157   -6.985  6.573   1.00 19.45 ? 137 PRO A CD  1 
ATOM   858  N N   . LEU A 1 119 ? 1.684   -4.544  10.464  1.00 14.38 ? 138 LEU A N   1 
ATOM   859  C CA  . LEU A 1 119 ? 2.510   -3.974  11.513  1.00 15.85 ? 138 LEU A CA  1 
ATOM   860  C C   . LEU A 1 119 ? 3.206   -5.103  12.247  1.00 23.00 ? 138 LEU A C   1 
ATOM   861  O O   . LEU A 1 119 ? 2.586   -6.118  12.556  1.00 22.15 ? 138 LEU A O   1 
ATOM   862  C CB  . LEU A 1 119 ? 1.629   -3.214  12.500  1.00 17.96 ? 138 LEU A CB  1 
ATOM   863  C CG  . LEU A 1 119 ? 1.329   -1.766  12.141  1.00 24.95 ? 138 LEU A CG  1 
ATOM   864  C CD1 . LEU A 1 119 ? 0.982   -1.614  10.675  1.00 24.33 ? 138 LEU A CD1 1 
ATOM   865  C CD2 . LEU A 1 119 ? 0.211   -1.230  13.012  1.00 19.76 ? 138 LEU A CD2 1 
ATOM   866  N N   . ARG A 1 120 ? 4.504   -4.956  12.464  1.00 17.92 ? 139 ARG A N   1 
ATOM   867  C CA  . ARG A 1 120 ? 5.286   -6.012  13.090  1.00 18.25 ? 139 ARG A CA  1 
ATOM   868  C C   . ARG A 1 120 ? 5.890   -5.493  14.375  1.00 14.47 ? 139 ARG A C   1 
ATOM   869  O O   . ARG A 1 120 ? 6.796   -4.661  14.355  1.00 20.38 ? 139 ARG A O   1 
ATOM   870  C CB  . ARG A 1 120 ? 6.397   -6.478  12.152  1.00 16.72 ? 139 ARG A CB  1 
ATOM   871  C CG  . ARG A 1 120 ? 5.884   -7.258  10.957  1.00 24.17 ? 139 ARG A CG  1 
ATOM   872  C CD  . ARG A 1 120 ? 6.467   -6.732  9.665   1.00 17.51 ? 139 ARG A CD  1 
ATOM   873  N NE  . ARG A 1 120 ? 7.916   -6.634  9.738   1.00 18.54 ? 139 ARG A NE  1 
ATOM   874  C CZ  . ARG A 1 120 ? 8.624   -5.735  9.074   1.00 22.47 ? 139 ARG A CZ  1 
ATOM   875  N NH1 . ARG A 1 120 ? 8.006   -4.863  8.292   1.00 16.37 ? 139 ARG A NH1 1 
ATOM   876  N NH2 . ARG A 1 120 ? 9.945   -5.735  9.159   1.00 25.51 ? 139 ARG A NH2 1 
ATOM   877  N N   . GLY A 1 121 ? 5.415   -6.014  15.497  1.00 21.11 ? 140 GLY A N   1 
ATOM   878  C CA  . GLY A 1 121 ? 5.848   -5.505  16.786  1.00 28.10 ? 140 GLY A CA  1 
ATOM   879  C C   . GLY A 1 121 ? 5.615   -6.507  17.888  1.00 33.20 ? 140 GLY A C   1 
ATOM   880  O O   . GLY A 1 121 ? 5.413   -7.693  17.629  1.00 27.39 ? 140 GLY A O   1 
ATOM   881  N N   . ASP A 1 122 ? 5.700   -6.046  19.127  1.00 22.39 ? 141 ASP A N   1 
ATOM   882  C CA  . ASP A 1 122 ? 5.282   -6.870  20.247  1.00 29.04 ? 141 ASP A CA  1 
ATOM   883  C C   . ASP A 1 122 ? 4.943   -6.026  21.451  1.00 33.52 ? 141 ASP A C   1 
ATOM   884  O O   . ASP A 1 122 ? 5.293   -4.849  21.524  1.00 37.06 ? 141 ASP A O   1 
ATOM   885  C CB  . ASP A 1 122 ? 6.356   -7.890  20.618  1.00 37.89 ? 141 ASP A CB  1 
ATOM   886  C CG  . ASP A 1 122 ? 7.651   -7.240  21.049  1.00 40.26 ? 141 ASP A CG  1 
ATOM   887  O OD1 . ASP A 1 122 ? 8.208   -6.466  20.236  1.00 44.94 ? 141 ASP A OD1 1 
ATOM   888  O OD2 . ASP A 1 122 ? 8.269   -7.751  22.009  1.00 37.88 ? 141 ASP A OD2 1 
ATOM   889  N N   . ASN A 1 123 ? 4.223   -6.632  22.385  1.00 22.95 ? 142 ASN A N   1 
ATOM   890  C CA  . ASN A 1 123 ? 3.625   -5.863  23.451  1.00 24.67 ? 142 ASN A CA  1 
ATOM   891  C C   . ASN A 1 123 ? 4.635   -5.515  24.515  1.00 21.52 ? 142 ASN A C   1 
ATOM   892  O O   . ASN A 1 123 ? 4.270   -5.013  25.573  1.00 23.31 ? 142 ASN A O   1 
ATOM   893  C CB  . ASN A 1 123 ? 2.473   -6.614  24.088  1.00 26.67 ? 142 ASN A CB  1 
ATOM   894  C CG  . ASN A 1 123 ? 2.784   -8.067  24.301  1.00 42.23 ? 142 ASN A CG  1 
ATOM   895  O OD1 . ASN A 1 123 ? 3.801   -8.406  24.907  1.00 40.25 ? 142 ASN A OD1 1 
ATOM   896  N ND2 . ASN A 1 123 ? 2.012   -8.932  23.656  1.00 43.01 ? 142 ASN A ND2 1 
ATOM   897  N N   . ARG A 1 124 ? 5.905   -5.768  24.246  1.00 18.29 ? 143 ARG A N   1 
ATOM   898  C CA  . ARG A 1 124 ? 6.903   -5.477  25.249  1.00 28.26 ? 143 ARG A CA  1 
ATOM   899  C C   . ARG A 1 124 ? 7.669   -4.226  24.959  1.00 30.53 ? 143 ARG A C   1 
ATOM   900  O O   . ARG A 1 124 ? 8.125   -3.544  25.873  1.00 33.96 ? 143 ARG A O   1 
ATOM   901  C CB  . ARG A 1 124 ? 7.841   -6.640  25.413  1.00 32.15 ? 143 ARG A CB  1 
ATOM   902  C CG  . ARG A 1 124 ? 7.197   -7.700  26.260  1.00 35.73 ? 143 ARG A CG  1 
ATOM   903  C CD  . ARG A 1 124 ? 7.469   -9.061  25.689  1.00 39.38 ? 143 ARG A CD  1 
ATOM   904  N NE  . ARG A 1 124 ? 8.684   -9.576  26.292  1.00 51.58 ? 143 ARG A NE  1 
ATOM   905  C CZ  . ARG A 1 124 ? 8.907   -10.854 26.560  1.00 48.99 ? 143 ARG A CZ  1 
ATOM   906  N NH1 . ARG A 1 124 ? 8.040   -11.792 26.203  1.00 39.96 ? 143 ARG A NH1 1 
ATOM   907  N NH2 . ARG A 1 124 ? 10.022  -11.182 27.188  1.00 49.01 ? 143 ARG A NH2 1 
ATOM   908  N N   . LYS A 1 125 ? 7.772   -3.916  23.666  1.00 27.74 ? 144 LYS A N   1 
ATOM   909  C CA  . LYS A 1 125 ? 8.564   -2.789  23.216  1.00 27.74 ? 144 LYS A CA  1 
ATOM   910  C C   . LYS A 1 125 ? 7.713   -1.642  22.671  1.00 21.76 ? 144 LYS A C   1 
ATOM   911  O O   . LYS A 1 125 ? 6.546   -1.818  22.387  1.00 25.29 ? 144 LYS A O   1 
ATOM   912  C CB  . LYS A 1 125 ? 9.558   -3.252  22.165  1.00 33.84 ? 144 LYS A CB  1 
ATOM   913  C CG  . LYS A 1 125 ? 8.944   -3.334  20.816  1.00 36.69 ? 144 LYS A CG  1 
ATOM   914  C CD  . LYS A 1 125 ? 9.965   -3.328  19.680  1.00 47.10 ? 144 LYS A CD  1 
ATOM   915  C CE  . LYS A 1 125 ? 10.366  -4.712  19.313  1.00 49.37 ? 144 LYS A CE  1 
ATOM   916  N NZ  . LYS A 1 125 ? 10.544  -4.865  17.877  1.00 54.57 ? 144 LYS A NZ  1 
ATOM   917  N N   . GLY A 1 126 ? 8.336   -0.469  22.533  1.00 25.82 ? 145 GLY A N   1 
ATOM   918  C CA  . GLY A 1 126 ? 7.627   0.772   22.251  1.00 22.04 ? 145 GLY A CA  1 
ATOM   919  C C   . GLY A 1 126 ? 7.766   1.218   20.811  1.00 20.85 ? 145 GLY A C   1 
ATOM   920  O O   . GLY A 1 126 ? 7.519   2.379   20.484  1.00 24.07 ? 145 GLY A O   1 
ATOM   921  N N   . THR A 1 127 ? 8.198   0.304   19.954  1.00 22.10 ? 146 THR A N   1 
ATOM   922  C CA  . THR A 1 127 ? 8.185   0.548   18.524  1.00 19.13 ? 146 THR A CA  1 
ATOM   923  C C   . THR A 1 127 ? 7.636   -0.650  17.776  1.00 27.98 ? 146 THR A C   1 
ATOM   924  O O   . THR A 1 127 ? 7.507   -1.737  18.332  1.00 20.99 ? 146 THR A O   1 
ATOM   925  C CB  . THR A 1 127 ? 9.594   0.828   17.990  1.00 19.38 ? 146 THR A CB  1 
ATOM   926  O OG1 . THR A 1 127 ? 10.445  -0.284  18.298  1.00 31.42 ? 146 THR A OG1 1 
ATOM   927  N N   . PHE A 1 128 ? 7.251   -0.413  16.529  1.00 17.76 ? 147 PHE A N   1 
ATOM   928  C CA  . PHE A 1 128 ? 6.880   -1.487  15.615  1.00 18.63 ? 147 PHE A CA  1 
ATOM   929  C C   . PHE A 1 128 ? 7.430   -1.163  14.240  1.00 17.11 ? 147 PHE A C   1 
ATOM   930  O O   . PHE A 1 128 ? 7.840   -0.031  13.989  1.00 17.29 ? 147 PHE A O   1 
ATOM   931  C CB  . PHE A 1 128 ? 5.358   -1.655  15.560  1.00 17.00 ? 147 PHE A CB  1 
ATOM   932  C CG  . PHE A 1 128 ? 4.639   -0.491  14.947  1.00 16.46 ? 147 PHE A CG  1 
ATOM   933  C CD1 . PHE A 1 128 ? 4.563   -0.363  13.577  1.00 13.54 ? 147 PHE A CD1 1 
ATOM   934  C CD2 . PHE A 1 128 ? 3.982   0.436   15.738  1.00 17.43 ? 147 PHE A CD2 1 
ATOM   935  C CE1 . PHE A 1 128 ? 3.896   0.690   13.000  1.00 14.96 ? 147 PHE A CE1 1 
ATOM   936  C CE2 . PHE A 1 128 ? 3.312   1.497   15.168  1.00 18.38 ? 147 PHE A CE2 1 
ATOM   937  C CZ  . PHE A 1 128 ? 3.278   1.629   13.794  1.00 16.31 ? 147 PHE A CZ  1 
ATOM   938  N N   . TYR A 1 129 ? 7.575   -2.187  13.398  1.00 18.31 ? 148 TYR A N   1 
ATOM   939  C CA  . TYR A 1 129 ? 8.030   -1.961  12.027  1.00 16.01 ? 148 TYR A CA  1 
ATOM   940  C C   . TYR A 1 129 ? 6.893   -2.103  11.048  1.00 10.39 ? 148 TYR A C   1 
ATOM   941  O O   . TYR A 1 129 ? 5.914   -2.798  11.294  1.00 13.74 ? 148 TYR A O   1 
ATOM   942  C CB  . TYR A 1 129 ? 9.131   -2.937  11.621  1.00 19.83 ? 148 TYR A CB  1 
ATOM   943  C CG  . TYR A 1 129 ? 10.283  -2.991  12.576  1.00 23.61 ? 148 TYR A CG  1 
ATOM   944  C CD1 . TYR A 1 129 ? 11.222  -1.977  12.622  1.00 35.53 ? 148 TYR A CD1 1 
ATOM   945  C CD2 . TYR A 1 129 ? 10.458  -4.087  13.393  1.00 30.01 ? 148 TYR A CD2 1 
ATOM   946  C CE1 . TYR A 1 129 ? 12.258  -2.009  13.531  1.00 32.46 ? 148 TYR A CE1 1 
ATOM   947  C CE2 . TYR A 1 129 ? 11.523  -4.162  14.256  1.00 41.61 ? 148 TYR A CE2 1 
ATOM   948  C CZ  . TYR A 1 129 ? 12.390  -3.097  14.358  1.00 31.92 ? 148 TYR A CZ  1 
ATOM   949  O OH  . TYR A 1 129 ? 13.349  -3.088  15.352  1.00 46.91 ? 148 TYR A OH  1 
ATOM   950  N N   . VAL A 1 130 ? 7.021   -1.391  9.946   1.00 13.33 ? 149 VAL A N   1 
ATOM   951  C CA  . VAL A 1 130 ? 6.084   -1.526  8.860   1.00 17.86 ? 149 VAL A CA  1 
ATOM   952  C C   . VAL A 1 130 ? 6.815   -1.230  7.567   1.00 19.10 ? 149 VAL A C   1 
ATOM   953  O O   . VAL A 1 130 ? 7.738   -0.414  7.538   1.00 17.03 ? 149 VAL A O   1 
ATOM   954  C CB  . VAL A 1 130 ? 4.886   -0.577  9.020   1.00 15.02 ? 149 VAL A CB  1 
ATOM   955  C CG1 . VAL A 1 130 ? 5.354   0.863   9.079   1.00 14.38 ? 149 VAL A CG1 1 
ATOM   956  C CG2 . VAL A 1 130 ? 3.885   -0.791  7.891   1.00 13.61 ? 149 VAL A CG2 1 
ATOM   957  N N   . SER A 1 131 ? 6.545   -2.060  6.568   1.00 15.70 ? 150 SER A N   1 
ATOM   958  C CA  . SER A 1 131 ? 7.220   -1.955  5.289   1.00 13.47 ? 150 SER A CA  1 
ATOM   959  C C   . SER A 1 131 ? 6.190   -2.105  4.181   1.00 13.03 ? 150 SER A C   1 
ATOM   960  O O   . SER A 1 131 ? 5.371   -3.034  4.191   1.00 14.26 ? 150 SER A O   1 
ATOM   961  C CB  . SER A 1 131 ? 8.293   -3.037  5.156   1.00 20.41 ? 150 SER A CB  1 
ATOM   962  O OG  . SER A 1 131 ? 9.289   -2.905  6.157   1.00 22.48 ? 150 SER A OG  1 
ATOM   963  N N   . GLY A 1 132 ? 6.139   -1.118  3.303   1.00 13.29 ? 151 GLY A N   1 
ATOM   964  C CA  . GLY A 1 132 ? 5.160   -1.131  2.238   1.00 14.20 ? 151 GLY A CA  1 
ATOM   965  C C   . GLY A 1 132 ? 5.223   0.110   1.393   1.00 16.94 ? 151 GLY A C   1 
ATOM   966  O O   . GLY A 1 132 ? 6.190   0.866   1.452   1.00 17.60 ? 151 GLY A O   1 
ATOM   967  N N   . PRO A 1 133 ? 4.162   0.349   0.627   1.00 12.94 ? 152 PRO A N   1 
ATOM   968  C CA  . PRO A 1 133 ? 4.135   1.494   -0.265  1.00 14.32 ? 152 PRO A CA  1 
ATOM   969  C C   . PRO A 1 133 ? 4.287   2.783   0.514   1.00 16.60 ? 152 PRO A C   1 
ATOM   970  O O   . PRO A 1 133 ? 3.686   2.944   1.571   1.00 16.63 ? 152 PRO A O   1 
ATOM   971  C CB  . PRO A 1 133 ? 2.747   1.426   -0.895  1.00 13.56 ? 152 PRO A CB  1 
ATOM   972  C CG  . PRO A 1 133 ? 2.307   0.023   -0.744  1.00 17.40 ? 152 PRO A CG  1 
ATOM   973  C CD  . PRO A 1 133 ? 3.047   -0.583  0.402   1.00 15.99 ? 152 PRO A CD  1 
ATOM   974  N N   . PRO A 1 134 ? 5.016   3.744   -0.052  1.00 17.66 ? 153 PRO A N   1 
ATOM   975  C CA  . PRO A 1 134 ? 5.255   4.982   0.653   1.00 18.80 ? 153 PRO A CA  1 
ATOM   976  C C   . PRO A 1 134 ? 3.978   5.676   1.115   1.00 18.14 ? 153 PRO A C   1 
ATOM   977  O O   . PRO A 1 134 ? 3.874   6.082   2.271   1.00 17.81 ? 153 PRO A O   1 
ATOM   978  C CB  . PRO A 1 134 ? 5.981   5.823   -0.388  1.00 21.35 ? 153 PRO A CB  1 
ATOM   979  C CG  . PRO A 1 134 ? 6.753   4.825   -1.174  1.00 18.79 ? 153 PRO A CG  1 
ATOM   980  C CD  . PRO A 1 134 ? 5.944   3.562   -1.180  1.00 20.12 ? 153 PRO A CD  1 
ATOM   981  N N   . VAL A 1 135 ? 2.976   5.740   0.258   1.00 16.41 ? 154 VAL A N   1 
ATOM   982  C CA  . VAL A 1 135 ? 1.747   6.397   0.650   1.00 15.46 ? 154 VAL A CA  1 
ATOM   983  C C   . VAL A 1 135 ? 1.096   5.712   1.860   1.00 17.41 ? 154 VAL A C   1 
ATOM   984  O O   . VAL A 1 135 ? 0.510   6.374   2.719   1.00 17.37 ? 154 VAL A O   1 
ATOM   985  C CB  . VAL A 1 135 ? 0.752   6.423   -0.501  1.00 19.07 ? 154 VAL A CB  1 
ATOM   986  C CG1 . VAL A 1 135 ? 0.366   5.006   -0.864  1.00 19.91 ? 154 VAL A CG1 1 
ATOM   987  C CG2 . VAL A 1 135 ? -0.462  7.234   -0.106  1.00 24.96 ? 154 VAL A CG2 1 
ATOM   988  N N   . TYR A 1 136 ? 1.240   4.395   1.951   1.00 13.95 ? 155 TYR A N   1 
ATOM   989  C CA  . TYR A 1 136 ? 0.707   3.636   3.087   1.00 15.74 ? 155 TYR A CA  1 
ATOM   990  C C   . TYR A 1 136 ? 1.496   3.892   4.367   1.00 12.69 ? 155 TYR A C   1 
ATOM   991  O O   . TYR A 1 136 ? 0.925   4.171   5.425   1.00 14.52 ? 155 TYR A O   1 
ATOM   992  C CB  . TYR A 1 136 ? 0.721   2.146   2.758   1.00 14.24 ? 155 TYR A CB  1 
ATOM   993  C CG  . TYR A 1 136 ? 0.246   1.265   3.877   1.00 12.73 ? 155 TYR A CG  1 
ATOM   994  C CD1 . TYR A 1 136 ? -1.080  1.260   4.271   1.00 17.98 ? 155 TYR A CD1 1 
ATOM   995  C CD2 . TYR A 1 136 ? 1.102   0.347   4.449   1.00 16.59 ? 155 TYR A CD2 1 
ATOM   996  C CE1 . TYR A 1 136 ? -1.509  0.444   5.291   1.00 19.16 ? 155 TYR A CE1 1 
ATOM   997  C CE2 . TYR A 1 136 ? 0.678   -0.496  5.436   1.00 14.28 ? 155 TYR A CE2 1 
ATOM   998  C CZ  . TYR A 1 136 ? -0.622  -0.436  5.860   1.00 17.40 ? 155 TYR A CZ  1 
ATOM   999  O OH  . TYR A 1 136 ? -1.045  -1.355  6.789   1.00 23.83 ? 155 TYR A OH  1 
ATOM   1000 N N   . VAL A 1 137 ? 2.807   3.758   4.271   1.00 11.83 ? 156 VAL A N   1 
ATOM   1001 C CA  . VAL A 1 137 ? 3.668   3.883   5.429   1.00 14.63 ? 156 VAL A CA  1 
ATOM   1002 C C   . VAL A 1 137 ? 3.568   5.283   6.013   1.00 16.23 ? 156 VAL A C   1 
ATOM   1003 O O   . VAL A 1 137 ? 3.481   5.456   7.226   1.00 12.88 ? 156 VAL A O   1 
ATOM   1004 C CB  . VAL A 1 137 ? 5.125   3.584   5.056   1.00 17.34 ? 156 VAL A CB  1 
ATOM   1005 C CG1 . VAL A 1 137 ? 6.041   3.908   6.221   1.00 21.40 ? 156 VAL A CG1 1 
ATOM   1006 C CG2 . VAL A 1 137 ? 5.269   2.124   4.662   1.00 16.86 ? 156 VAL A CG2 1 
ATOM   1007 N N   . ASP A 1 138 ? 3.432   6.274   5.143   1.00 13.75 ? 157 ASP A N   1 
ATOM   1008 C CA  . ASP A 1 138 ? 3.289   7.652   5.593   1.00 15.13 ? 157 ASP A CA  1 
ATOM   1009 C C   . ASP A 1 138 ? 2.030   7.808   6.434   1.00 16.60 ? 157 ASP A C   1 
ATOM   1010 O O   . ASP A 1 138 ? 2.032   8.467   7.472   1.00 13.25 ? 157 ASP A O   1 
ATOM   1011 C CB  . ASP A 1 138 ? 3.215   8.595   4.398   1.00 15.03 ? 157 ASP A CB  1 
ATOM   1012 C CG  . ASP A 1 138 ? 4.552   8.781   3.718   1.00 33.84 ? 157 ASP A CG  1 
ATOM   1013 O OD1 . ASP A 1 138 ? 5.577   8.335   4.274   1.00 30.39 ? 157 ASP A OD1 1 
ATOM   1014 O OD2 . ASP A 1 138 ? 4.588   9.457   2.670   1.00 34.93 ? 157 ASP A OD2 1 
ATOM   1015 N N   . MET A 1 139 ? 0.954   7.184   5.984   1.00 13.16 ? 158 MET A N   1 
ATOM   1016 C CA  . MET A 1 139 ? -0.274  7.148   6.746   1.00 15.23 ? 158 MET A CA  1 
ATOM   1017 C C   . MET A 1 139 ? -0.058  6.462   8.086   1.00 16.72 ? 158 MET A C   1 
ATOM   1018 O O   . MET A 1 139 ? -0.519  6.944   9.116   1.00 11.79 ? 158 MET A O   1 
ATOM   1019 C CB  . MET A 1 139 ? -1.343  6.416   5.947   1.00 16.22 ? 158 MET A CB  1 
ATOM   1020 C CG  . MET A 1 139 ? -2.727  6.449   6.562   1.00 19.64 ? 158 MET A CG  1 
ATOM   1021 S SD  . MET A 1 139 ? -3.030  5.059   7.658   1.00 19.53 ? 158 MET A SD  1 
ATOM   1022 C CE  . MET A 1 139 ? -2.677  3.728   6.527   1.00 19.71 ? 158 MET A CE  1 
ATOM   1023 N N   . VAL A 1 140 ? 0.657   5.344   8.096   1.00 13.62 ? 159 VAL A N   1 
ATOM   1024 C CA  . VAL A 1 140 ? 0.785   4.593   9.338   1.00 8.35  ? 159 VAL A CA  1 
ATOM   1025 C C   . VAL A 1 140 ? 1.578   5.391   10.358  1.00 11.38 ? 159 VAL A C   1 
ATOM   1026 O O   . VAL A 1 140 ? 1.209   5.482   11.526  1.00 13.62 ? 159 VAL A O   1 
ATOM   1027 C CB  . VAL A 1 140 ? 1.461   3.236   9.128   1.00 11.58 ? 159 VAL A CB  1 
ATOM   1028 C CG1 . VAL A 1 140 ? 1.793   2.630   10.473  1.00 13.52 ? 159 VAL A CG1 1 
ATOM   1029 C CG2 . VAL A 1 140 ? 0.552   2.310   8.344   1.00 11.86 ? 159 VAL A CG2 1 
ATOM   1030 N N   . VAL A 1 141 ? 2.641   6.019   9.889   1.00 13.65 ? 160 VAL A N   1 
ATOM   1031 C CA  . VAL A 1 141 ? 3.458   6.863   10.732  1.00 15.53 ? 160 VAL A CA  1 
ATOM   1032 C C   . VAL A 1 141 ? 2.670   8.048   11.271  1.00 17.40 ? 160 VAL A C   1 
ATOM   1033 O O   . VAL A 1 141 ? 2.745   8.353   12.461  1.00 16.26 ? 160 VAL A O   1 
ATOM   1034 C CB  . VAL A 1 141 ? 4.654   7.377   9.937   1.00 20.54 ? 160 VAL A CB  1 
ATOM   1035 C CG1 . VAL A 1 141 ? 5.379   8.462   10.709  1.00 21.56 ? 160 VAL A CG1 1 
ATOM   1036 C CG2 . VAL A 1 141 ? 5.583   6.222   9.619   1.00 17.68 ? 160 VAL A CG2 1 
ATOM   1037 N N   . ASN A 1 142 ? 1.941   8.746   10.408  1.00 14.23 ? 161 ASN A N   1 
ATOM   1038 C CA  A ASN A 1 142 ? 1.053   9.830   10.843  0.44 18.01 ? 161 ASN A CA  1 
ATOM   1039 C CA  B ASN A 1 142 ? 1.118   9.839   10.903  0.56 18.03 ? 161 ASN A CA  1 
ATOM   1040 C C   . ASN A 1 142 ? 0.115   9.337   11.921  1.00 17.53 ? 161 ASN A C   1 
ATOM   1041 O O   . ASN A 1 142 ? -0.115  10.006  12.924  1.00 18.28 ? 161 ASN A O   1 
ATOM   1042 C CB  A ASN A 1 142 ? 0.217   10.358  9.672   0.44 18.74 ? 161 ASN A CB  1 
ATOM   1043 C CB  B ASN A 1 142 ? 0.401   10.595  9.789   0.56 18.93 ? 161 ASN A CB  1 
ATOM   1044 C CG  A ASN A 1 142 ? 1.061   11.021  8.604   0.44 18.45 ? 161 ASN A CG  1 
ATOM   1045 C CG  B ASN A 1 142 ? -0.469  11.719  10.320  0.56 18.14 ? 161 ASN A CG  1 
ATOM   1046 O OD1 A ASN A 1 142 ? 2.139   11.538  8.887   0.44 21.36 ? 161 ASN A OD1 1 
ATOM   1047 O OD1 B ASN A 1 142 ? 0.016   12.629  10.999  0.56 18.80 ? 161 ASN A OD1 1 
ATOM   1048 N ND2 A ASN A 1 142 ? 0.574   11.007  7.367   0.44 18.65 ? 161 ASN A ND2 1 
ATOM   1049 N ND2 B ASN A 1 142 ? -1.778  11.584  10.141  0.56 15.47 ? 161 ASN A ND2 1 
ATOM   1050 N N   . ALA A 1 143 ? -0.549  8.227   11.633  1.00 14.29 ? 162 ALA A N   1 
ATOM   1051 C CA  . ALA A 1 143 ? -1.578  7.755   12.541  1.00 14.92 ? 162 ALA A CA  1 
ATOM   1052 C C   . ALA A 1 143 ? -0.977  7.425   13.899  1.00 14.73 ? 162 ALA A C   1 
ATOM   1053 O O   . ALA A 1 143 ? -1.542  7.770   14.934  1.00 13.38 ? 162 ALA A O   1 
ATOM   1054 C CB  . ALA A 1 143 ? -2.287  6.549   11.970  1.00 15.40 ? 162 ALA A CB  1 
ATOM   1055 N N   . ALA A 1 144 ? 0.182   6.784   13.900  1.00 13.77 ? 163 ALA A N   1 
ATOM   1056 C CA  . ALA A 1 144 ? 0.819   6.420   15.154  1.00 12.98 ? 163 ALA A CA  1 
ATOM   1057 C C   . ALA A 1 144 ? 1.248   7.666   15.916  1.00 18.57 ? 163 ALA A C   1 
ATOM   1058 O O   . ALA A 1 144 ? 1.122   7.729   17.139  1.00 17.20 ? 163 ALA A O   1 
ATOM   1059 C CB  . ALA A 1 144 ? 2.011   5.519   14.903  1.00 15.51 ? 163 ALA A CB  1 
ATOM   1060 N N   . THR A 1 145 ? 1.715   8.675   15.194  1.00 15.62 ? 164 THR A N   1 
ATOM   1061 C CA  . THR A 1 145 ? 2.171   9.896   15.846  1.00 19.53 ? 164 THR A CA  1 
ATOM   1062 C C   . THR A 1 145 ? 1.022   10.667  16.476  1.00 19.07 ? 164 THR A C   1 
ATOM   1063 O O   . THR A 1 145 ? 1.108   11.080  17.633  1.00 19.42 ? 164 THR A O   1 
ATOM   1064 C CB  . THR A 1 145 ? 2.931   10.808  14.874  1.00 18.42 ? 164 THR A CB  1 
ATOM   1065 O OG1 . THR A 1 145 ? 4.001   10.072  14.266  1.00 28.57 ? 164 THR A OG1 1 
ATOM   1066 C CG2 . THR A 1 145 ? 3.505   11.993  15.616  1.00 30.59 ? 164 THR A CG2 1 
ATOM   1067 N N   . MET A 1 146 ? -0.090  10.769  15.756  1.00 18.73 ? 165 MET A N   1 
ATOM   1068 C CA  A MET A 1 146 ? -1.277  11.412  16.291  0.81 22.27 ? 165 MET A CA  1 
ATOM   1069 C CA  B MET A 1 146 ? -1.296  11.400  16.279  0.19 22.22 ? 165 MET A CA  1 
ATOM   1070 C C   . MET A 1 146 ? -1.788  10.643  17.501  1.00 27.57 ? 165 MET A C   1 
ATOM   1071 O O   . MET A 1 146 ? -2.101  11.240  18.531  1.00 19.18 ? 165 MET A O   1 
ATOM   1072 C CB  A MET A 1 146 ? -2.371  11.511  15.228  0.81 21.34 ? 165 MET A CB  1 
ATOM   1073 C CB  B MET A 1 146 ? -2.392  11.423  15.212  0.19 21.41 ? 165 MET A CB  1 
ATOM   1074 C CG  A MET A 1 146 ? -2.105  12.553  14.149  0.81 27.85 ? 165 MET A CG  1 
ATOM   1075 C CG  B MET A 1 146 ? -3.718  12.004  15.688  0.19 23.35 ? 165 MET A CG  1 
ATOM   1076 S SD  A MET A 1 146 ? -1.525  14.164  14.738  0.81 36.63 ? 165 MET A SD  1 
ATOM   1077 S SD  B MET A 1 146 ? -4.004  11.815  17.459  0.19 28.30 ? 165 MET A SD  1 
ATOM   1078 C CE  A MET A 1 146 ? -2.502  14.409  16.223  0.81 27.17 ? 165 MET A CE  1 
ATOM   1079 C CE  B MET A 1 146 ? -3.247  13.315  18.085  0.19 23.58 ? 165 MET A CE  1 
ATOM   1080 N N   . MET A 1 147 ? -1.921  9.329   17.365  1.00 17.45 ? 166 MET A N   1 
ATOM   1081 C CA  . MET A 1 147 ? -2.489  8.543   18.445  1.00 16.39 ? 166 MET A CA  1 
ATOM   1082 C C   . MET A 1 147 ? -1.616  8.524   19.697  1.00 17.06 ? 166 MET A C   1 
ATOM   1083 O O   . MET A 1 147 ? -2.136  8.482   20.812  1.00 18.62 ? 166 MET A O   1 
ATOM   1084 C CB  . MET A 1 147 ? -2.781  7.121   17.995  1.00 19.20 ? 166 MET A CB  1 
ATOM   1085 C CG  . MET A 1 147 ? -3.644  6.391   19.002  1.00 28.36 ? 166 MET A CG  1 
ATOM   1086 S SD  . MET A 1 147 ? -4.396  4.862   18.417  1.00 32.56 ? 166 MET A SD  1 
ATOM   1087 C CE  . MET A 1 147 ? -5.573  5.520   17.244  1.00 28.39 ? 166 MET A CE  1 
ATOM   1088 N N   . ASP A 1 148 ? -0.303  8.466   19.526  1.00 15.55 ? 167 ASP A N   1 
ATOM   1089 C CA  . ASP A 1 148 ? 0.580   8.426   20.680  1.00 20.39 ? 167 ASP A CA  1 
ATOM   1090 C C   . ASP A 1 148 ? 0.488   9.717   21.476  1.00 23.38 ? 167 ASP A C   1 
ATOM   1091 O O   . ASP A 1 148 ? 0.387   9.705   22.702  1.00 21.16 ? 167 ASP A O   1 
ATOM   1092 C CB  . ASP A 1 148 ? 2.019   8.182   20.242  1.00 21.08 ? 167 ASP A CB  1 
ATOM   1093 C CG  . ASP A 1 148 ? 2.673   7.077   21.024  1.00 22.95 ? 167 ASP A CG  1 
ATOM   1094 O OD1 . ASP A 1 148 ? 1.939   6.313   21.686  1.00 22.61 ? 167 ASP A OD1 1 
ATOM   1095 O OD2 . ASP A 1 148 ? 3.921   7.011   21.033  1.00 26.01 ? 167 ASP A OD2 1 
ATOM   1096 N N   . LYS A 1 149 ? 0.477   10.839  20.775  1.00 17.57 ? 168 LYS A N   1 
ATOM   1097 C CA  . LYS A 1 149 ? 0.373   12.110  21.455  1.00 22.04 ? 168 LYS A CA  1 
ATOM   1098 C C   . LYS A 1 149 ? -0.926  12.233  22.230  1.00 19.25 ? 168 LYS A C   1 
ATOM   1099 O O   . LYS A 1 149 ? -0.945  12.736  23.351  1.00 25.39 ? 168 LYS A O   1 
ATOM   1100 C CB  . LYS A 1 149 ? 0.480   13.254  20.474  1.00 25.13 ? 168 LYS A CB  1 
ATOM   1101 C CG  . LYS A 1 149 ? 0.445   14.578  21.194  1.00 30.36 ? 168 LYS A CG  1 
ATOM   1102 C CD  . LYS A 1 149 ? 0.551   15.720  20.216  1.00 40.85 ? 168 LYS A CD  1 
ATOM   1103 C CE  . LYS A 1 149 ? 1.930   15.737  19.591  1.00 47.86 ? 168 LYS A CE  1 
ATOM   1104 N NZ  . LYS A 1 149 ? 2.978   16.024  20.608  1.00 45.04 ? 168 LYS A NZ  1 
ATOM   1105 N N   . GLN A 1 150 ? -2.023  11.881  21.571  1.00 18.10 ? 169 GLN A N   1 
ATOM   1106 C CA  A GLN A 1 150 ? -3.303  12.102  22.213  0.56 20.93 ? 169 GLN A CA  1 
ATOM   1107 C CA  B GLN A 1 150 ? -3.389  11.887  22.105  0.44 21.20 ? 169 GLN A CA  1 
ATOM   1108 C C   . GLN A 1 150 ? -3.453  11.222  23.473  1.00 22.91 ? 169 GLN A C   1 
ATOM   1109 O O   . GLN A 1 150 ? -4.411  11.397  24.228  1.00 24.70 ? 169 GLN A O   1 
ATOM   1110 C CB  A GLN A 1 150 ? -4.462  11.935  21.227  0.56 24.07 ? 169 GLN A CB  1 
ATOM   1111 C CB  B GLN A 1 150 ? -4.272  11.084  21.140  0.44 21.44 ? 169 GLN A CB  1 
ATOM   1112 C CG  A GLN A 1 150 ? -4.596  13.062  20.195  0.56 24.67 ? 169 GLN A CG  1 
ATOM   1113 C CG  B GLN A 1 150 ? -5.190  11.899  20.247  0.44 23.17 ? 169 GLN A CG  1 
ATOM   1114 C CD  A GLN A 1 150 ? -4.111  14.424  20.696  0.56 23.62 ? 169 GLN A CD  1 
ATOM   1115 C CD  B GLN A 1 150 ? -6.068  11.017  19.378  0.44 23.51 ? 169 GLN A CD  1 
ATOM   1116 O OE1 A GLN A 1 150 ? -3.588  15.211  19.881  0.56 22.72 ? 169 GLN A OE1 1 
ATOM   1117 O OE1 B GLN A 1 150 ? -5.951  9.791   19.399  0.44 23.74 ? 169 GLN A OE1 1 
ATOM   1118 N NE2 A GLN A 1 150 ? -4.694  14.880  21.803  0.56 23.48 ? 169 GLN A NE2 1 
ATOM   1119 N NE2 B GLN A 1 150 ? -6.938  11.638  18.590  0.44 17.99 ? 169 GLN A NE2 1 
ATOM   1120 N N   . ASN A 1 151 ? -2.593  10.218  23.635  1.00 21.89 ? 170 ASN A N   1 
ATOM   1121 C CA  . ASN A 1 151 ? -2.662  9.306   24.786  1.00 19.13 ? 170 ASN A CA  1 
ATOM   1122 C C   . ASN A 1 151 ? -1.531  9.546   25.762  1.00 19.86 ? 170 ASN A C   1 
ATOM   1123 O O   . ASN A 1 151 ? -1.336  8.785   26.707  1.00 23.15 ? 170 ASN A O   1 
ATOM   1124 C CB  . ASN A 1 151 ? -2.599  7.854   24.327  1.00 24.08 ? 170 ASN A CB  1 
ATOM   1125 C CG  . ASN A 1 151 ? -3.922  7.361   23.794  1.00 30.55 ? 170 ASN A CG  1 
ATOM   1126 O OD1 . ASN A 1 151 ? -4.809  6.993   24.562  1.00 31.30 ? 170 ASN A OD1 1 
ATOM   1127 N ND2 . ASN A 1 151 ? -4.112  7.481   22.486  1.00 25.12 ? 170 ASN A ND2 1 
ATOM   1128 N N   . ASP A 1 152 ? -0.783  10.609  25.528  1.00 20.39 ? 171 ASP A N   1 
ATOM   1129 C CA  . ASP A 1 152 ? 0.390   10.865  26.325  1.00 24.52 ? 171 ASP A CA  1 
ATOM   1130 C C   . ASP A 1 152 ? 0.013   11.605  27.607  1.00 26.88 ? 171 ASP A C   1 
ATOM   1131 O O   . ASP A 1 152 ? 0.043   12.837  27.653  1.00 18.07 ? 171 ASP A O   1 
ATOM   1132 C CB  . ASP A 1 152 ? 1.398   11.656  25.505  1.00 25.14 ? 171 ASP A CB  1 
ATOM   1133 C CG  . ASP A 1 152 ? 2.631   12.011  26.291  1.00 35.46 ? 171 ASP A CG  1 
ATOM   1134 O OD1 . ASP A 1 152 ? 2.968   11.283  27.250  1.00 31.26 ? 171 ASP A OD1 1 
ATOM   1135 O OD2 . ASP A 1 152 ? 3.278   13.018  25.942  1.00 37.72 ? 171 ASP A OD2 1 
ATOM   1136 N N   . GLY A 1 153 ? -0.605  10.859  28.530  1.00 35.18 ? 172 GLY A N   1 
ATOM   1137 C CA  . GLY A 1 153 ? -1.062  11.419  29.804  1.00 34.11 ? 172 GLY A CA  1 
ATOM   1138 C C   . GLY A 1 153 ? -1.692  10.410  30.754  1.00 43.02 ? 172 GLY A C   1 
ATOM   1139 O O   . GLY A 1 153 ? -2.354  9.461   30.328  1.00 38.24 ? 172 GLY A O   1 
ATOM   1140 N N   . ILE A 1 154 ? -1.739  10.738  32.036  1.00 46.86 ? 173 ILE A N   1 
ATOM   1141 C CA  . ILE A 1 154 ? -2.425  9.914   33.015  1.00 51.32 ? 173 ILE A CA  1 
ATOM   1142 C C   . ILE A 1 154 ? -3.919  10.141  32.948  1.00 47.70 ? 173 ILE A C   1 
ATOM   1143 O O   . ILE A 1 154 ? -4.692  9.217   32.757  1.00 50.43 ? 173 ILE A O   1 
ATOM   1144 C CB  . ILE A 1 154 ? -1.962  10.245  34.429  1.00 42.38 ? 173 ILE A CB  1 
ATOM   1145 C CG1 . ILE A 1 154 ? -0.494  9.853   34.580  1.00 49.14 ? 173 ILE A CG1 1 
ATOM   1146 C CG2 . ILE A 1 154 ? -2.810  9.543   35.436  1.00 47.03 ? 173 ILE A CG2 1 
ATOM   1147 C CD1 . ILE A 1 154 ? 0.207   10.340  35.829  1.00 46.59 ? 173 ILE A CD1 1 
HETATM 1148 O O   . HOH B 2 .   ? -8.433  -9.622  -14.198 1.00 29.24 ? 201 HOH A O   1 
HETATM 1149 O O   . HOH B 2 .   ? -11.345 -7.007  -19.808 1.00 38.07 ? 202 HOH A O   1 
HETATM 1150 O O   . HOH B 2 .   ? 5.251   -4.481  7.217   1.00 16.92 ? 203 HOH A O   1 
HETATM 1151 O O   . HOH B 2 .   ? 3.541   11.371  19.079  1.00 22.62 ? 204 HOH A O   1 
HETATM 1152 O O   . HOH B 2 .   ? -5.940  6.690   -13.974 1.00 32.52 ? 205 HOH A O   1 
HETATM 1153 O O   . HOH B 2 .   ? 0.771   7.175   -13.465 1.00 29.37 ? 206 HOH A O   1 
HETATM 1154 O O   . HOH B 2 .   ? -11.319 -6.699  -8.531  1.00 34.66 ? 207 HOH A O   1 
HETATM 1155 O O   . HOH B 2 .   ? 9.217   8.748   16.837  1.00 33.26 ? 208 HOH A O   1 
HETATM 1156 O O   . HOH B 2 .   ? 9.711   5.922   -15.445 1.00 23.39 ? 209 HOH A O   1 
HETATM 1157 O O   . HOH B 2 .   ? 4.346   8.376   -3.159  1.00 34.75 ? 210 HOH A O   1 
HETATM 1158 O O   . HOH B 2 .   ? -10.526 -9.922  -6.152  1.00 40.77 ? 211 HOH A O   1 
HETATM 1159 O O   . HOH B 2 .   ? -14.212 -10.469 -10.553 1.00 31.22 ? 212 HOH A O   1 
HETATM 1160 O O   . HOH B 2 .   ? 2.609   5.420   -7.007  1.00 18.69 ? 213 HOH A O   1 
HETATM 1161 O O   . HOH B 2 .   ? 3.681   1.846   -23.624 1.00 28.40 ? 214 HOH A O   1 
HETATM 1162 O O   . HOH B 2 .   ? 8.965   -12.340 -13.377 1.00 23.83 ? 215 HOH A O   1 
HETATM 1163 O O   . HOH B 2 .   ? -4.336  -12.971 -7.663  1.00 30.36 ? 216 HOH A O   1 
HETATM 1164 O O   . HOH B 2 .   ? 12.061  -0.314  -12.488 1.00 22.96 ? 217 HOH A O   1 
HETATM 1165 O O   . HOH B 2 .   ? -6.837  9.598   -2.416  1.00 30.19 ? 218 HOH A O   1 
HETATM 1166 O O   . HOH B 2 .   ? 5.197   -9.508  -18.896 1.00 34.82 ? 219 HOH A O   1 
HETATM 1167 O O   . HOH B 2 .   ? -7.529  -11.778 -12.691 1.00 32.84 ? 220 HOH A O   1 
HETATM 1168 O O   . HOH B 2 .   ? -13.232 -6.944  -18.630 1.00 42.36 ? 221 HOH A O   1 
HETATM 1169 O O   . HOH B 2 .   ? 3.569   8.004   -6.724  1.00 40.26 ? 222 HOH A O   1 
HETATM 1170 O O   . HOH B 2 .   ? -12.381 -4.374  -15.223 1.00 34.22 ? 223 HOH A O   1 
HETATM 1171 O O   . HOH B 2 .   ? -2.148  -4.267  -1.564  1.00 29.95 ? 224 HOH A O   1 
HETATM 1172 O O   . HOH B 2 .   ? 9.116   7.938   21.247  1.00 26.59 ? 225 HOH A O   1 
HETATM 1173 O O   . HOH B 2 .   ? 2.085   -3.203  22.550  1.00 33.60 ? 226 HOH A O   1 
HETATM 1174 O O   . HOH B 2 .   ? -7.227  5.377   -18.181 1.00 33.36 ? 227 HOH A O   1 
HETATM 1175 O O   . HOH B 2 .   ? -8.643  0.468   1.413   1.00 43.64 ? 228 HOH A O   1 
HETATM 1176 O O   . HOH B 2 .   ? 0.685   -9.812  -4.332  1.00 29.97 ? 229 HOH A O   1 
HETATM 1177 O O   . HOH B 2 .   ? 12.163  6.637   -15.674 1.00 18.71 ? 230 HOH A O   1 
HETATM 1178 O O   . HOH B 2 .   ? -5.740  11.022  -0.215  1.00 29.33 ? 231 HOH A O   1 
HETATM 1179 O O   . HOH B 2 .   ? 8.120   2.266   25.112  1.00 21.50 ? 232 HOH A O   1 
HETATM 1180 O O   . HOH B 2 .   ? -0.925  -5.768  11.241  1.00 27.63 ? 233 HOH A O   1 
HETATM 1181 O O   . HOH B 2 .   ? 10.189  -1.807  8.558   1.00 19.56 ? 234 HOH A O   1 
HETATM 1182 O O   . HOH B 2 .   ? 7.776   7.324   15.036  1.00 22.38 ? 235 HOH A O   1 
HETATM 1183 O O   . HOH B 2 .   ? 4.992   7.735   16.595  1.00 25.00 ? 236 HOH A O   1 
HETATM 1184 O O   . HOH B 2 .   ? 5.693   -3.216  18.781  1.00 28.66 ? 237 HOH A O   1 
HETATM 1185 O O   . HOH B 2 .   ? -5.105  -12.871 -12.139 1.00 35.30 ? 238 HOH A O   1 
HETATM 1186 O O   . HOH B 2 .   ? 2.398   13.435  11.604  1.00 36.03 ? 239 HOH A O   1 
HETATM 1187 O O   . HOH B 2 .   ? -4.906  -1.302  -0.377  1.00 27.19 ? 240 HOH A O   1 
HETATM 1188 O O   . HOH B 2 .   ? -5.402  6.477   -16.536 1.00 38.27 ? 241 HOH A O   1 
HETATM 1189 O O   . HOH B 2 .   ? -1.683  -14.108 -7.162  1.00 25.73 ? 242 HOH A O   1 
HETATM 1190 O O   . HOH B 2 .   ? 13.130  -3.121  0.624   1.00 41.12 ? 243 HOH A O   1 
HETATM 1191 O O   . HOH B 2 .   ? 12.188  -11.867 29.267  1.00 32.16 ? 244 HOH A O   1 
HETATM 1192 O O   . HOH B 2 .   ? 5.092   8.689   18.922  1.00 30.09 ? 245 HOH A O   1 
HETATM 1193 O O   . HOH B 2 .   ? 13.247  1.889   -1.076  1.00 33.66 ? 246 HOH A O   1 
HETATM 1194 O O   . HOH B 2 .   ? 12.945  2.898   3.511   1.00 33.98 ? 247 HOH A O   1 
HETATM 1195 O O   . HOH B 2 .   ? 7.542   -7.364  -22.392 1.00 32.54 ? 248 HOH A O   1 
HETATM 1196 O O   . HOH B 2 .   ? 11.682  -3.996  7.891   1.00 33.33 ? 249 HOH A O   1 
HETATM 1197 O O   . HOH B 2 .   ? 4.037   10.393  7.672   1.00 30.30 ? 250 HOH A O   1 
HETATM 1198 O O   . HOH B 2 .   ? -13.763 1.352   -9.280  1.00 34.80 ? 251 HOH A O   1 
HETATM 1199 O O   . HOH B 2 .   ? 7.793   7.770   -15.331 1.00 31.45 ? 252 HOH A O   1 
HETATM 1200 O O   . HOH B 2 .   ? 5.483   9.394   22.487  1.00 33.30 ? 253 HOH A O   1 
HETATM 1201 O O   . HOH B 2 .   ? 11.190  -10.713 -14.581 1.00 38.37 ? 254 HOH A O   1 
HETATM 1202 O O   . HOH B 2 .   ? -13.978 3.559   -1.895  1.00 34.92 ? 255 HOH A O   1 
HETATM 1203 O O   . HOH B 2 .   ? 8.674   -0.367  26.274  1.00 31.59 ? 256 HOH A O   1 
HETATM 1204 O O   . HOH B 2 .   ? -3.502  8.414   0.513   1.00 32.82 ? 257 HOH A O   1 
HETATM 1205 O O   . HOH B 2 .   ? 10.269  5.213   -1.452  1.00 31.52 ? 258 HOH A O   1 
HETATM 1206 O O   . HOH B 2 .   ? 7.454   9.614   19.832  1.00 36.08 ? 259 HOH A O   1 
HETATM 1207 O O   . HOH B 2 .   ? -5.119  -14.519 -10.011 1.00 36.61 ? 260 HOH A O   1 
HETATM 1208 O O   . HOH B 2 .   ? 7.313   0.467   -24.525 1.00 31.94 ? 261 HOH A O   1 
HETATM 1209 O O   . HOH B 2 .   ? -7.644  -9.787  -24.238 1.00 38.87 ? 262 HOH A O   1 
HETATM 1210 O O   . HOH B 2 .   ? -0.271  -6.690  23.738  1.00 35.23 ? 263 HOH A O   1 
HETATM 1211 O O   . HOH B 2 .   ? 12.764  -12.118 31.767  1.00 39.44 ? 264 HOH A O   1 
HETATM 1212 O O   . HOH B 2 .   ? -1.384  -14.205 -4.769  1.00 36.73 ? 265 HOH A O   1 
HETATM 1213 O O   . HOH B 2 .   ? 6.529   9.391   24.780  1.00 37.33 ? 266 HOH A O   1 
HETATM 1214 O O   . HOH B 2 .   ? 0.261   -5.192  21.902  1.00 36.71 ? 267 HOH A O   1 
HETATM 1215 O O   . HOH B 2 .   ? 3.570   11.348  21.844  1.00 28.18 ? 268 HOH A O   1 
HETATM 1216 O O   . HOH B 2 .   ? -13.222 2.244   0.699   1.00 33.84 ? 269 HOH A O   1 
HETATM 1217 O O   . HOH B 2 .   ? -1.585  9.973   0.241   1.00 37.34 ? 270 HOH A O   1 
HETATM 1218 O O   . HOH B 2 .   ? 6.600   9.974   7.355   1.00 35.45 ? 271 HOH A O   1 
HETATM 1219 O O   . HOH B 2 .   ? 11.883  -4.439  -1.734  1.00 36.19 ? 272 HOH A O   1 
HETATM 1220 O O   . HOH B 2 .   ? -2.799  6.651   2.531   1.00 35.52 ? 273 HOH A O   1 
HETATM 1221 O O   . HOH B 2 .   ? 8.784   5.565   -18.034 1.00 33.26 ? 274 HOH A O   1 
HETATM 1222 O O   . HOH B 2 .   ? 0.868   -6.197  14.770  1.00 33.15 ? 275 HOH A O   1 
HETATM 1223 O O   . HOH B 2 .   ? 0.033   -8.156  12.295  1.00 39.09 ? 276 HOH A O   1 
HETATM 1224 O O   . HOH B 2 .   ? 12.133  9.966   -8.576  1.00 29.06 ? 277 HOH A O   1 
HETATM 1225 O O   . HOH B 2 .   ? 0.641   -8.861  -29.776 1.00 34.20 ? 278 HOH A O   1 
HETATM 1226 O O   . HOH B 2 .   ? -1.013  4.674   -15.772 1.00 36.75 ? 279 HOH A O   1 
HETATM 1227 O O   . HOH B 2 .   ? -3.337  13.636  11.407  1.00 33.77 ? 280 HOH A O   1 
HETATM 1228 O O   . HOH B 2 .   ? -4.722  5.305   3.665   1.00 33.28 ? 281 HOH A O   1 
HETATM 1229 O O   . HOH B 2 .   ? -0.885  -12.149 -29.370 1.00 37.75 ? 282 HOH A O   1 
HETATM 1230 O O   . HOH B 2 .   ? -7.775  6.609   -20.450 1.00 38.86 ? 283 HOH A O   1 
HETATM 1231 O O   . HOH B 2 .   ? 3.984   -9.314  21.683  1.00 38.97 ? 284 HOH A O   1 
HETATM 1232 O O   . HOH B 2 .   ? 2.599   9.022   28.652  1.00 33.95 ? 285 HOH A O   1 
HETATM 1233 O O   . HOH B 2 .   ? -6.838  -0.784  1.967   1.00 39.22 ? 286 HOH A O   1 
HETATM 1234 O O   . HOH B 2 .   ? 13.112  6.096   -18.177 1.00 36.04 ? 287 HOH A O   1 
HETATM 1235 O O   . HOH B 2 .   ? 5.247   8.152   26.795  1.00 37.02 ? 288 HOH A O   1 
HETATM 1236 O O   . HOH B 2 .   ? -8.373  0.773   19.568  1.00 39.40 ? 289 HOH A O   1 
HETATM 1237 O O   . HOH B 2 .   ? 0.091   -11.876 -2.867  1.00 42.16 ? 290 HOH A O   1 
HETATM 1238 O O   . HOH B 2 .   ? -1.090  6.118   -14.589 1.00 35.89 ? 291 HOH A O   1 
HETATM 1239 O O   . HOH B 2 .   ? -0.869  -7.988  -3.662  1.00 36.44 ? 292 HOH A O   1 
HETATM 1240 O O   . HOH B 2 .   ? 2.102   -9.726  14.514  1.00 35.22 ? 293 HOH A O   1 
HETATM 1241 O O   . HOH B 2 .   ? -3.060  -8.696  12.508  1.00 42.85 ? 294 HOH A O   1 
HETATM 1242 O O   . HOH B 2 .   ? 13.499  -1.894  -10.168 1.00 37.74 ? 295 HOH A O   1 
HETATM 1243 O O   . HOH B 2 .   ? 1.201   1.040   -25.555 1.00 40.37 ? 296 HOH A O   1 
HETATM 1244 O O   . HOH B 2 .   ? 10.130  -7.353  -12.704 1.00 39.04 ? 297 HOH A O   1 
HETATM 1245 O O   . HOH B 2 .   ? 3.355   -8.575  15.149  1.00 41.95 ? 298 HOH A O   1 
HETATM 1246 O O   . HOH B 2 .   ? -1.562  -17.584 -13.598 1.00 43.78 ? 299 HOH A O   1 
HETATM 1247 O O   . HOH B 2 .   ? -15.508 2.731   -18.534 1.00 41.02 ? 300 HOH A O   1 
HETATM 1248 O O   . HOH B 2 .   ? -2.087  -5.215  22.024  1.00 35.43 ? 301 HOH A O   1 
HETATM 1249 O O   . HOH B 2 .   ? 8.262   10.565  12.097  1.00 38.61 ? 302 HOH A O   1 
HETATM 1250 O O   . HOH B 2 .   ? 10.929  -4.479  -17.870 1.00 32.41 ? 303 HOH A O   1 
HETATM 1251 O O   . HOH B 2 .   ? -7.666  -15.436 -9.300  1.00 39.80 ? 304 HOH A O   1 
HETATM 1252 O O   . HOH B 2 .   ? 16.121  -1.251  -8.931  1.00 40.67 ? 305 HOH A O   1 
HETATM 1253 O O   . HOH B 2 .   ? -9.263  -3.693  -22.098 1.00 46.70 ? 306 HOH A O   1 
HETATM 1254 O O   . HOH B 2 .   ? 1.021   -12.081 14.971  1.00 39.57 ? 307 HOH A O   1 
HETATM 1255 O O   . HOH B 2 .   ? 12.888  -3.388  -7.271  1.00 38.40 ? 308 HOH A O   1 
HETATM 1256 O O   . HOH B 2 .   ? 0.097   13.000  32.916  1.00 46.48 ? 309 HOH A O   1 
HETATM 1257 O O   . HOH B 2 .   ? 6.123   11.543  12.824  1.00 44.37 ? 310 HOH A O   1 
HETATM 1258 O O   . HOH B 2 .   ? 0.179   -7.041  19.998  1.00 42.58 ? 311 HOH A O   1 
HETATM 1259 O O   . HOH B 2 .   ? 7.181   -8.398  -18.278 1.00 36.55 ? 312 HOH A O   1 
# 
